data_7QRD
#
_entry.id   7QRD
#
_cell.length_a   75.183
_cell.length_b   99.204
_cell.length_c   208.250
_cell.angle_alpha   90.000
_cell.angle_beta   90.000
_cell.angle_gamma   90.000
#
_symmetry.space_group_name_H-M   'P 21 21 2'
#
loop_
_entity.id
_entity.type
_entity.pdbx_description
1 polymer 'Histone-arginine methyltransferase CARM1'
2 polymer SER-THR-GLY-GLY-LYS-ALA-PRO-URU-LYS-GLN-LEU-ALA-THR-LYS-ALA-ALA
3 non-polymer 1,2-ETHANEDIOL
4 non-polymer 'MALONATE ION'
5 non-polymer S-ADENOSYL-L-HOMOCYSTEINE
6 non-polymer (2~{R},3~{R},4~{S},5~{R})-2-(6-aminopurin-9-yl)-5-[(~{E})-prop-1-enyl]oxolane-3,4-diol
7 water water
#
loop_
_entity_poly.entity_id
_entity_poly.type
_entity_poly.pdbx_seq_one_letter_code
_entity_poly.pdbx_strand_id
1 'polypeptide(L)'
;GHTLERSVFSERTEESSAVQYFQFYGYLSQQQNMMQDYVRTGTYQRAILQNHTDFKDKIVLDVGCGSGILSFFAAQAGAR
KIYAVEASTMAQHAEVLVKSNNLTDRIVVIPGKVEEVSLPEQVDIIISEPMGYMLFNERMLESYLHAKKYLKPSGNMFPT
IGDVHLAPFTDEQLYMEQFTKANFWYQPSFHGVDLSALRGAAVDEYFRQPVVDTFDIRILMAKSVKYTVNFLEAKEGDLH
RIEIPFKFHMLHSGLVHGLAFWFDVAFIGSIMTVWLSTAPTEPLTHWYQVRCLFQSPLFAKAGDTLSGTCLLIANKRQSY
DISIVAQVDQTGSKSSNLLDLKNPFFRYTGTTPSPPPGSHYTSPSENMWNTGSTYNLS
;
A,B,C,D
2 'polypeptide(L)' STGGKAPRKQLATKAA L,M
#
loop_
_chem_comp.id
_chem_comp.type
_chem_comp.name
_chem_comp.formula
EDO non-polymer 1,2-ETHANEDIOL 'C2 H6 O2'
MLI non-polymer 'MALONATE ION' 'C3 H2 O4 -2'
QVR non-polymer (2~{R},3~{R},4~{S},5~{R})-2-(6-aminopurin-9-yl)-5-[(~{E})-prop-1-enyl]oxolane-3,4-diol 'C12 H15 N5 O3'
SAH non-polymer S-ADENOSYL-L-HOMOCYSTEINE 'C14 H20 N6 O5 S'
#
# COMPACT_ATOMS: atom_id res chain seq x y z
N SER A 7 -6.71 -24.22 39.70
CA SER A 7 -5.94 -22.98 39.71
C SER A 7 -6.81 -21.80 40.13
N VAL A 8 -6.18 -20.75 40.66
CA VAL A 8 -6.94 -19.59 41.11
C VAL A 8 -7.73 -18.98 39.97
N PHE A 9 -7.18 -19.01 38.75
CA PHE A 9 -7.88 -18.41 37.63
C PHE A 9 -9.11 -19.21 37.22
N SER A 10 -8.95 -20.54 37.06
CA SER A 10 -10.07 -21.37 36.65
C SER A 10 -11.20 -21.35 37.67
N GLU A 11 -10.86 -21.21 38.96
CA GLU A 11 -11.89 -21.20 39.99
C GLU A 11 -12.83 -20.02 39.82
N ARG A 12 -12.28 -18.82 39.57
CA ARG A 12 -13.05 -17.59 39.52
C ARG A 12 -13.55 -17.24 38.13
N THR A 13 -13.29 -18.08 37.13
CA THR A 13 -13.62 -17.77 35.74
C THR A 13 -14.37 -18.93 35.11
N GLU A 14 -15.48 -18.63 34.45
CA GLU A 14 -16.21 -19.63 33.68
C GLU A 14 -15.47 -19.95 32.39
N GLU A 15 -15.54 -21.22 31.99
CA GLU A 15 -14.78 -21.67 30.83
C GLU A 15 -15.15 -20.88 29.58
N SER A 16 -16.45 -20.73 29.32
CA SER A 16 -16.87 -20.04 28.10
C SER A 16 -16.32 -18.62 28.05
N SER A 17 -16.29 -17.93 29.20
CA SER A 17 -15.78 -16.56 29.22
C SER A 17 -14.28 -16.53 28.93
N ALA A 18 -13.53 -17.49 29.47
CA ALA A 18 -12.08 -17.52 29.23
C ALA A 18 -11.76 -17.83 27.78
N VAL A 19 -12.57 -18.69 27.14
CA VAL A 19 -12.34 -19.02 25.74
C VAL A 19 -12.44 -17.78 24.87
N GLN A 20 -13.58 -17.08 24.95
CA GLN A 20 -13.74 -15.85 24.19
C GLN A 20 -12.64 -14.84 24.52
N TYR A 21 -12.29 -14.75 25.81
CA TYR A 21 -11.38 -13.71 26.26
C TYR A 21 -10.00 -13.87 25.62
N PHE A 22 -9.40 -15.05 25.72
CA PHE A 22 -8.05 -15.25 25.20
C PHE A 22 -8.04 -15.40 23.69
N GLN A 23 -9.15 -15.83 23.08
CA GLN A 23 -9.23 -15.80 21.62
C GLN A 23 -9.12 -14.36 21.12
N PHE A 24 -9.83 -13.45 21.77
CA PHE A 24 -9.76 -12.04 21.40
C PHE A 24 -8.32 -11.53 21.41
N TYR A 25 -7.61 -11.78 22.51
CA TYR A 25 -6.26 -11.26 22.67
C TYR A 25 -5.23 -12.01 21.85
N GLY A 26 -5.62 -13.08 21.15
CA GLY A 26 -4.72 -13.74 20.23
C GLY A 26 -4.59 -13.06 18.88
N TYR A 27 -5.44 -12.06 18.61
CA TYR A 27 -5.44 -11.38 17.32
C TYR A 27 -4.41 -10.26 17.33
N LEU A 28 -3.55 -10.25 16.31
CA LEU A 28 -2.59 -9.16 16.15
C LEU A 28 -3.29 -7.83 15.97
N SER A 29 -4.46 -7.81 15.33
CA SER A 29 -5.18 -6.57 15.13
C SER A 29 -5.54 -5.91 16.46
N GLN A 30 -5.82 -6.72 17.49
CA GLN A 30 -6.16 -6.16 18.79
C GLN A 30 -4.92 -5.64 19.49
N GLN A 31 -3.78 -6.32 19.32
CA GLN A 31 -2.52 -5.77 19.82
C GLN A 31 -2.21 -4.44 19.15
N GLN A 32 -2.40 -4.35 17.84
CA GLN A 32 -2.16 -3.09 17.13
C GLN A 32 -3.00 -1.97 17.71
N ASN A 33 -4.30 -2.23 17.92
CA ASN A 33 -5.19 -1.22 18.46
C ASN A 33 -4.63 -0.64 19.76
N MET A 34 -4.20 -1.51 20.67
CA MET A 34 -3.64 -1.03 21.93
C MET A 34 -2.31 -0.33 21.70
N MET A 35 -1.42 -0.94 20.89
CA MET A 35 -0.11 -0.36 20.67
C MET A 35 -0.20 1.02 20.03
N GLN A 36 -1.19 1.23 19.16
CA GLN A 36 -1.34 2.51 18.48
C GLN A 36 -2.01 3.58 19.33
N ASP A 37 -2.46 3.23 20.52
CA ASP A 37 -2.91 4.23 21.51
C ASP A 37 -1.68 4.94 22.01
N TYR A 38 -1.38 6.12 21.44
CA TYR A 38 -0.09 6.76 21.71
C TYR A 38 0.04 7.16 23.17
N VAL A 39 -1.03 7.71 23.75
CA VAL A 39 -1.00 8.04 25.17
C VAL A 39 -0.65 6.81 26.00
N ARG A 40 -1.22 5.66 25.63
CA ARG A 40 -1.05 4.45 26.42
C ARG A 40 0.37 3.90 26.26
N THR A 41 0.78 3.65 25.02
CA THR A 41 2.10 3.07 24.78
C THR A 41 3.20 4.05 25.10
N GLY A 42 3.02 5.32 24.72
CA GLY A 42 4.05 6.31 24.99
C GLY A 42 4.27 6.54 26.47
N THR A 43 3.19 6.61 27.25
CA THR A 43 3.33 6.82 28.69
C THR A 43 4.04 5.65 29.36
N TYR A 44 3.72 4.43 28.94
CA TYR A 44 4.40 3.26 29.51
C TYR A 44 5.90 3.30 29.21
N GLN A 45 6.26 3.66 27.98
CA GLN A 45 7.67 3.74 27.62
C GLN A 45 8.40 4.78 28.45
N ARG A 46 7.82 5.99 28.56
CA ARG A 46 8.44 7.02 29.37
C ARG A 46 8.55 6.57 30.83
N ALA A 47 7.46 6.05 31.40
CA ALA A 47 7.50 5.63 32.80
C ALA A 47 8.65 4.65 33.05
N ILE A 48 8.96 3.79 32.08
CA ILE A 48 9.99 2.77 32.28
C ILE A 48 11.38 3.36 32.02
N LEU A 49 11.55 4.06 30.89
CA LEU A 49 12.87 4.54 30.52
C LEU A 49 13.36 5.65 31.44
N GLN A 50 12.46 6.54 31.87
CA GLN A 50 12.86 7.61 32.77
C GLN A 50 13.15 7.12 34.18
N ASN A 51 12.62 5.95 34.55
CA ASN A 51 12.98 5.28 35.80
C ASN A 51 13.92 4.11 35.54
N HIS A 52 15.02 4.38 34.82
CA HIS A 52 15.91 3.31 34.40
C HIS A 52 16.56 2.59 35.57
N THR A 53 16.74 3.28 36.70
CA THR A 53 17.34 2.64 37.86
C THR A 53 16.47 1.53 38.41
N ASP A 54 15.15 1.61 38.20
CA ASP A 54 14.24 0.55 38.63
C ASP A 54 14.30 -0.68 37.73
N PHE A 55 15.10 -0.64 36.65
CA PHE A 55 15.15 -1.76 35.72
C PHE A 55 16.58 -2.19 35.43
N LYS A 56 17.53 -1.26 35.55
CA LYS A 56 18.92 -1.56 35.22
C LYS A 56 19.42 -2.77 35.99
N ASP A 57 19.72 -3.85 35.27
CA ASP A 57 20.26 -5.08 35.84
C ASP A 57 19.29 -5.77 36.79
N LYS A 58 18.00 -5.51 36.65
CA LYS A 58 16.98 -6.12 37.50
C LYS A 58 16.29 -7.27 36.79
N ILE A 59 15.63 -8.11 37.59
CA ILE A 59 14.77 -9.17 37.08
C ILE A 59 13.35 -8.64 37.04
N VAL A 60 12.67 -8.83 35.91
CA VAL A 60 11.37 -8.23 35.66
C VAL A 60 10.36 -9.32 35.32
N LEU A 61 9.13 -9.13 35.76
CA LEU A 61 8.00 -9.96 35.36
C LEU A 61 6.99 -9.09 34.63
N ASP A 62 6.60 -9.51 33.43
CA ASP A 62 5.62 -8.82 32.61
C ASP A 62 4.38 -9.70 32.54
N VAL A 63 3.32 -9.29 33.23
CA VAL A 63 2.11 -10.09 33.36
C VAL A 63 1.15 -9.71 32.23
N GLY A 64 0.84 -10.69 31.38
CA GLY A 64 0.02 -10.43 30.21
C GLY A 64 0.76 -9.55 29.22
N CYS A 65 1.90 -10.05 28.73
CA CYS A 65 2.79 -9.24 27.91
C CYS A 65 2.26 -9.01 26.50
N GLY A 66 1.30 -9.81 26.04
CA GLY A 66 0.81 -9.65 24.68
C GLY A 66 1.96 -9.81 23.69
N SER A 67 2.10 -8.84 22.80
CA SER A 67 3.19 -8.87 21.83
C SER A 67 4.57 -8.71 22.47
N GLY A 68 4.63 -8.41 23.75
CA GLY A 68 5.90 -8.25 24.45
C GLY A 68 6.43 -6.83 24.49
N ILE A 69 5.63 -5.85 24.08
CA ILE A 69 6.13 -4.48 23.91
C ILE A 69 6.67 -3.92 25.22
N LEU A 70 5.97 -4.17 26.33
CA LEU A 70 6.43 -3.66 27.62
C LEU A 70 7.75 -4.29 28.03
N SER A 71 7.95 -5.57 27.68
CA SER A 71 9.22 -6.22 27.99
C SER A 71 10.37 -5.60 27.20
N PHE A 72 10.12 -5.21 25.95
CA PHE A 72 11.15 -4.55 25.17
C PHE A 72 11.52 -3.19 25.77
N PHE A 73 10.52 -2.49 26.32
CA PHE A 73 10.83 -1.24 27.02
C PHE A 73 11.71 -1.51 28.25
N ALA A 74 11.37 -2.54 29.04
CA ALA A 74 12.22 -2.91 30.16
C ALA A 74 13.63 -3.25 29.70
N ALA A 75 13.76 -3.95 28.57
CA ALA A 75 15.08 -4.26 28.03
C ALA A 75 15.81 -2.98 27.61
N GLN A 76 15.08 -2.04 27.03
CA GLN A 76 15.69 -0.75 26.67
C GLN A 76 16.20 -0.01 27.90
N ALA A 77 15.59 -0.26 29.06
CA ALA A 77 15.99 0.39 30.30
C ALA A 77 17.17 -0.30 30.98
N GLY A 78 17.54 -1.50 30.55
CA GLY A 78 18.68 -2.20 31.07
C GLY A 78 18.39 -3.43 31.92
N ALA A 79 17.19 -3.99 31.85
CA ALA A 79 16.87 -5.17 32.66
C ALA A 79 17.77 -6.33 32.27
N ARG A 80 18.20 -7.09 33.27
CA ARG A 80 19.03 -8.26 33.03
C ARG A 80 18.20 -9.44 32.51
N LYS A 81 17.06 -9.70 33.16
CA LYS A 81 16.19 -10.80 32.77
C LYS A 81 14.75 -10.35 32.90
N ILE A 82 13.94 -10.70 31.90
CA ILE A 82 12.52 -10.37 31.88
C ILE A 82 11.75 -11.65 31.57
N TYR A 83 10.81 -12.01 32.45
CA TYR A 83 9.91 -13.14 32.23
C TYR A 83 8.58 -12.58 31.78
N ALA A 84 8.25 -12.81 30.50
CA ALA A 84 7.03 -12.30 29.89
C ALA A 84 6.01 -13.42 29.85
N VAL A 85 4.99 -13.33 30.71
CA VAL A 85 3.92 -14.32 30.78
C VAL A 85 2.74 -13.85 29.96
N GLU A 86 2.20 -14.74 29.14
CA GLU A 86 1.02 -14.43 28.32
C GLU A 86 0.23 -15.70 28.12
N ALA A 87 -1.09 -15.62 28.29
CA ALA A 87 -1.95 -16.79 28.26
C ALA A 87 -2.56 -17.04 26.89
N SER A 88 -2.75 -16.00 26.08
CA SER A 88 -3.28 -16.17 24.75
C SER A 88 -2.20 -16.71 23.80
N THR A 89 -2.63 -17.05 22.58
CA THR A 89 -1.67 -17.49 21.57
C THR A 89 -0.74 -16.37 21.10
N MET A 90 -0.95 -15.15 21.58
CA MET A 90 0.00 -14.08 21.30
C MET A 90 1.37 -14.38 21.87
N ALA A 91 1.46 -15.32 22.83
CA ALA A 91 2.77 -15.69 23.35
C ALA A 91 3.68 -16.21 22.25
N GLN A 92 3.11 -16.86 21.23
CA GLN A 92 3.92 -17.32 20.11
C GLN A 92 4.52 -16.14 19.34
N HIS A 93 3.67 -15.17 18.99
CA HIS A 93 4.14 -14.02 18.24
C HIS A 93 5.18 -13.23 19.02
N ALA A 94 5.01 -13.15 20.34
CA ALA A 94 6.00 -12.45 21.17
C ALA A 94 7.35 -13.18 21.12
N GLU A 95 7.32 -14.51 21.15
CA GLU A 95 8.57 -15.26 21.03
C GLU A 95 9.28 -14.95 19.72
N VAL A 96 8.53 -14.87 18.61
CA VAL A 96 9.14 -14.51 17.34
C VAL A 96 9.79 -13.14 17.44
N LEU A 97 9.13 -12.18 18.08
CA LEU A 97 9.69 -10.84 18.19
C LEU A 97 10.95 -10.84 19.04
N VAL A 98 10.99 -11.65 20.10
CA VAL A 98 12.17 -11.72 20.95
C VAL A 98 13.36 -12.26 20.16
N LYS A 99 13.12 -13.26 19.31
CA LYS A 99 14.19 -13.80 18.49
C LYS A 99 14.65 -12.78 17.44
N SER A 100 13.71 -12.20 16.71
CA SER A 100 14.07 -11.28 15.64
C SER A 100 14.79 -10.05 16.18
N ASN A 101 14.52 -9.66 17.42
CA ASN A 101 15.20 -8.53 18.05
C ASN A 101 16.45 -8.95 18.81
N ASN A 102 16.86 -10.21 18.69
CA ASN A 102 18.12 -10.69 19.27
C ASN A 102 18.17 -10.43 20.78
N LEU A 103 17.08 -10.80 21.47
CA LEU A 103 16.97 -10.61 22.91
C LEU A 103 16.64 -11.91 23.63
N THR A 104 16.92 -13.06 23.02
CA THR A 104 16.57 -14.34 23.65
C THR A 104 17.31 -14.52 24.97
N ASP A 105 18.46 -13.87 25.14
CA ASP A 105 19.22 -13.99 26.38
C ASP A 105 18.65 -13.15 27.52
N ARG A 106 17.70 -12.28 27.24
CA ARG A 106 17.21 -11.34 28.23
C ARG A 106 15.70 -11.31 28.40
N ILE A 107 14.93 -11.83 27.44
CA ILE A 107 13.48 -11.92 27.55
C ILE A 107 13.09 -13.38 27.36
N VAL A 108 12.43 -13.95 28.35
CA VAL A 108 11.96 -15.32 28.33
C VAL A 108 10.44 -15.29 28.32
N VAL A 109 9.83 -15.72 27.22
CA VAL A 109 8.39 -15.75 27.10
C VAL A 109 7.88 -17.05 27.71
N ILE A 110 6.95 -16.94 28.65
CA ILE A 110 6.35 -18.11 29.30
C ILE A 110 4.88 -18.17 28.91
N PRO A 111 4.49 -19.05 27.98
CA PRO A 111 3.07 -19.18 27.65
C PRO A 111 2.29 -19.77 28.82
N GLY A 112 1.09 -19.26 29.04
CA GLY A 112 0.21 -19.72 30.09
C GLY A 112 -0.24 -18.60 31.00
N LYS A 113 -1.11 -18.96 31.93
CA LYS A 113 -1.69 -18.00 32.86
C LYS A 113 -0.74 -17.78 34.03
N VAL A 114 -0.58 -16.51 34.42
CA VAL A 114 0.33 -16.19 35.50
C VAL A 114 -0.02 -16.94 36.78
N GLU A 115 -1.27 -17.39 36.92
CA GLU A 115 -1.67 -18.17 38.07
C GLU A 115 -1.23 -19.61 38.00
N GLU A 116 -0.73 -20.07 36.84
CA GLU A 116 -0.43 -21.48 36.64
C GLU A 116 1.00 -21.77 36.20
N VAL A 117 1.75 -20.78 35.72
CA VAL A 117 3.11 -21.01 35.27
C VAL A 117 4.06 -21.03 36.45
N SER A 118 5.34 -21.33 36.19
CA SER A 118 6.37 -21.34 37.21
C SER A 118 7.52 -20.45 36.75
N LEU A 119 7.99 -19.58 37.64
CA LEU A 119 9.15 -18.75 37.35
C LEU A 119 10.40 -19.32 38.00
N PRO A 120 11.53 -19.37 37.30
CA PRO A 120 12.75 -19.94 37.90
C PRO A 120 13.29 -19.14 39.07
N GLU A 121 12.79 -17.92 39.30
CA GLU A 121 13.32 -17.08 40.37
C GLU A 121 12.32 -15.96 40.65
N GLN A 122 12.59 -15.23 41.73
CA GLN A 122 11.81 -14.05 42.10
C GLN A 122 12.33 -12.83 41.35
N VAL A 123 11.45 -11.84 41.21
CA VAL A 123 11.74 -10.66 40.41
C VAL A 123 11.78 -9.43 41.29
N ASP A 124 12.43 -8.39 40.78
CA ASP A 124 12.56 -7.11 41.48
C ASP A 124 11.39 -6.18 41.21
N ILE A 125 10.76 -6.31 40.05
CA ILE A 125 9.70 -5.40 39.64
C ILE A 125 8.75 -6.13 38.70
N ILE A 126 7.46 -5.90 38.87
CA ILE A 126 6.42 -6.43 37.99
C ILE A 126 5.87 -5.27 37.16
N ILE A 127 5.78 -5.48 35.85
CA ILE A 127 5.11 -4.54 34.96
C ILE A 127 3.92 -5.25 34.34
N SER A 128 2.89 -4.47 34.03
CA SER A 128 1.70 -5.02 33.40
C SER A 128 0.81 -3.87 32.95
N GLU A 129 -0.11 -4.20 32.04
CA GLU A 129 -1.19 -3.31 31.62
C GLU A 129 -2.50 -4.04 31.88
N PRO A 130 -2.92 -4.15 33.14
CA PRO A 130 -4.12 -4.91 33.49
C PRO A 130 -5.42 -4.11 33.56
N MET A 131 -5.43 -2.87 33.07
CA MET A 131 -6.61 -2.03 33.20
C MET A 131 -7.60 -2.32 32.08
N GLY A 132 -8.84 -2.62 32.45
CA GLY A 132 -9.95 -2.61 31.53
C GLY A 132 -10.71 -1.29 31.64
N TYR A 133 -11.75 -1.16 30.83
CA TYR A 133 -12.57 0.05 30.92
C TYR A 133 -13.28 0.07 32.26
N MET A 134 -13.44 1.27 32.82
CA MET A 134 -13.81 1.46 34.22
C MET A 134 -12.77 0.83 35.15
N LEU A 135 -11.57 0.60 34.64
CA LEU A 135 -10.42 0.05 35.36
C LEU A 135 -10.58 -1.44 35.64
N PHE A 136 -11.71 -1.85 36.22
CA PHE A 136 -11.83 -3.17 36.80
C PHE A 136 -12.30 -4.25 35.82
N ASN A 137 -12.92 -3.88 34.70
CA ASN A 137 -13.40 -4.89 33.77
C ASN A 137 -12.26 -5.81 33.36
N GLU A 138 -12.62 -7.07 33.06
CA GLU A 138 -11.70 -8.14 32.69
C GLU A 138 -11.12 -8.84 33.92
N ARG A 139 -11.10 -8.14 35.06
CA ARG A 139 -10.61 -8.69 36.33
C ARG A 139 -9.13 -9.09 36.23
N MET A 140 -8.37 -8.45 35.33
CA MET A 140 -6.95 -8.76 35.24
C MET A 140 -6.16 -8.15 36.38
N LEU A 141 -6.72 -7.13 37.05
CA LEU A 141 -6.07 -6.59 38.25
C LEU A 141 -5.80 -7.69 39.26
N GLU A 142 -6.67 -8.69 39.36
CA GLU A 142 -6.45 -9.77 40.32
C GLU A 142 -5.27 -10.65 39.91
N SER A 143 -5.14 -10.91 38.60
CA SER A 143 -3.96 -11.61 38.12
C SER A 143 -2.69 -10.79 38.37
N TYR A 144 -2.79 -9.47 38.20
CA TYR A 144 -1.67 -8.58 38.49
C TYR A 144 -1.29 -8.66 39.96
N LEU A 145 -2.28 -8.65 40.87
CA LEU A 145 -1.99 -8.76 42.29
C LEU A 145 -1.53 -10.17 42.65
N HIS A 146 -2.12 -11.18 42.01
CA HIS A 146 -1.69 -12.56 42.23
C HIS A 146 -0.21 -12.72 41.94
N ALA A 147 0.30 -12.02 40.92
CA ALA A 147 1.69 -12.16 40.53
C ALA A 147 2.66 -11.67 41.59
N LYS A 148 2.19 -11.00 42.64
CA LYS A 148 3.08 -10.55 43.71
C LYS A 148 3.69 -11.71 44.48
N LYS A 149 3.21 -12.93 44.26
CA LYS A 149 3.85 -14.10 44.85
C LYS A 149 5.26 -14.33 44.30
N TYR A 150 5.61 -13.68 43.19
CA TYR A 150 6.94 -13.76 42.60
C TYR A 150 7.79 -12.53 42.92
N LEU A 151 7.23 -11.54 43.62
CA LEU A 151 7.92 -10.29 43.88
C LEU A 151 8.80 -10.43 45.13
N LYS A 152 10.02 -9.90 45.06
CA LYS A 152 10.86 -9.84 46.23
C LYS A 152 10.23 -8.91 47.27
N PRO A 153 10.61 -9.06 48.54
CA PRO A 153 9.93 -8.29 49.60
C PRO A 153 9.81 -6.81 49.31
N SER A 154 10.88 -6.15 48.88
CA SER A 154 10.88 -4.72 48.62
C SER A 154 10.74 -4.40 47.12
N GLY A 155 10.13 -5.29 46.36
CA GLY A 155 9.97 -5.06 44.94
C GLY A 155 8.89 -4.03 44.63
N ASN A 156 8.97 -3.49 43.42
CA ASN A 156 8.06 -2.45 42.96
C ASN A 156 7.07 -3.03 41.96
N MET A 157 6.08 -2.20 41.60
CA MET A 157 5.06 -2.59 40.64
C MET A 157 4.74 -1.42 39.73
N PHE A 158 4.71 -1.68 38.43
CA PHE A 158 4.47 -0.65 37.41
C PHE A 158 3.26 -1.07 36.58
N PRO A 159 2.08 -0.46 36.77
CA PRO A 159 1.79 0.68 37.64
C PRO A 159 1.68 0.34 39.12
N THR A 160 1.83 1.36 39.97
CA THR A 160 1.90 1.19 41.41
C THR A 160 0.54 1.37 42.08
N ILE A 161 -0.24 2.36 41.64
CA ILE A 161 -1.56 2.64 42.20
C ILE A 161 -2.52 2.94 41.07
N GLY A 162 -3.81 2.79 41.37
CA GLY A 162 -4.85 3.13 40.43
C GLY A 162 -5.96 3.91 41.11
N ASP A 163 -6.44 4.95 40.43
CA ASP A 163 -7.48 5.83 40.95
C ASP A 163 -8.67 5.77 40.01
N VAL A 164 -9.82 5.37 40.53
CA VAL A 164 -11.10 5.45 39.82
C VAL A 164 -11.81 6.71 40.29
N HIS A 165 -12.24 7.54 39.35
CA HIS A 165 -12.96 8.77 39.65
C HIS A 165 -14.42 8.64 39.25
N LEU A 166 -15.32 9.05 40.15
CA LEU A 166 -16.75 9.07 39.90
C LEU A 166 -17.24 10.51 39.97
N ALA A 167 -18.22 10.85 39.12
CA ALA A 167 -18.80 12.18 39.17
C ALA A 167 -20.19 12.14 38.57
N PRO A 168 -21.16 12.85 39.15
CA PRO A 168 -22.50 12.86 38.56
C PRO A 168 -22.53 13.73 37.31
N PHE A 169 -23.35 13.32 36.35
CA PHE A 169 -23.48 14.05 35.09
C PHE A 169 -24.94 14.27 34.76
N THR A 170 -25.18 15.27 33.91
CA THR A 170 -26.47 15.52 33.30
C THR A 170 -26.33 15.35 31.79
N ASP A 171 -27.22 14.56 31.18
CA ASP A 171 -27.20 14.36 29.74
C ASP A 171 -28.62 13.92 29.35
N GLU A 172 -29.48 14.91 29.09
CA GLU A 172 -30.88 14.61 28.79
C GLU A 172 -31.00 13.75 27.54
N GLN A 173 -30.17 14.02 26.53
CA GLN A 173 -30.23 13.26 25.30
C GLN A 173 -29.93 11.78 25.55
N LEU A 174 -28.86 11.49 26.28
CA LEU A 174 -28.51 10.10 26.57
C LEU A 174 -29.65 9.37 27.26
N TYR A 175 -30.23 10.00 28.28
CA TYR A 175 -31.32 9.37 29.02
C TYR A 175 -32.52 9.13 28.12
N MET A 176 -32.92 10.15 27.37
CA MET A 176 -34.12 10.04 26.54
C MET A 176 -33.93 9.04 25.41
N GLU A 177 -32.70 8.90 24.92
CA GLU A 177 -32.43 7.96 23.84
C GLU A 177 -32.78 6.52 24.23
N GLN A 178 -32.69 6.19 25.52
CA GLN A 178 -33.04 4.85 25.95
C GLN A 178 -34.48 4.52 25.64
N PHE A 179 -35.40 5.47 25.88
CA PHE A 179 -36.82 5.22 25.64
C PHE A 179 -37.16 5.33 24.17
N THR A 180 -36.49 6.22 23.43
CA THR A 180 -36.70 6.27 21.99
C THR A 180 -36.38 4.92 21.36
N LYS A 181 -35.29 4.28 21.78
CA LYS A 181 -34.95 2.96 21.25
C LYS A 181 -36.00 1.93 21.66
N ALA A 182 -36.38 1.92 22.95
CA ALA A 182 -37.31 0.91 23.43
C ALA A 182 -38.71 1.10 22.85
N ASN A 183 -39.06 2.34 22.47
CA ASN A 183 -40.40 2.60 21.95
C ASN A 183 -40.64 1.92 20.61
N PHE A 184 -39.61 1.34 19.98
CA PHE A 184 -39.88 0.45 18.85
C PHE A 184 -40.97 -0.54 19.18
N TRP A 185 -40.96 -1.07 20.41
CA TRP A 185 -41.91 -2.08 20.83
C TRP A 185 -43.27 -1.51 21.18
N TYR A 186 -43.38 -0.18 21.34
CA TYR A 186 -44.65 0.44 21.70
C TYR A 186 -45.41 0.83 20.43
N GLN A 187 -45.89 -0.21 19.73
CA GLN A 187 -46.76 0.01 18.58
C GLN A 187 -47.73 -1.16 18.49
N PRO A 188 -48.98 -0.91 18.12
CA PRO A 188 -50.01 -1.95 18.22
C PRO A 188 -50.11 -2.87 17.02
N SER A 189 -49.44 -2.57 15.91
CA SER A 189 -49.55 -3.39 14.71
C SER A 189 -48.24 -3.32 13.91
N PHE A 190 -47.20 -3.95 14.45
CA PHE A 190 -45.97 -4.20 13.70
C PHE A 190 -46.22 -5.39 12.79
N HIS A 191 -46.53 -5.10 11.51
CA HIS A 191 -46.93 -6.13 10.57
C HIS A 191 -48.10 -6.94 11.13
N GLY A 192 -48.99 -6.28 11.87
CA GLY A 192 -50.15 -6.91 12.45
C GLY A 192 -49.98 -7.45 13.84
N VAL A 193 -48.83 -7.24 14.47
CA VAL A 193 -48.54 -7.78 15.79
C VAL A 193 -48.40 -6.62 16.78
N ASP A 194 -49.09 -6.73 17.91
CA ASP A 194 -48.97 -5.76 19.00
C ASP A 194 -47.73 -6.11 19.81
N LEU A 195 -46.73 -5.24 19.79
CA LEU A 195 -45.47 -5.47 20.47
C LEU A 195 -45.40 -4.82 21.84
N SER A 196 -46.44 -4.09 22.24
CA SER A 196 -46.33 -3.16 23.36
C SER A 196 -46.00 -3.86 24.67
N ALA A 197 -46.37 -5.13 24.82
CA ALA A 197 -46.14 -5.82 26.08
C ALA A 197 -44.66 -6.03 26.38
N LEU A 198 -43.78 -5.83 25.40
CA LEU A 198 -42.35 -6.00 25.61
C LEU A 198 -41.61 -4.69 25.80
N ARG A 199 -42.32 -3.56 25.75
CA ARG A 199 -41.65 -2.27 25.83
C ARG A 199 -40.90 -2.10 27.14
N GLY A 200 -41.50 -2.54 28.25
CA GLY A 200 -40.83 -2.43 29.53
C GLY A 200 -39.59 -3.29 29.61
N ALA A 201 -39.64 -4.49 29.03
CA ALA A 201 -38.46 -5.34 29.00
C ALA A 201 -37.34 -4.69 28.20
N ALA A 202 -37.67 -4.07 27.07
CA ALA A 202 -36.67 -3.39 26.27
C ALA A 202 -36.01 -2.26 27.05
N VAL A 203 -36.81 -1.46 27.77
CA VAL A 203 -36.26 -0.39 28.59
C VAL A 203 -35.29 -0.97 29.62
N ASP A 204 -35.69 -2.06 30.28
CA ASP A 204 -34.81 -2.68 31.28
C ASP A 204 -33.48 -3.09 30.64
N GLU A 205 -33.55 -3.70 29.47
CA GLU A 205 -32.33 -4.20 28.81
C GLU A 205 -31.34 -3.08 28.54
N TYR A 206 -31.83 -1.92 28.05
CA TYR A 206 -30.93 -0.83 27.72
C TYR A 206 -30.30 -0.22 28.97
N PHE A 207 -31.06 -0.14 30.06
CA PHE A 207 -30.56 0.50 31.27
C PHE A 207 -29.56 -0.37 32.03
N ARG A 208 -29.49 -1.67 31.73
CA ARG A 208 -28.45 -2.51 32.31
C ARG A 208 -27.10 -2.32 31.64
N GLN A 209 -27.04 -1.55 30.53
CA GLN A 209 -25.81 -1.40 29.78
C GLN A 209 -25.11 -0.11 30.20
N PRO A 210 -23.87 -0.17 30.67
CA PRO A 210 -23.07 1.07 30.75
C PRO A 210 -22.76 1.60 29.37
N VAL A 211 -22.51 2.91 29.29
CA VAL A 211 -22.26 3.60 28.05
C VAL A 211 -20.77 3.94 27.98
N VAL A 212 -20.09 3.43 26.96
CA VAL A 212 -18.68 3.72 26.72
C VAL A 212 -18.60 4.72 25.58
N ASP A 213 -18.18 5.94 25.90
CA ASP A 213 -17.92 7.00 24.94
C ASP A 213 -17.26 8.14 25.71
N THR A 214 -17.18 9.31 25.09
CA THR A 214 -16.62 10.49 25.75
C THR A 214 -17.67 11.59 25.81
N PHE A 215 -17.33 12.68 26.49
CA PHE A 215 -18.26 13.75 26.76
C PHE A 215 -17.51 15.02 27.12
N ASP A 216 -18.22 16.14 27.09
CA ASP A 216 -17.67 17.41 27.53
C ASP A 216 -17.76 17.50 29.05
N ILE A 217 -16.67 17.91 29.70
CA ILE A 217 -16.61 17.88 31.15
C ILE A 217 -17.68 18.78 31.77
N ARG A 218 -18.26 19.70 31.00
CA ARG A 218 -19.29 20.57 31.53
C ARG A 218 -20.60 19.85 31.82
N ILE A 219 -20.74 18.59 31.38
CA ILE A 219 -21.91 17.81 31.79
C ILE A 219 -21.78 17.27 33.21
N LEU A 220 -20.58 17.35 33.80
CA LEU A 220 -20.38 16.93 35.17
C LEU A 220 -20.90 18.01 36.12
N MET A 221 -21.63 17.57 37.15
CA MET A 221 -22.32 18.48 38.05
C MET A 221 -21.65 18.61 39.40
N ALA A 222 -20.49 17.98 39.61
CA ALA A 222 -19.81 18.07 40.89
C ALA A 222 -18.40 17.52 40.73
N LYS A 223 -17.49 18.02 41.56
CA LYS A 223 -16.13 17.53 41.58
C LYS A 223 -16.12 16.03 41.85
N SER A 224 -15.20 15.33 41.19
CA SER A 224 -15.21 13.88 41.22
C SER A 224 -14.81 13.36 42.60
N VAL A 225 -15.22 12.12 42.87
CA VAL A 225 -14.77 11.37 44.04
C VAL A 225 -13.82 10.30 43.54
N LYS A 226 -12.81 9.98 44.36
CA LYS A 226 -11.71 9.13 43.94
C LYS A 226 -11.61 7.92 44.85
N TYR A 227 -11.59 6.73 44.24
CA TYR A 227 -11.37 5.47 44.95
C TYR A 227 -10.03 4.90 44.49
N THR A 228 -9.13 4.67 45.44
CA THR A 228 -7.75 4.32 45.12
C THR A 228 -7.46 2.87 45.46
N VAL A 229 -6.83 2.16 44.53
CA VAL A 229 -6.28 0.83 44.79
C VAL A 229 -4.76 0.96 44.79
N ASN A 230 -4.13 0.55 45.87
CA ASN A 230 -2.68 0.52 45.97
C ASN A 230 -2.21 -0.89 45.66
N PHE A 231 -1.62 -1.08 44.47
CA PHE A 231 -1.28 -2.43 44.01
C PHE A 231 -0.17 -3.04 44.85
N LEU A 232 0.68 -2.21 45.48
CA LEU A 232 1.71 -2.75 46.35
C LEU A 232 1.11 -3.44 47.56
N GLU A 233 -0.02 -2.95 48.06
CA GLU A 233 -0.62 -3.42 49.31
C GLU A 233 -1.85 -4.30 49.10
N ALA A 234 -2.61 -4.07 48.04
CA ALA A 234 -3.89 -4.73 47.87
C ALA A 234 -3.71 -6.24 47.64
N LYS A 235 -4.73 -6.99 48.05
CA LYS A 235 -4.79 -8.43 47.87
C LYS A 235 -5.86 -8.78 46.84
N GLU A 236 -5.76 -10.00 46.29
CA GLU A 236 -6.74 -10.44 45.31
C GLU A 236 -8.16 -10.25 45.82
N GLY A 237 -8.43 -10.70 47.04
CA GLY A 237 -9.78 -10.67 47.58
C GLY A 237 -10.36 -9.29 47.73
N ASP A 238 -9.52 -8.26 47.81
CA ASP A 238 -10.01 -6.89 47.94
C ASP A 238 -10.85 -6.45 46.75
N LEU A 239 -10.66 -7.10 45.60
CA LEU A 239 -11.35 -6.72 44.36
C LEU A 239 -12.59 -7.55 44.08
N HIS A 240 -12.89 -8.55 44.92
CA HIS A 240 -14.11 -9.33 44.73
C HIS A 240 -15.36 -8.50 44.99
N ARG A 241 -15.28 -7.55 45.93
CA ARG A 241 -16.41 -6.70 46.29
C ARG A 241 -15.86 -5.29 46.54
N ILE A 242 -16.15 -4.38 45.62
CA ILE A 242 -15.61 -3.03 45.65
C ILE A 242 -16.76 -2.10 46.01
N GLU A 243 -16.69 -1.50 47.19
CA GLU A 243 -17.69 -0.56 47.68
C GLU A 243 -17.12 0.85 47.59
N ILE A 244 -17.79 1.71 46.83
CA ILE A 244 -17.34 3.08 46.63
C ILE A 244 -18.41 4.05 47.11
N PRO A 245 -18.38 4.48 48.37
CA PRO A 245 -19.32 5.51 48.81
C PRO A 245 -18.95 6.85 48.21
N PHE A 246 -19.96 7.71 48.08
CA PHE A 246 -19.74 9.04 47.53
C PHE A 246 -20.66 10.04 48.19
N LYS A 247 -20.16 11.28 48.30
CA LYS A 247 -20.91 12.41 48.84
C LYS A 247 -20.58 13.60 47.94
N PHE A 248 -21.41 13.81 46.92
CA PHE A 248 -21.17 14.86 45.94
C PHE A 248 -21.87 16.15 46.36
N HIS A 249 -21.11 17.24 46.38
CA HIS A 249 -21.66 18.56 46.66
C HIS A 249 -21.89 19.27 45.33
N MET A 250 -23.17 19.38 44.96
CA MET A 250 -23.52 19.85 43.62
C MET A 250 -22.95 21.24 43.36
N LEU A 251 -22.23 21.36 42.24
CA LEU A 251 -21.79 22.66 41.74
C LEU A 251 -22.78 23.29 40.77
N HIS A 252 -23.68 22.49 40.19
CA HIS A 252 -24.66 22.99 39.24
C HIS A 252 -26.02 22.40 39.57
N SER A 253 -27.06 23.11 39.17
CA SER A 253 -28.44 22.68 39.37
C SER A 253 -28.94 22.01 38.09
N GLY A 254 -29.63 20.88 38.25
CA GLY A 254 -30.19 20.20 37.12
C GLY A 254 -30.56 18.76 37.46
N LEU A 255 -30.93 18.02 36.42
CA LEU A 255 -31.33 16.63 36.54
C LEU A 255 -30.08 15.75 36.46
N VAL A 256 -29.81 14.99 37.52
CA VAL A 256 -28.70 14.05 37.51
C VAL A 256 -29.17 12.75 36.86
N HIS A 257 -28.52 12.36 35.76
CA HIS A 257 -28.94 11.19 35.01
C HIS A 257 -28.09 9.97 35.28
N GLY A 258 -26.92 10.13 35.90
CA GLY A 258 -26.11 8.97 36.23
C GLY A 258 -24.74 9.39 36.73
N LEU A 259 -23.82 8.42 36.76
CA LEU A 259 -22.46 8.63 37.21
C LEU A 259 -21.49 8.33 36.08
N ALA A 260 -20.49 9.19 35.93
CA ALA A 260 -19.42 9.01 34.96
C ALA A 260 -18.18 8.49 35.66
N PHE A 261 -17.45 7.62 34.98
CA PHE A 261 -16.27 6.98 35.55
C PHE A 261 -15.07 7.14 34.61
N TRP A 262 -13.92 7.48 35.19
CA TRP A 262 -12.64 7.38 34.49
C TRP A 262 -11.59 6.99 35.52
N PHE A 263 -10.40 6.64 35.04
CA PHE A 263 -9.35 6.15 35.93
C PHE A 263 -7.98 6.67 35.50
N ASP A 264 -7.12 6.86 36.49
CA ASP A 264 -5.73 7.20 36.29
C ASP A 264 -4.88 6.13 36.98
N VAL A 265 -3.68 5.91 36.46
CA VAL A 265 -2.70 5.04 37.11
C VAL A 265 -1.41 5.82 37.27
N ALA A 266 -0.61 5.43 38.26
CA ALA A 266 0.64 6.11 38.57
C ALA A 266 1.77 5.09 38.62
N PHE A 267 2.88 5.42 37.95
CA PHE A 267 4.10 4.62 38.00
C PHE A 267 5.07 5.33 38.95
N ILE A 268 5.09 4.90 40.20
CA ILE A 268 5.91 5.53 41.23
C ILE A 268 7.31 4.91 41.15
N GLY A 269 8.21 5.59 40.45
CA GLY A 269 9.57 5.13 40.30
C GLY A 269 10.52 5.80 41.28
N SER A 270 11.75 5.28 41.30
CA SER A 270 12.78 5.87 42.16
C SER A 270 13.17 7.27 41.69
N ILE A 271 13.13 7.53 40.39
CA ILE A 271 13.50 8.83 39.87
C ILE A 271 12.29 9.76 39.79
N MET A 272 11.14 9.24 39.37
CA MET A 272 9.96 10.08 39.21
C MET A 272 8.72 9.20 39.18
N THR A 273 7.57 9.84 39.31
CA THR A 273 6.26 9.19 39.19
C THR A 273 5.63 9.64 37.89
N VAL A 274 5.26 8.70 37.04
CA VAL A 274 4.63 8.97 35.76
C VAL A 274 3.15 8.61 35.88
N TRP A 275 2.30 9.49 35.37
CA TRP A 275 0.85 9.33 35.46
C TRP A 275 0.26 9.02 34.10
N LEU A 276 -0.63 8.03 34.05
CA LEU A 276 -1.41 7.72 32.86
C LEU A 276 -2.88 7.96 33.19
N SER A 277 -3.51 8.92 32.52
CA SER A 277 -4.85 9.36 32.86
C SER A 277 -5.79 9.16 31.68
N THR A 278 -6.98 8.61 31.95
CA THR A 278 -8.04 8.50 30.97
C THR A 278 -9.15 9.51 31.23
N ALA A 279 -8.86 10.60 31.92
CA ALA A 279 -9.86 11.56 32.30
C ALA A 279 -10.43 12.27 31.07
N PRO A 280 -11.66 12.77 31.15
CA PRO A 280 -12.24 13.51 30.02
C PRO A 280 -11.53 14.83 29.74
N THR A 281 -10.68 15.31 30.65
CA THR A 281 -9.87 16.49 30.41
C THR A 281 -8.58 16.18 29.68
N GLU A 282 -8.25 14.91 29.48
CA GLU A 282 -7.03 14.46 28.84
C GLU A 282 -7.32 13.95 27.43
N PRO A 283 -6.28 13.80 26.61
CA PRO A 283 -6.49 13.21 25.29
C PRO A 283 -7.19 11.85 25.38
N LEU A 284 -8.02 11.58 24.39
CA LEU A 284 -8.79 10.34 24.38
C LEU A 284 -7.87 9.14 24.29
N THR A 285 -8.17 8.12 25.09
CA THR A 285 -7.51 6.82 25.03
C THR A 285 -8.51 5.78 24.54
N HIS A 286 -8.04 4.56 24.32
CA HIS A 286 -8.93 3.50 23.88
C HIS A 286 -9.80 2.98 25.01
N TRP A 287 -9.60 3.48 26.23
CA TRP A 287 -10.50 3.21 27.34
C TRP A 287 -11.68 4.17 27.38
N TYR A 288 -11.55 5.33 26.73
CA TYR A 288 -12.61 6.34 26.73
C TYR A 288 -13.01 6.67 28.17
N GLN A 289 -14.31 6.82 28.42
CA GLN A 289 -14.87 6.94 29.75
C GLN A 289 -16.12 6.07 29.78
N VAL A 290 -16.65 5.85 30.98
CA VAL A 290 -17.80 4.98 31.18
C VAL A 290 -18.84 5.71 32.01
N ARG A 291 -20.10 5.63 31.58
CA ARG A 291 -21.21 6.30 32.24
C ARG A 291 -22.32 5.30 32.52
N CYS A 292 -22.86 5.35 33.74
CA CYS A 292 -23.95 4.48 34.17
C CYS A 292 -25.16 5.34 34.48
N LEU A 293 -26.28 5.08 33.80
CA LEU A 293 -27.49 5.87 34.00
C LEU A 293 -28.23 5.45 35.25
N PHE A 294 -28.94 6.41 35.84
CA PHE A 294 -29.97 6.11 36.81
C PHE A 294 -31.27 5.77 36.10
N GLN A 295 -32.03 4.83 36.66
CA GLN A 295 -33.33 4.51 36.08
C GLN A 295 -34.24 5.74 36.07
N SER A 296 -34.15 6.57 37.11
CA SER A 296 -34.90 7.81 37.20
C SER A 296 -33.94 8.95 37.50
N PRO A 297 -34.06 10.08 36.81
CA PRO A 297 -33.17 11.21 37.12
C PRO A 297 -33.50 11.83 38.47
N LEU A 298 -32.45 12.38 39.10
CA LEU A 298 -32.57 13.05 40.38
C LEU A 298 -32.38 14.54 40.16
N PHE A 299 -33.37 15.34 40.56
CA PHE A 299 -33.22 16.79 40.57
C PHE A 299 -32.36 17.19 41.76
N ALA A 300 -31.30 17.96 41.50
CA ALA A 300 -30.52 18.59 42.55
C ALA A 300 -30.29 20.04 42.19
N LYS A 301 -30.26 20.89 43.21
CA LYS A 301 -29.88 22.29 43.05
C LYS A 301 -28.46 22.49 43.58
N ALA A 302 -27.77 23.47 43.00
CA ALA A 302 -26.41 23.78 43.43
C ALA A 302 -26.37 23.97 44.94
N GLY A 303 -25.42 23.31 45.60
CA GLY A 303 -25.30 23.30 47.03
C GLY A 303 -25.83 22.05 47.68
N ASP A 304 -26.80 21.38 47.05
CA ASP A 304 -27.30 20.11 47.56
C ASP A 304 -26.15 19.08 47.63
N THR A 305 -26.44 17.98 48.31
CA THR A 305 -25.52 16.86 48.43
C THR A 305 -26.17 15.63 47.81
N LEU A 306 -25.47 15.02 46.87
CA LEU A 306 -25.89 13.76 46.27
C LEU A 306 -25.03 12.66 46.87
N SER A 307 -25.64 11.79 47.66
CA SER A 307 -24.94 10.75 48.39
C SER A 307 -25.49 9.37 48.00
N GLY A 308 -24.63 8.36 48.14
CA GLY A 308 -25.00 7.02 47.76
C GLY A 308 -23.78 6.13 47.71
N THR A 309 -23.96 4.97 47.07
CA THR A 309 -22.90 3.98 46.98
C THR A 309 -22.87 3.37 45.58
N CYS A 310 -21.66 3.15 45.07
CA CYS A 310 -21.42 2.37 43.87
C CYS A 310 -20.75 1.08 44.31
N LEU A 311 -21.46 -0.04 44.14
CA LEU A 311 -20.99 -1.35 44.60
C LEU A 311 -20.72 -2.22 43.38
N LEU A 312 -19.49 -2.71 43.27
CA LEU A 312 -19.10 -3.61 42.19
C LEU A 312 -18.89 -5.00 42.78
N ILE A 313 -19.64 -5.98 42.25
CA ILE A 313 -19.54 -7.36 42.68
C ILE A 313 -18.99 -8.17 41.52
N ALA A 314 -17.81 -8.77 41.73
CA ALA A 314 -17.18 -9.56 40.67
C ALA A 314 -18.05 -10.77 40.34
N ASN A 315 -18.07 -11.14 39.06
CA ASN A 315 -18.75 -12.33 38.58
C ASN A 315 -17.76 -13.21 37.84
N LYS A 316 -18.20 -14.42 37.53
CA LYS A 316 -17.33 -15.43 36.92
C LYS A 316 -17.15 -15.22 35.42
N ARG A 317 -17.66 -14.13 34.86
CA ARG A 317 -17.43 -13.77 33.46
C ARG A 317 -16.37 -12.68 33.33
N GLN A 318 -15.44 -12.61 34.28
CA GLN A 318 -14.33 -11.67 34.24
C GLN A 318 -14.81 -10.22 34.19
N SER A 319 -15.92 -9.92 34.84
CA SER A 319 -16.42 -8.55 34.89
C SER A 319 -17.08 -8.33 36.25
N TYR A 320 -17.98 -7.35 36.32
CA TYR A 320 -18.62 -6.98 37.57
C TYR A 320 -20.09 -6.68 37.33
N ASP A 321 -20.90 -7.01 38.32
CA ASP A 321 -22.28 -6.54 38.40
C ASP A 321 -22.27 -5.21 39.16
N ILE A 322 -22.80 -4.17 38.55
CA ILE A 322 -22.73 -2.82 39.11
C ILE A 322 -24.06 -2.51 39.78
N SER A 323 -23.99 -2.05 41.03
CA SER A 323 -25.16 -1.55 41.76
C SER A 323 -24.88 -0.11 42.16
N ILE A 324 -25.72 0.80 41.69
CA ILE A 324 -25.61 2.22 42.02
C ILE A 324 -26.89 2.65 42.72
N VAL A 325 -26.75 3.28 43.88
CA VAL A 325 -27.85 3.92 44.58
C VAL A 325 -27.43 5.34 44.92
N ALA A 326 -28.34 6.29 44.76
CA ALA A 326 -28.05 7.68 45.06
C ALA A 326 -29.32 8.38 45.48
N GLN A 327 -29.16 9.42 46.31
CA GLN A 327 -30.30 10.21 46.76
C GLN A 327 -29.86 11.65 46.95
N VAL A 328 -30.80 12.58 46.74
CA VAL A 328 -30.60 13.98 47.08
C VAL A 328 -31.01 14.16 48.54
N ASP A 329 -30.03 14.41 49.41
CA ASP A 329 -30.30 14.44 50.84
C ASP A 329 -31.39 15.44 51.18
N GLN A 330 -31.33 16.64 50.58
CA GLN A 330 -32.26 17.70 50.95
C GLN A 330 -33.71 17.36 50.62
N THR A 331 -33.94 16.42 49.69
CA THR A 331 -35.29 16.08 49.27
C THR A 331 -35.64 14.61 49.48
N GLY A 332 -34.67 13.75 49.75
CA GLY A 332 -34.92 12.33 49.90
C GLY A 332 -35.20 11.58 48.61
N SER A 333 -35.25 12.28 47.47
CA SER A 333 -35.45 11.62 46.19
C SER A 333 -34.29 10.68 45.90
N LYS A 334 -34.61 9.41 45.66
CA LYS A 334 -33.61 8.37 45.48
C LYS A 334 -33.76 7.73 44.10
N SER A 335 -32.66 7.16 43.62
CA SER A 335 -32.68 6.38 42.39
C SER A 335 -31.63 5.29 42.48
N SER A 336 -31.77 4.30 41.62
CA SER A 336 -30.86 3.15 41.61
C SER A 336 -30.78 2.60 40.20
N ASN A 337 -29.84 1.66 40.02
CA ASN A 337 -29.73 0.93 38.76
C ASN A 337 -28.77 -0.23 38.95
N LEU A 338 -29.01 -1.29 38.17
CA LEU A 338 -28.15 -2.47 38.13
C LEU A 338 -27.66 -2.66 36.70
N LEU A 339 -26.34 -2.70 36.52
CA LEU A 339 -25.74 -2.73 35.19
C LEU A 339 -24.73 -3.88 35.09
N ASP A 340 -24.58 -4.40 33.87
CA ASP A 340 -23.59 -5.43 33.57
C ASP A 340 -22.38 -4.78 32.92
N LEU A 341 -21.27 -4.71 33.67
CA LEU A 341 -20.07 -4.09 33.12
C LEU A 341 -19.56 -4.81 31.89
N LYS A 342 -19.94 -6.08 31.70
CA LYS A 342 -19.44 -6.85 30.57
C LYS A 342 -20.16 -6.55 29.27
N ASN A 343 -21.32 -5.90 29.31
CA ASN A 343 -22.14 -5.68 28.12
C ASN A 343 -22.43 -4.18 27.93
N PRO A 344 -21.39 -3.35 27.85
CA PRO A 344 -21.62 -1.93 27.64
C PRO A 344 -22.05 -1.63 26.21
N PHE A 345 -22.65 -0.46 26.05
CA PHE A 345 -23.03 0.05 24.74
C PHE A 345 -21.93 1.01 24.28
N PHE A 346 -21.30 0.69 23.15
CA PHE A 346 -20.26 1.54 22.58
C PHE A 346 -20.93 2.62 21.75
N ARG A 347 -21.06 3.81 22.32
CA ARG A 347 -21.82 4.90 21.72
C ARG A 347 -20.94 5.89 20.96
N TYR A 348 -19.62 5.78 21.07
CA TYR A 348 -18.74 6.77 20.48
C TYR A 348 -18.94 6.87 18.97
N THR A 349 -19.11 8.10 18.49
CA THR A 349 -19.34 8.35 17.08
C THR A 349 -18.12 8.89 16.36
N GLY A 350 -17.23 9.60 17.07
CA GLY A 350 -16.12 10.30 16.47
C GLY A 350 -16.28 11.81 16.48
N THR A 351 -17.45 12.30 16.88
CA THR A 351 -17.69 13.73 16.93
C THR A 351 -17.10 14.34 18.20
N THR A 352 -16.81 15.62 18.14
CA THR A 352 -16.44 16.36 19.35
C THR A 352 -17.67 16.47 20.24
N PRO A 353 -17.58 16.10 21.51
CA PRO A 353 -18.76 16.17 22.38
C PRO A 353 -19.23 17.61 22.54
N SER A 354 -20.55 17.80 22.42
CA SER A 354 -21.12 19.13 22.57
C SER A 354 -21.31 19.48 24.04
N PRO A 355 -21.14 20.73 24.41
CA PRO A 355 -21.35 21.12 25.81
C PRO A 355 -22.84 21.18 26.11
N PRO A 356 -23.23 21.03 27.38
CA PRO A 356 -24.65 21.11 27.72
C PRO A 356 -25.23 22.46 27.32
N PRO A 357 -26.48 22.50 26.87
CA PRO A 357 -27.09 23.80 26.57
C PRO A 357 -27.07 24.70 27.79
N GLY A 358 -27.24 25.99 27.57
CA GLY A 358 -27.25 26.94 28.67
C GLY A 358 -25.90 27.18 29.29
N SER A 359 -24.81 26.99 28.54
CA SER A 359 -23.47 27.22 29.03
C SER A 359 -22.91 28.59 28.65
N HIS A 360 -23.55 29.29 27.71
CA HIS A 360 -23.10 30.62 27.33
C HIS A 360 -23.56 31.63 28.37
N TYR A 361 -22.60 32.27 29.03
CA TYR A 361 -22.89 33.33 30.00
C TYR A 361 -22.73 34.73 29.40
N THR A 362 -22.08 34.85 28.25
CA THR A 362 -22.09 36.08 27.46
C THR A 362 -22.75 35.78 26.11
N SER A 363 -23.12 36.84 25.41
CA SER A 363 -23.82 36.68 24.15
C SER A 363 -22.90 36.04 23.11
N PRO A 364 -23.24 34.86 22.58
CA PRO A 364 -22.42 34.30 21.49
C PRO A 364 -22.36 35.21 20.27
N SER A 365 -23.42 35.96 20.00
CA SER A 365 -23.42 36.85 18.85
C SER A 365 -22.40 37.96 19.03
N GLU A 366 -22.25 38.47 20.26
CA GLU A 366 -21.26 39.51 20.52
C GLU A 366 -19.84 38.99 20.35
N ASN A 367 -19.63 37.68 20.49
CA ASN A 367 -18.29 37.09 20.41
C ASN A 367 -17.99 36.50 19.05
N MET A 368 -18.88 36.63 18.08
CA MET A 368 -18.51 36.36 16.69
C MET A 368 -17.45 37.35 16.26
N TRP A 369 -16.50 36.89 15.45
CA TRP A 369 -15.36 37.70 15.03
C TRP A 369 -14.38 37.94 16.18
N ASN A 370 -14.79 37.63 17.41
CA ASN A 370 -13.95 37.85 18.59
C ASN A 370 -13.53 39.32 18.69
N SER B 7 -26.77 -35.07 22.17
CA SER B 7 -27.65 -34.40 21.22
C SER B 7 -26.88 -33.98 19.97
N VAL B 8 -27.56 -33.97 18.83
CA VAL B 8 -26.90 -33.61 17.58
C VAL B 8 -26.24 -32.24 17.69
N PHE B 9 -26.93 -31.29 18.35
CA PHE B 9 -26.39 -29.93 18.45
C PHE B 9 -25.13 -29.90 19.30
N SER B 10 -25.20 -30.44 20.52
CA SER B 10 -24.04 -30.41 21.41
C SER B 10 -22.84 -31.11 20.79
N GLU B 11 -23.08 -32.11 19.93
CA GLU B 11 -21.97 -32.87 19.36
C GLU B 11 -21.19 -32.02 18.36
N ARG B 12 -21.88 -31.23 17.55
CA ARG B 12 -21.24 -30.41 16.52
C ARG B 12 -20.94 -28.99 16.98
N THR B 13 -21.22 -28.66 18.24
CA THR B 13 -21.06 -27.31 18.75
C THR B 13 -20.23 -27.33 20.03
N GLU B 14 -19.22 -26.47 20.09
CA GLU B 14 -18.48 -26.27 21.33
C GLU B 14 -19.33 -25.51 22.33
N GLU B 15 -19.15 -25.84 23.61
CA GLU B 15 -20.00 -25.25 24.64
C GLU B 15 -19.81 -23.74 24.72
N SER B 16 -18.56 -23.27 24.63
CA SER B 16 -18.31 -21.84 24.75
C SER B 16 -18.89 -21.05 23.59
N SER B 17 -19.08 -21.71 22.44
CA SER B 17 -19.68 -21.03 21.30
C SER B 17 -21.19 -20.96 21.43
N ALA B 18 -21.80 -22.01 21.97
CA ALA B 18 -23.26 -22.02 22.12
C ALA B 18 -23.72 -21.04 23.19
N VAL B 19 -22.97 -20.95 24.29
CA VAL B 19 -23.31 -19.99 25.35
C VAL B 19 -23.39 -18.58 24.78
N GLN B 20 -22.30 -18.14 24.13
CA GLN B 20 -22.28 -16.81 23.52
C GLN B 20 -23.36 -16.68 22.45
N TYR B 21 -23.51 -17.71 21.61
CA TYR B 21 -24.46 -17.65 20.51
C TYR B 21 -25.87 -17.32 21.02
N PHE B 22 -26.36 -18.11 21.97
CA PHE B 22 -27.75 -17.95 22.43
C PHE B 22 -27.90 -16.79 23.40
N GLN B 23 -26.82 -16.37 24.07
CA GLN B 23 -26.87 -15.11 24.81
C GLN B 23 -27.10 -13.94 23.87
N PHE B 24 -26.44 -13.97 22.71
CA PHE B 24 -26.61 -12.89 21.73
C PHE B 24 -28.06 -12.74 21.33
N TYR B 25 -28.74 -13.86 21.04
CA TYR B 25 -30.12 -13.81 20.57
C TYR B 25 -31.12 -13.67 21.72
N GLY B 26 -30.67 -13.59 22.96
CA GLY B 26 -31.56 -13.28 24.06
C GLY B 26 -31.82 -11.81 24.25
N TYR B 27 -31.06 -10.95 23.57
CA TYR B 27 -31.23 -9.51 23.70
C TYR B 27 -32.34 -9.02 22.78
N LEU B 28 -33.27 -8.23 23.34
CA LEU B 28 -34.36 -7.70 22.52
C LEU B 28 -33.84 -6.76 21.45
N SER B 29 -32.71 -6.08 21.70
CA SER B 29 -32.15 -5.17 20.69
C SER B 29 -31.79 -5.93 19.42
N GLN B 30 -31.28 -7.16 19.54
CA GLN B 30 -30.93 -7.93 18.37
C GLN B 30 -32.18 -8.38 17.61
N GLN B 31 -33.25 -8.75 18.33
CA GLN B 31 -34.50 -9.07 17.64
C GLN B 31 -35.03 -7.86 16.89
N GLN B 32 -34.91 -6.67 17.49
CA GLN B 32 -35.34 -5.45 16.82
C GLN B 32 -34.54 -5.22 15.54
N ASN B 33 -33.24 -5.51 15.56
CA ASN B 33 -32.41 -5.31 14.39
C ASN B 33 -32.91 -6.13 13.21
N MET B 34 -33.22 -7.41 13.46
CA MET B 34 -33.73 -8.26 12.39
C MET B 34 -35.14 -7.85 12.00
N MET B 35 -35.99 -7.54 12.98
CA MET B 35 -37.39 -7.23 12.69
C MET B 35 -37.50 -5.97 11.85
N GLN B 36 -36.71 -4.95 12.18
CA GLN B 36 -36.78 -3.68 11.46
C GLN B 36 -36.22 -3.76 10.04
N ASP B 37 -35.57 -4.85 9.67
CA ASP B 37 -35.17 -5.08 8.29
C ASP B 37 -36.45 -5.28 7.47
N TYR B 38 -36.96 -4.20 6.87
CA TYR B 38 -38.28 -4.26 6.25
C TYR B 38 -38.31 -5.22 5.07
N VAL B 39 -37.23 -5.26 4.28
CA VAL B 39 -37.17 -6.20 3.16
C VAL B 39 -37.33 -7.63 3.66
N ARG B 40 -36.56 -7.99 4.70
CA ARG B 40 -36.64 -9.34 5.24
C ARG B 40 -38.02 -9.61 5.82
N THR B 41 -38.47 -8.77 6.74
CA THR B 41 -39.72 -9.04 7.45
C THR B 41 -40.92 -8.92 6.52
N GLY B 42 -40.94 -7.89 5.68
CA GLY B 42 -42.06 -7.73 4.75
C GLY B 42 -42.12 -8.85 3.74
N THR B 43 -40.96 -9.30 3.25
CA THR B 43 -40.94 -10.38 2.27
C THR B 43 -41.41 -11.70 2.89
N TYR B 44 -40.98 -11.99 4.12
CA TYR B 44 -41.47 -13.18 4.80
C TYR B 44 -42.99 -13.14 4.94
N GLN B 45 -43.53 -11.99 5.37
CA GLN B 45 -44.97 -11.89 5.57
C GLN B 45 -45.73 -12.12 4.27
N ARG B 46 -45.33 -11.43 3.20
CA ARG B 46 -46.06 -11.57 1.94
C ARG B 46 -45.94 -12.98 1.38
N ALA B 47 -44.77 -13.60 1.53
CA ALA B 47 -44.60 -14.98 1.07
C ALA B 47 -45.55 -15.91 1.81
N ILE B 48 -45.83 -15.63 3.09
CA ILE B 48 -46.72 -16.49 3.86
C ILE B 48 -48.18 -16.17 3.56
N LEU B 49 -48.55 -14.89 3.59
CA LEU B 49 -49.95 -14.54 3.40
C LEU B 49 -50.42 -14.85 1.98
N GLN B 50 -49.58 -14.61 0.97
CA GLN B 50 -49.99 -14.88 -0.40
C GLN B 50 -50.14 -16.39 -0.64
N ASN B 51 -49.41 -17.21 0.10
CA ASN B 51 -49.57 -18.66 0.06
C ASN B 51 -50.38 -19.14 1.27
N HIS B 52 -51.55 -18.56 1.46
CA HIS B 52 -52.35 -18.87 2.64
C HIS B 52 -52.87 -20.30 2.62
N THR B 53 -53.02 -20.89 1.43
CA THR B 53 -53.48 -22.28 1.36
C THR B 53 -52.44 -23.24 1.93
N ASP B 54 -51.15 -22.88 1.85
CA ASP B 54 -50.11 -23.69 2.46
C ASP B 54 -50.17 -23.66 3.98
N PHE B 55 -50.96 -22.76 4.56
CA PHE B 55 -51.04 -22.58 6.00
C PHE B 55 -52.43 -22.81 6.57
N LYS B 56 -53.47 -22.59 5.78
CA LYS B 56 -54.84 -22.68 6.27
C LYS B 56 -55.10 -24.03 6.93
N ASP B 57 -55.39 -24.00 8.24
CA ASP B 57 -55.72 -25.19 9.01
C ASP B 57 -54.60 -26.22 9.01
N LYS B 58 -53.37 -25.76 8.90
CA LYS B 58 -52.20 -26.63 8.90
C LYS B 58 -51.48 -26.53 10.25
N ILE B 59 -50.63 -27.52 10.51
CA ILE B 59 -49.76 -27.52 11.70
C ILE B 59 -48.39 -27.05 11.27
N VAL B 60 -47.85 -26.07 11.97
CA VAL B 60 -46.63 -25.37 11.57
C VAL B 60 -45.59 -25.51 12.66
N LEU B 61 -44.33 -25.61 12.25
CA LEU B 61 -43.18 -25.53 13.15
C LEU B 61 -42.34 -24.33 12.75
N ASP B 62 -42.03 -23.47 13.72
CA ASP B 62 -41.19 -22.29 13.53
C ASP B 62 -39.87 -22.58 14.24
N VAL B 63 -38.81 -22.73 13.47
CA VAL B 63 -37.49 -23.08 14.01
C VAL B 63 -36.74 -21.79 14.34
N GLY B 64 -36.44 -21.60 15.63
CA GLY B 64 -35.79 -20.38 16.07
C GLY B 64 -36.69 -19.17 15.90
N CYS B 65 -37.83 -19.19 16.59
CA CYS B 65 -38.85 -18.18 16.37
C CYS B 65 -38.46 -16.81 16.91
N GLY B 66 -37.47 -16.74 17.78
CA GLY B 66 -37.10 -15.46 18.37
C GLY B 66 -38.29 -14.83 19.07
N SER B 67 -38.60 -13.59 18.68
CA SER B 67 -39.77 -12.90 19.22
C SER B 67 -41.08 -13.56 18.81
N GLY B 68 -41.05 -14.48 17.84
CA GLY B 68 -42.25 -15.15 17.37
C GLY B 68 -42.90 -14.51 16.17
N ILE B 69 -42.23 -13.58 15.50
CA ILE B 69 -42.88 -12.80 14.44
C ILE B 69 -43.36 -13.69 13.31
N LEU B 70 -42.57 -14.69 12.92
CA LEU B 70 -42.98 -15.56 11.83
C LEU B 70 -44.20 -16.41 12.21
N SER B 71 -44.30 -16.80 13.48
CA SER B 71 -45.46 -17.57 13.92
C SER B 71 -46.73 -16.72 13.82
N PHE B 72 -46.65 -15.44 14.16
CA PHE B 72 -47.80 -14.57 14.02
C PHE B 72 -48.22 -14.44 12.56
N PHE B 73 -47.26 -14.48 11.63
CA PHE B 73 -47.61 -14.45 10.21
C PHE B 73 -48.33 -15.72 9.81
N ALA B 74 -47.84 -16.88 10.27
CA ALA B 74 -48.52 -18.13 9.99
C ALA B 74 -49.92 -18.15 10.59
N ALA B 75 -50.08 -17.62 11.80
CA ALA B 75 -51.41 -17.50 12.40
C ALA B 75 -52.30 -16.60 11.55
N GLN B 76 -51.74 -15.49 11.06
CA GLN B 76 -52.52 -14.62 10.18
C GLN B 76 -52.99 -15.39 8.95
N ALA B 77 -52.15 -16.29 8.43
CA ALA B 77 -52.52 -17.04 7.23
C ALA B 77 -53.57 -18.12 7.50
N GLY B 78 -53.92 -18.37 8.76
CA GLY B 78 -54.94 -19.34 9.08
C GLY B 78 -54.46 -20.65 9.68
N ALA B 79 -53.20 -20.70 10.13
CA ALA B 79 -52.68 -21.93 10.71
C ALA B 79 -53.51 -22.37 11.90
N ARG B 80 -53.71 -23.68 12.04
CA ARG B 80 -54.45 -24.21 13.17
C ARG B 80 -53.57 -24.27 14.41
N LYS B 81 -52.32 -24.72 14.26
CA LYS B 81 -51.42 -24.85 15.39
C LYS B 81 -50.01 -24.54 14.90
N ILE B 82 -49.27 -23.78 15.72
CA ILE B 82 -47.90 -23.40 15.39
C ILE B 82 -47.04 -23.66 16.62
N TYR B 83 -46.03 -24.51 16.46
CA TYR B 83 -45.05 -24.76 17.51
C TYR B 83 -43.84 -23.88 17.25
N ALA B 84 -43.60 -22.93 18.13
CA ALA B 84 -42.52 -21.95 17.99
C ALA B 84 -41.38 -22.37 18.91
N VAL B 85 -40.35 -22.96 18.33
CA VAL B 85 -39.18 -23.43 19.09
C VAL B 85 -38.14 -22.33 19.13
N GLU B 86 -37.59 -22.08 20.31
CA GLU B 86 -36.57 -21.06 20.49
C GLU B 86 -35.67 -21.45 21.66
N ALA B 87 -34.36 -21.46 21.42
CA ALA B 87 -33.41 -21.96 22.41
C ALA B 87 -32.87 -20.87 23.33
N SER B 88 -32.96 -19.60 22.93
CA SER B 88 -32.53 -18.52 23.79
C SER B 88 -33.65 -18.14 24.76
N THR B 89 -33.31 -17.27 25.73
CA THR B 89 -34.31 -16.75 26.65
C THR B 89 -35.34 -15.86 25.96
N MET B 90 -35.14 -15.56 24.67
CA MET B 90 -36.16 -14.86 23.89
C MET B 90 -37.49 -15.61 23.89
N ALA B 91 -37.47 -16.92 24.10
CA ALA B 91 -38.71 -17.70 24.13
C ALA B 91 -39.68 -17.16 25.17
N GLN B 92 -39.16 -16.62 26.28
CA GLN B 92 -40.05 -16.08 27.31
C GLN B 92 -40.72 -14.80 26.82
N HIS B 93 -40.00 -13.96 26.07
CA HIS B 93 -40.62 -12.76 25.53
C HIS B 93 -41.64 -13.10 24.45
N ALA B 94 -41.37 -14.14 23.66
CA ALA B 94 -42.34 -14.56 22.66
C ALA B 94 -43.63 -15.04 23.32
N GLU B 95 -43.51 -15.76 24.43
CA GLU B 95 -44.70 -16.20 25.16
C GLU B 95 -45.52 -14.99 25.62
N VAL B 96 -44.85 -13.93 26.07
CA VAL B 96 -45.56 -12.72 26.47
C VAL B 96 -46.33 -12.14 25.29
N LEU B 97 -45.73 -12.17 24.09
CA LEU B 97 -46.42 -11.61 22.94
C LEU B 97 -47.58 -12.49 22.50
N VAL B 98 -47.42 -13.81 22.60
CA VAL B 98 -48.52 -14.71 22.28
C VAL B 98 -49.73 -14.44 23.18
N LYS B 99 -49.49 -14.26 24.48
CA LYS B 99 -50.59 -13.95 25.40
C LYS B 99 -51.20 -12.59 25.10
N SER B 100 -50.35 -11.57 24.94
CA SER B 100 -50.87 -10.22 24.75
C SER B 100 -51.59 -10.05 23.42
N ASN B 101 -51.32 -10.91 22.44
CA ASN B 101 -52.04 -10.90 21.18
C ASN B 101 -53.19 -11.91 21.14
N ASN B 102 -53.49 -12.53 22.27
CA ASN B 102 -54.65 -13.44 22.38
C ASN B 102 -54.57 -14.57 21.35
N LEU B 103 -53.40 -15.22 21.29
CA LEU B 103 -53.18 -16.33 20.38
C LEU B 103 -52.68 -17.56 21.12
N THR B 104 -52.96 -17.67 22.42
CA THR B 104 -52.52 -18.82 23.20
C THR B 104 -53.14 -20.13 22.71
N ASP B 105 -54.28 -20.06 22.03
CA ASP B 105 -54.92 -21.25 21.50
C ASP B 105 -54.32 -21.74 20.20
N ARG B 106 -53.38 -21.01 19.61
CA ARG B 106 -52.85 -21.35 18.29
C ARG B 106 -51.34 -21.33 18.18
N ILE B 107 -50.63 -20.62 19.05
CA ILE B 107 -49.17 -20.55 19.01
C ILE B 107 -48.64 -21.11 20.34
N VAL B 108 -47.87 -22.19 20.26
CA VAL B 108 -47.30 -22.84 21.43
C VAL B 108 -45.78 -22.63 21.37
N VAL B 109 -45.25 -21.85 22.31
CA VAL B 109 -43.82 -21.64 22.40
C VAL B 109 -43.19 -22.82 23.14
N ILE B 110 -42.18 -23.42 22.54
CA ILE B 110 -41.47 -24.56 23.12
C ILE B 110 -40.01 -24.16 23.30
N PRO B 111 -39.59 -23.86 24.53
CA PRO B 111 -38.20 -23.46 24.74
C PRO B 111 -37.24 -24.63 24.58
N GLY B 112 -36.07 -24.35 24.03
CA GLY B 112 -35.04 -25.35 23.84
C GLY B 112 -34.61 -25.45 22.38
N LYS B 113 -33.56 -26.24 22.18
CA LYS B 113 -33.02 -26.46 20.85
C LYS B 113 -33.89 -27.46 20.10
N VAL B 114 -34.13 -27.17 18.81
CA VAL B 114 -34.98 -28.04 17.99
C VAL B 114 -34.41 -29.45 17.91
N GLU B 115 -33.14 -29.63 18.24
CA GLU B 115 -32.50 -30.94 18.26
C GLU B 115 -32.65 -31.67 19.59
N GLU B 116 -33.17 -30.99 20.62
CA GLU B 116 -33.28 -31.57 21.95
C GLU B 116 -34.69 -31.54 22.51
N VAL B 117 -35.68 -31.10 21.75
CA VAL B 117 -37.05 -30.96 22.24
C VAL B 117 -37.91 -32.06 21.63
N SER B 118 -39.17 -32.12 22.08
CA SER B 118 -40.14 -33.10 21.63
C SER B 118 -41.41 -32.39 21.20
N LEU B 119 -41.77 -32.53 19.92
CA LEU B 119 -43.04 -31.95 19.46
C LEU B 119 -44.16 -32.96 19.62
N PRO B 120 -45.36 -32.53 20.04
CA PRO B 120 -46.45 -33.50 20.25
C PRO B 120 -46.91 -34.18 18.97
N GLU B 121 -46.55 -33.68 17.80
CA GLU B 121 -47.07 -34.22 16.55
C GLU B 121 -46.20 -33.73 15.40
N GLN B 122 -46.48 -34.27 14.22
CA GLN B 122 -45.79 -33.87 13.00
C GLN B 122 -46.48 -32.66 12.38
N VAL B 123 -45.76 -31.96 11.50
CA VAL B 123 -46.22 -30.70 10.96
C VAL B 123 -46.25 -30.77 9.43
N ASP B 124 -47.10 -29.92 8.85
CA ASP B 124 -47.24 -29.86 7.40
C ASP B 124 -46.23 -28.93 6.74
N ILE B 125 -45.72 -27.95 7.48
CA ILE B 125 -44.80 -26.96 6.91
C ILE B 125 -43.90 -26.44 8.02
N ILE B 126 -42.61 -26.28 7.70
CA ILE B 126 -41.64 -25.68 8.60
C ILE B 126 -41.31 -24.29 8.06
N ILE B 127 -41.32 -23.29 8.94
CA ILE B 127 -40.88 -21.95 8.58
C ILE B 127 -39.69 -21.60 9.47
N SER B 128 -38.81 -20.76 8.94
CA SER B 128 -37.60 -20.38 9.65
C SER B 128 -36.91 -19.26 8.89
N GLU B 129 -36.09 -18.50 9.61
CA GLU B 129 -35.12 -17.57 9.04
C GLU B 129 -33.77 -18.01 9.59
N PRO B 130 -33.16 -19.03 8.98
CA PRO B 130 -31.86 -19.54 9.47
C PRO B 130 -30.64 -19.02 8.71
N MET B 131 -30.80 -18.04 7.82
CA MET B 131 -29.67 -17.57 7.02
C MET B 131 -28.77 -16.64 7.83
N GLY B 132 -27.47 -16.94 7.80
CA GLY B 132 -26.47 -16.03 8.31
C GLY B 132 -25.76 -15.28 7.20
N TYR B 133 -24.73 -14.53 7.59
CA TYR B 133 -23.89 -13.87 6.59
C TYR B 133 -23.31 -14.92 5.66
N MET B 134 -23.29 -14.61 4.36
CA MET B 134 -22.88 -15.56 3.35
C MET B 134 -23.75 -16.82 3.41
N LEU B 135 -24.96 -16.69 3.95
CA LEU B 135 -25.95 -17.76 4.05
C LEU B 135 -25.60 -18.79 5.13
N PHE B 136 -24.38 -19.32 5.12
CA PHE B 136 -24.06 -20.49 5.93
C PHE B 136 -23.58 -20.18 7.33
N ASN B 137 -23.18 -18.94 7.62
CA ASN B 137 -22.70 -18.63 8.96
C ASN B 137 -23.76 -18.98 10.00
N GLU B 138 -23.29 -19.40 11.18
CA GLU B 138 -24.11 -19.78 12.33
C GLU B 138 -24.52 -21.25 12.27
N ARG B 139 -24.49 -21.84 11.07
CA ARG B 139 -24.83 -23.25 10.88
C ARG B 139 -26.26 -23.56 11.32
N MET B 140 -27.13 -22.55 11.29
CA MET B 140 -28.53 -22.80 11.64
C MET B 140 -29.28 -23.52 10.52
N LEU B 141 -28.75 -23.49 9.30
CA LEU B 141 -29.35 -24.26 8.22
C LEU B 141 -29.41 -25.74 8.58
N GLU B 142 -28.44 -26.24 9.34
CA GLU B 142 -28.45 -27.65 9.74
C GLU B 142 -29.55 -27.92 10.76
N SER B 143 -29.78 -26.98 11.68
CA SER B 143 -30.91 -27.10 12.59
C SER B 143 -32.24 -27.05 11.83
N TYR B 144 -32.32 -26.17 10.84
CA TYR B 144 -33.52 -26.10 9.98
C TYR B 144 -33.76 -27.43 9.28
N LEU B 145 -32.70 -28.04 8.74
CA LEU B 145 -32.84 -29.33 8.08
C LEU B 145 -33.09 -30.44 9.09
N HIS B 146 -32.44 -30.36 10.25
CA HIS B 146 -32.66 -31.35 11.29
C HIS B 146 -34.13 -31.44 11.67
N ALA B 147 -34.82 -30.30 11.71
CA ALA B 147 -36.23 -30.28 12.08
C ALA B 147 -37.12 -31.05 11.12
N LYS B 148 -36.59 -31.45 9.95
CA LYS B 148 -37.39 -32.26 9.03
C LYS B 148 -37.81 -33.58 9.64
N LYS B 149 -37.25 -33.96 10.79
CA LYS B 149 -37.72 -35.15 11.50
C LYS B 149 -39.20 -35.04 11.83
N TYR B 150 -39.70 -33.83 12.05
CA TYR B 150 -41.10 -33.59 12.38
C TYR B 150 -41.97 -33.28 11.18
N LEU B 151 -41.38 -33.20 9.98
CA LEU B 151 -42.13 -32.80 8.81
C LEU B 151 -42.89 -33.99 8.23
N LYS B 152 -44.12 -33.75 7.82
CA LYS B 152 -44.91 -34.81 7.19
C LYS B 152 -44.38 -35.09 5.78
N PRO B 153 -44.48 -36.34 5.31
CA PRO B 153 -43.98 -36.68 3.97
C PRO B 153 -44.24 -35.61 2.91
N SER B 154 -45.48 -35.16 2.78
CA SER B 154 -45.85 -34.16 1.78
C SER B 154 -45.60 -32.73 2.25
N GLY B 155 -44.84 -32.54 3.32
CA GLY B 155 -44.70 -31.23 3.91
C GLY B 155 -43.81 -30.31 3.10
N ASN B 156 -43.97 -29.02 3.34
CA ASN B 156 -43.22 -27.97 2.66
C ASN B 156 -42.25 -27.29 3.62
N MET B 157 -41.39 -26.45 3.06
CA MET B 157 -40.39 -25.71 3.81
C MET B 157 -40.36 -24.27 3.32
N PHE B 158 -40.41 -23.34 4.26
CA PHE B 158 -40.37 -21.90 3.96
C PHE B 158 -39.23 -21.26 4.72
N PRO B 159 -38.11 -20.89 4.07
CA PRO B 159 -37.86 -20.95 2.63
C PRO B 159 -37.60 -22.36 2.09
N THR B 160 -37.80 -22.53 0.78
CA THR B 160 -37.71 -23.83 0.15
C THR B 160 -36.31 -24.13 -0.39
N ILE B 161 -35.67 -23.14 -1.02
CA ILE B 161 -34.32 -23.30 -1.55
C ILE B 161 -33.50 -22.05 -1.24
N GLY B 162 -32.18 -22.23 -1.24
CA GLY B 162 -31.27 -21.13 -1.06
C GLY B 162 -30.19 -21.12 -2.12
N ASP B 163 -29.98 -19.98 -2.77
CA ASP B 163 -28.97 -19.82 -3.81
C ASP B 163 -27.89 -18.88 -3.30
N VAL B 164 -26.67 -19.40 -3.14
CA VAL B 164 -25.51 -18.57 -2.85
C VAL B 164 -24.81 -18.26 -4.16
N HIS B 165 -24.50 -16.99 -4.38
CA HIS B 165 -23.85 -16.53 -5.60
C HIS B 165 -22.44 -16.05 -5.32
N LEU B 166 -21.51 -16.40 -6.20
CA LEU B 166 -20.13 -15.96 -6.15
C LEU B 166 -19.80 -15.19 -7.43
N ALA B 167 -18.95 -14.17 -7.31
CA ALA B 167 -18.48 -13.44 -8.49
C ALA B 167 -17.20 -12.72 -8.15
N PRO B 168 -16.20 -12.73 -9.04
CA PRO B 168 -14.96 -12.00 -8.76
C PRO B 168 -15.15 -10.50 -8.89
N PHE B 169 -14.44 -9.76 -8.05
CA PHE B 169 -14.56 -8.31 -8.01
C PHE B 169 -13.19 -7.67 -8.06
N THR B 170 -13.18 -6.39 -8.38
CA THR B 170 -12.00 -5.53 -8.30
C THR B 170 -12.34 -4.35 -7.41
N ASP B 171 -11.50 -4.10 -6.40
CA ASP B 171 -11.71 -3.00 -5.47
C ASP B 171 -10.37 -2.65 -4.83
N GLU B 172 -9.56 -1.85 -5.54
CA GLU B 172 -8.23 -1.50 -5.05
C GLU B 172 -8.29 -0.80 -3.70
N GLN B 173 -9.34 0.00 -3.47
CA GLN B 173 -9.47 0.71 -2.20
C GLN B 173 -9.61 -0.27 -1.03
N LEU B 174 -10.48 -1.25 -1.17
CA LEU B 174 -10.68 -2.23 -0.11
C LEU B 174 -9.39 -3.00 0.16
N TYR B 175 -8.73 -3.46 -0.90
CA TYR B 175 -7.49 -4.21 -0.73
C TYR B 175 -6.46 -3.39 0.02
N MET B 176 -6.27 -2.13 -0.38
CA MET B 176 -5.20 -1.32 0.22
C MET B 176 -5.53 -0.95 1.66
N GLU B 177 -6.81 -0.85 2.01
CA GLU B 177 -7.17 -0.65 3.40
C GLU B 177 -6.69 -1.82 4.26
N GLN B 178 -7.05 -3.04 3.86
CA GLN B 178 -6.65 -4.22 4.63
C GLN B 178 -5.15 -4.44 4.57
N PHE B 179 -4.55 -4.21 3.39
CA PHE B 179 -3.11 -4.37 3.26
C PHE B 179 -2.35 -3.36 4.12
N THR B 180 -2.82 -2.12 4.14
CA THR B 180 -2.16 -1.10 4.95
C THR B 180 -2.24 -1.43 6.44
N LYS B 181 -3.41 -1.87 6.91
CA LYS B 181 -3.53 -2.27 8.31
C LYS B 181 -2.50 -3.32 8.67
N ALA B 182 -2.41 -4.38 7.86
CA ALA B 182 -1.46 -5.45 8.14
C ALA B 182 -0.02 -4.94 8.13
N ASN B 183 0.28 -3.98 7.25
CA ASN B 183 1.65 -3.47 7.14
C ASN B 183 2.08 -2.68 8.37
N PHE B 184 1.18 -2.44 9.32
CA PHE B 184 1.61 -1.93 10.62
C PHE B 184 2.76 -2.78 11.16
N TRP B 185 2.71 -4.07 10.92
CA TRP B 185 3.69 -5.02 11.43
C TRP B 185 4.90 -5.16 10.51
N TYR B 186 5.06 -4.27 9.54
CA TYR B 186 6.28 -4.18 8.75
C TYR B 186 7.29 -3.21 9.35
N GLN B 187 6.85 -2.35 10.27
CA GLN B 187 7.74 -1.34 10.84
C GLN B 187 8.98 -1.99 11.43
N PRO B 188 10.17 -1.43 11.21
CA PRO B 188 11.37 -1.93 11.89
C PRO B 188 11.68 -1.27 13.21
N SER B 189 10.97 -0.20 13.60
CA SER B 189 11.30 0.53 14.81
C SER B 189 10.04 1.16 15.42
N PHE B 190 9.07 0.33 15.77
CA PHE B 190 7.91 0.80 16.53
C PHE B 190 8.35 1.06 17.97
N HIS B 191 8.41 2.34 18.35
CA HIS B 191 8.98 2.73 19.64
C HIS B 191 10.32 2.05 19.87
N GLY B 192 11.08 1.85 18.79
CA GLY B 192 12.36 1.18 18.86
C GLY B 192 12.32 -0.32 18.76
N VAL B 193 11.16 -0.93 18.49
CA VAL B 193 11.00 -2.37 18.43
C VAL B 193 10.74 -2.77 16.99
N ASP B 194 11.50 -3.76 16.52
CA ASP B 194 11.35 -4.25 15.15
C ASP B 194 10.22 -5.28 15.12
N LEU B 195 9.11 -4.92 14.48
CA LEU B 195 7.94 -5.77 14.37
C LEU B 195 7.90 -6.59 13.08
N SER B 196 8.88 -6.39 12.19
CA SER B 196 8.76 -6.86 10.82
C SER B 196 8.64 -8.36 10.71
N ALA B 197 9.15 -9.10 11.70
CA ALA B 197 9.11 -10.56 11.62
C ALA B 197 7.68 -11.10 11.66
N LEU B 198 6.72 -10.30 12.10
CA LEU B 198 5.33 -10.72 12.20
C LEU B 198 4.48 -10.23 11.03
N ARG B 199 5.07 -9.55 10.05
CA ARG B 199 4.28 -8.99 8.96
C ARG B 199 3.54 -10.10 8.20
N GLY B 200 4.22 -11.22 7.92
CA GLY B 200 3.55 -12.32 7.25
C GLY B 200 2.38 -12.85 8.06
N ALA B 201 2.55 -12.99 9.37
CA ALA B 201 1.46 -13.45 10.23
C ALA B 201 0.32 -12.43 10.26
N ALA B 202 0.65 -11.14 10.26
CA ALA B 202 -0.38 -10.11 10.25
C ALA B 202 -1.21 -10.20 8.98
N VAL B 203 -0.56 -10.27 7.82
CA VAL B 203 -1.29 -10.38 6.56
C VAL B 203 -2.23 -11.58 6.59
N ASP B 204 -1.72 -12.73 7.07
CA ASP B 204 -2.57 -13.91 7.15
C ASP B 204 -3.79 -13.67 8.01
N GLU B 205 -3.63 -12.92 9.11
CA GLU B 205 -4.74 -12.69 10.01
C GLU B 205 -5.77 -11.73 9.42
N TYR B 206 -5.31 -10.60 8.89
CA TYR B 206 -6.26 -9.60 8.40
C TYR B 206 -7.04 -10.12 7.20
N PHE B 207 -6.38 -10.82 6.28
CA PHE B 207 -7.08 -11.35 5.12
C PHE B 207 -7.82 -12.63 5.40
N ARG B 208 -7.69 -13.19 6.60
CA ARG B 208 -8.55 -14.27 7.07
C ARG B 208 -9.96 -13.77 7.37
N GLN B 209 -10.16 -12.46 7.45
CA GLN B 209 -11.46 -11.91 7.80
C GLN B 209 -12.24 -11.57 6.53
N PRO B 210 -13.39 -12.19 6.30
CA PRO B 210 -14.27 -11.71 5.22
C PRO B 210 -14.83 -10.35 5.57
N VAL B 211 -15.05 -9.53 4.54
CA VAL B 211 -15.49 -8.16 4.71
C VAL B 211 -16.98 -8.09 4.45
N VAL B 212 -17.74 -7.62 5.44
CA VAL B 212 -19.18 -7.49 5.32
C VAL B 212 -19.50 -6.02 5.10
N ASP B 213 -20.05 -5.72 3.92
CA ASP B 213 -20.54 -4.39 3.57
C ASP B 213 -21.22 -4.52 2.22
N THR B 214 -21.60 -3.39 1.64
CA THR B 214 -22.26 -3.39 0.34
C THR B 214 -21.35 -2.74 -0.71
N PHE B 215 -21.69 -2.98 -1.97
CA PHE B 215 -20.88 -2.51 -3.09
C PHE B 215 -21.78 -2.42 -4.32
N ASP B 216 -21.28 -1.74 -5.34
CA ASP B 216 -22.00 -1.60 -6.59
C ASP B 216 -21.65 -2.76 -7.53
N ILE B 217 -22.64 -3.19 -8.31
CA ILE B 217 -22.43 -4.26 -9.27
C ILE B 217 -21.30 -3.94 -10.23
N ARG B 218 -20.93 -2.66 -10.38
CA ARG B 218 -19.88 -2.29 -11.33
C ARG B 218 -18.55 -2.96 -11.03
N ILE B 219 -18.29 -3.27 -9.76
CA ILE B 219 -16.99 -3.85 -9.40
C ILE B 219 -16.88 -5.32 -9.73
N LEU B 220 -17.98 -5.96 -10.14
CA LEU B 220 -17.96 -7.37 -10.49
C LEU B 220 -17.41 -7.54 -11.90
N MET B 221 -16.53 -8.52 -12.07
CA MET B 221 -15.79 -8.71 -13.31
C MET B 221 -16.31 -9.88 -14.14
N ALA B 222 -17.35 -10.57 -13.69
CA ALA B 222 -17.89 -11.70 -14.43
C ALA B 222 -19.25 -12.05 -13.84
N LYS B 223 -20.08 -12.69 -14.66
CA LYS B 223 -21.36 -13.19 -14.18
C LYS B 223 -21.12 -14.15 -13.02
N SER B 224 -22.09 -14.20 -12.11
CA SER B 224 -21.94 -14.97 -10.89
C SER B 224 -22.09 -16.46 -11.17
N VAL B 225 -21.52 -17.26 -10.28
CA VAL B 225 -21.74 -18.69 -10.23
C VAL B 225 -22.63 -18.97 -9.03
N LYS B 226 -23.50 -19.97 -9.16
CA LYS B 226 -24.57 -20.22 -8.20
C LYS B 226 -24.44 -21.63 -7.64
N TYR B 227 -24.53 -21.73 -6.31
CA TYR B 227 -24.62 -23.02 -5.61
C TYR B 227 -25.95 -23.04 -4.87
N THR B 228 -26.71 -24.11 -5.07
CA THR B 228 -28.08 -24.22 -4.57
C THR B 228 -28.16 -25.27 -3.48
N VAL B 229 -28.83 -24.92 -2.38
CA VAL B 229 -29.24 -25.87 -1.36
C VAL B 229 -30.76 -25.99 -1.45
N ASN B 230 -31.24 -27.19 -1.76
CA ASN B 230 -32.68 -27.47 -1.78
C ASN B 230 -33.06 -27.98 -0.40
N PHE B 231 -33.71 -27.13 0.40
CA PHE B 231 -34.03 -27.49 1.78
C PHE B 231 -35.02 -28.65 1.88
N LEU B 232 -35.79 -28.90 0.82
CA LEU B 232 -36.75 -29.99 0.85
C LEU B 232 -36.06 -31.35 0.85
N GLU B 233 -34.91 -31.48 0.19
CA GLU B 233 -34.28 -32.76 -0.04
C GLU B 233 -32.87 -32.85 0.52
N ALA B 234 -32.33 -31.78 1.10
CA ALA B 234 -30.98 -31.82 1.62
C ALA B 234 -30.94 -32.42 3.02
N LYS B 235 -29.78 -32.97 3.37
CA LYS B 235 -29.56 -33.60 4.66
C LYS B 235 -28.68 -32.70 5.52
N GLU B 236 -28.79 -32.89 6.84
CA GLU B 236 -27.95 -32.14 7.78
C GLU B 236 -26.48 -32.27 7.40
N GLY B 237 -26.02 -33.49 7.14
CA GLY B 237 -24.62 -33.72 6.83
C GLY B 237 -24.16 -33.11 5.52
N ASP B 238 -25.10 -32.80 4.63
CA ASP B 238 -24.73 -32.21 3.34
C ASP B 238 -24.02 -30.87 3.51
N LEU B 239 -24.17 -30.21 4.66
CA LEU B 239 -23.61 -28.88 4.88
C LEU B 239 -22.34 -28.90 5.73
N HIS B 240 -21.84 -30.08 6.08
CA HIS B 240 -20.58 -30.14 6.82
C HIS B 240 -19.40 -29.76 5.93
N ARG B 241 -19.45 -30.17 4.67
CA ARG B 241 -18.39 -29.90 3.70
C ARG B 241 -19.05 -29.47 2.40
N ILE B 242 -18.86 -28.20 2.02
CA ILE B 242 -19.52 -27.60 0.87
C ILE B 242 -18.44 -27.26 -0.15
N GLU B 243 -18.51 -27.90 -1.31
CA GLU B 243 -17.54 -27.70 -2.39
C GLU B 243 -18.20 -26.92 -3.51
N ILE B 244 -17.69 -25.71 -3.77
CA ILE B 244 -18.25 -24.84 -4.79
C ILE B 244 -17.22 -24.60 -5.89
N PRO B 245 -17.17 -25.44 -6.92
CA PRO B 245 -16.27 -25.15 -8.04
C PRO B 245 -16.80 -24.00 -8.88
N PHE B 246 -15.87 -23.25 -9.47
CA PHE B 246 -16.25 -22.10 -10.28
C PHE B 246 -15.33 -22.00 -11.49
N LYS B 247 -15.90 -21.46 -12.58
CA LYS B 247 -15.17 -21.15 -13.80
C LYS B 247 -15.74 -19.84 -14.32
N PHE B 248 -15.05 -18.74 -14.03
CA PHE B 248 -15.52 -17.40 -14.37
C PHE B 248 -14.95 -16.97 -15.71
N HIS B 249 -15.82 -16.61 -16.64
CA HIS B 249 -15.40 -16.01 -17.90
C HIS B 249 -15.31 -14.50 -17.68
N MET B 250 -14.10 -13.96 -17.65
CA MET B 250 -13.92 -12.56 -17.31
C MET B 250 -14.52 -11.66 -18.39
N LEU B 251 -15.28 -10.67 -17.96
CA LEU B 251 -15.91 -9.69 -18.84
C LEU B 251 -15.13 -8.38 -18.91
N HIS B 252 -14.17 -8.17 -18.02
CA HIS B 252 -13.35 -6.97 -18.00
C HIS B 252 -11.93 -7.33 -17.61
N SER B 253 -10.99 -6.51 -18.03
CA SER B 253 -9.60 -6.65 -17.64
C SER B 253 -9.33 -5.88 -16.36
N GLY B 254 -8.37 -6.36 -15.59
CA GLY B 254 -7.97 -5.69 -14.38
C GLY B 254 -7.54 -6.69 -13.33
N LEU B 255 -7.37 -6.19 -12.11
CA LEU B 255 -6.95 -6.99 -10.98
C LEU B 255 -8.16 -7.57 -10.26
N VAL B 256 -8.17 -8.88 -10.10
CA VAL B 256 -9.18 -9.58 -9.30
C VAL B 256 -8.67 -9.59 -7.87
N HIS B 257 -9.35 -8.86 -6.98
CA HIS B 257 -8.95 -8.77 -5.59
C HIS B 257 -9.63 -9.82 -4.70
N GLY B 258 -10.61 -10.54 -5.22
CA GLY B 258 -11.24 -11.59 -4.44
C GLY B 258 -12.59 -11.97 -5.04
N LEU B 259 -13.38 -12.66 -4.23
CA LEU B 259 -14.72 -13.09 -4.61
C LEU B 259 -15.75 -12.43 -3.71
N ALA B 260 -16.86 -12.00 -4.30
CA ALA B 260 -17.98 -11.43 -3.57
C ALA B 260 -19.10 -12.47 -3.46
N PHE B 261 -19.77 -12.49 -2.31
CA PHE B 261 -20.80 -13.48 -2.02
C PHE B 261 -22.10 -12.79 -1.64
N TRP B 262 -23.22 -13.37 -2.09
CA TRP B 262 -24.55 -12.99 -1.63
C TRP B 262 -25.47 -14.19 -1.87
N PHE B 263 -26.72 -14.06 -1.45
CA PHE B 263 -27.64 -15.18 -1.55
C PHE B 263 -29.07 -14.72 -1.75
N ASP B 264 -29.85 -15.58 -2.40
CA ASP B 264 -31.30 -15.46 -2.49
C ASP B 264 -31.93 -16.71 -1.89
N VAL B 265 -33.13 -16.55 -1.32
CA VAL B 265 -33.94 -17.69 -0.91
C VAL B 265 -35.30 -17.56 -1.58
N ALA B 266 -35.93 -18.71 -1.83
CA ALA B 266 -37.20 -18.76 -2.53
C ALA B 266 -38.23 -19.48 -1.67
N PHE B 267 -39.41 -18.88 -1.54
CA PHE B 267 -40.55 -19.50 -0.87
C PHE B 267 -41.43 -20.10 -1.97
N ILE B 268 -41.29 -21.40 -2.21
CA ILE B 268 -42.03 -22.08 -3.28
C ILE B 268 -43.36 -22.52 -2.67
N GLY B 269 -44.33 -21.63 -2.70
CA GLY B 269 -45.65 -21.94 -2.19
C GLY B 269 -46.55 -22.54 -3.25
N SER B 270 -47.73 -22.96 -2.81
CA SER B 270 -48.68 -23.57 -3.74
C SER B 270 -49.28 -22.53 -4.67
N ILE B 271 -49.48 -21.30 -4.20
CA ILE B 271 -50.08 -20.27 -5.03
C ILE B 271 -49.02 -19.60 -5.90
N MET B 272 -47.89 -19.22 -5.31
CA MET B 272 -46.84 -18.53 -6.05
C MET B 272 -45.52 -18.72 -5.34
N THR B 273 -44.46 -18.36 -6.03
CA THR B 273 -43.11 -18.38 -5.48
C THR B 273 -42.66 -16.94 -5.23
N VAL B 274 -42.11 -16.69 -4.05
CA VAL B 274 -41.65 -15.37 -3.64
C VAL B 274 -40.18 -15.46 -3.28
N TRP B 275 -39.40 -14.50 -3.75
CA TRP B 275 -37.96 -14.49 -3.57
C TRP B 275 -37.55 -13.39 -2.60
N LEU B 276 -36.58 -13.70 -1.74
CA LEU B 276 -35.93 -12.73 -0.87
C LEU B 276 -34.46 -12.68 -1.25
N SER B 277 -34.01 -11.52 -1.74
CA SER B 277 -32.68 -11.38 -2.31
C SER B 277 -31.83 -10.42 -1.49
N THR B 278 -30.58 -10.82 -1.25
CA THR B 278 -29.56 -9.93 -0.70
C THR B 278 -28.55 -9.51 -1.77
N ALA B 279 -28.99 -9.44 -3.03
CA ALA B 279 -28.08 -9.09 -4.11
C ALA B 279 -27.61 -7.65 -3.99
N PRO B 280 -26.42 -7.32 -4.48
CA PRO B 280 -25.95 -5.93 -4.45
C PRO B 280 -26.76 -4.99 -5.34
N THR B 281 -27.61 -5.53 -6.21
CA THR B 281 -28.49 -4.72 -7.04
C THR B 281 -29.86 -4.49 -6.39
N GLU B 282 -30.11 -5.11 -5.25
CA GLU B 282 -31.38 -5.02 -4.56
C GLU B 282 -31.26 -4.16 -3.32
N PRO B 283 -32.38 -3.69 -2.76
CA PRO B 283 -32.32 -2.91 -1.52
C PRO B 283 -31.51 -3.61 -0.45
N LEU B 284 -30.86 -2.81 0.40
CA LEU B 284 -29.97 -3.35 1.40
C LEU B 284 -30.74 -4.07 2.50
N THR B 285 -30.21 -5.21 2.92
CA THR B 285 -30.71 -5.95 4.07
C THR B 285 -29.62 -5.98 5.14
N HIS B 286 -29.99 -6.45 6.33
CA HIS B 286 -29.02 -6.55 7.41
C HIS B 286 -27.95 -7.60 7.14
N TRP B 287 -28.10 -8.38 6.07
CA TRP B 287 -27.04 -9.32 5.67
C TRP B 287 -25.97 -8.66 4.81
N TYR B 288 -26.28 -7.52 4.18
CA TYR B 288 -25.34 -6.86 3.28
C TYR B 288 -24.84 -7.83 2.22
N GLN B 289 -23.55 -7.76 1.91
CA GLN B 289 -22.88 -8.77 1.09
C GLN B 289 -21.53 -9.07 1.74
N VAL B 290 -20.88 -10.11 1.24
CA VAL B 290 -19.64 -10.61 1.84
C VAL B 290 -18.59 -10.76 0.76
N ARG B 291 -17.36 -10.33 1.07
CA ARG B 291 -16.25 -10.37 0.11
C ARG B 291 -15.04 -10.99 0.78
N CYS B 292 -14.49 -12.03 0.16
CA CYS B 292 -13.27 -12.66 0.62
C CYS B 292 -12.12 -12.18 -0.26
N LEU B 293 -11.17 -11.47 0.34
CA LEU B 293 -10.05 -10.92 -0.39
C LEU B 293 -8.95 -11.95 -0.60
N PHE B 294 -8.29 -11.86 -1.74
CA PHE B 294 -7.03 -12.56 -1.96
C PHE B 294 -5.92 -11.78 -1.27
N GLN B 295 -4.96 -12.52 -0.68
CA GLN B 295 -3.80 -11.84 -0.12
C GLN B 295 -3.03 -11.10 -1.21
N SER B 296 -3.01 -11.64 -2.42
CA SER B 296 -2.40 -10.98 -3.57
C SER B 296 -3.40 -11.05 -4.72
N PRO B 297 -3.76 -9.93 -5.34
CA PRO B 297 -4.73 -9.98 -6.45
C PRO B 297 -4.17 -10.74 -7.64
N LEU B 298 -5.10 -11.22 -8.47
CA LEU B 298 -4.78 -11.89 -9.72
C LEU B 298 -5.11 -10.96 -10.88
N PHE B 299 -4.15 -10.78 -11.79
CA PHE B 299 -4.40 -10.00 -12.99
C PHE B 299 -5.04 -10.87 -14.05
N ALA B 300 -6.15 -10.40 -14.61
CA ALA B 300 -6.87 -11.13 -15.64
C ALA B 300 -7.24 -10.18 -16.77
N LYS B 301 -7.28 -10.73 -17.97
CA LYS B 301 -7.73 -10.02 -19.16
C LYS B 301 -9.17 -10.42 -19.50
N ALA B 302 -9.88 -9.48 -20.12
CA ALA B 302 -11.20 -9.80 -20.66
C ALA B 302 -11.09 -11.01 -21.58
N GLY B 303 -11.98 -11.98 -21.36
CA GLY B 303 -11.97 -13.22 -22.09
C GLY B 303 -11.26 -14.35 -21.38
N ASP B 304 -10.36 -14.04 -20.44
CA ASP B 304 -9.72 -15.07 -19.65
C ASP B 304 -10.76 -15.84 -18.83
N THR B 305 -10.32 -16.96 -18.24
CA THR B 305 -11.15 -17.75 -17.34
C THR B 305 -10.46 -17.85 -15.99
N LEU B 306 -11.20 -17.49 -14.93
CA LEU B 306 -10.75 -17.63 -13.56
C LEU B 306 -11.44 -18.85 -12.97
N SER B 307 -10.67 -19.90 -12.70
CA SER B 307 -11.20 -21.17 -12.23
C SER B 307 -10.62 -21.53 -10.87
N GLY B 308 -11.32 -22.41 -10.17
CA GLY B 308 -10.88 -22.81 -8.85
C GLY B 308 -12.03 -23.47 -8.08
N THR B 309 -11.91 -23.44 -6.77
CA THR B 309 -12.92 -24.03 -5.91
C THR B 309 -12.98 -23.28 -4.59
N CYS B 310 -14.21 -23.00 -4.14
CA CYS B 310 -14.46 -22.45 -2.81
C CYS B 310 -14.98 -23.59 -1.94
N LEU B 311 -14.21 -23.96 -0.92
CA LEU B 311 -14.51 -25.08 -0.05
C LEU B 311 -14.83 -24.58 1.34
N LEU B 312 -16.01 -24.92 1.84
CA LEU B 312 -16.45 -24.53 3.18
C LEU B 312 -16.47 -25.78 4.05
N ILE B 313 -15.70 -25.75 5.14
CA ILE B 313 -15.61 -26.87 6.08
C ILE B 313 -16.17 -26.39 7.41
N ALA B 314 -17.28 -26.99 7.83
CA ALA B 314 -17.91 -26.57 9.08
C ALA B 314 -16.99 -26.86 10.27
N ASN B 315 -16.99 -25.94 11.23
CA ASN B 315 -16.23 -26.08 12.45
C ASN B 315 -17.16 -26.08 13.66
N LYS B 316 -16.62 -26.39 14.82
CA LYS B 316 -17.41 -26.52 16.03
C LYS B 316 -17.76 -25.19 16.67
N ARG B 317 -17.40 -24.06 16.04
CA ARG B 317 -17.81 -22.73 16.49
C ARG B 317 -18.98 -22.19 15.69
N GLN B 318 -19.81 -23.08 15.12
CA GLN B 318 -21.03 -22.68 14.44
C GLN B 318 -20.73 -21.78 13.24
N SER B 319 -19.69 -22.13 12.49
CA SER B 319 -19.33 -21.39 11.30
C SER B 319 -18.51 -22.31 10.40
N TYR B 320 -17.81 -21.72 9.44
CA TYR B 320 -17.06 -22.48 8.45
C TYR B 320 -15.66 -21.90 8.30
N ASP B 321 -14.68 -22.78 8.11
CA ASP B 321 -13.37 -22.41 7.61
C ASP B 321 -13.45 -22.42 6.09
N ILE B 322 -13.22 -21.25 5.48
CA ILE B 322 -13.37 -21.06 4.04
C ILE B 322 -12.00 -21.22 3.38
N SER B 323 -11.95 -22.05 2.34
CA SER B 323 -10.74 -22.22 1.54
C SER B 323 -11.07 -21.85 0.09
N ILE B 324 -10.43 -20.81 -0.42
CA ILE B 324 -10.65 -20.34 -1.79
C ILE B 324 -9.33 -20.45 -2.54
N VAL B 325 -9.32 -21.26 -3.60
CA VAL B 325 -8.19 -21.38 -4.50
C VAL B 325 -8.65 -20.96 -5.88
N ALA B 326 -7.93 -20.02 -6.49
CA ALA B 326 -8.29 -19.50 -7.80
C ALA B 326 -7.03 -19.31 -8.63
N GLN B 327 -7.18 -19.46 -9.95
CA GLN B 327 -6.06 -19.25 -10.85
C GLN B 327 -6.57 -18.68 -12.16
N VAL B 328 -5.75 -17.84 -12.78
CA VAL B 328 -5.99 -17.40 -14.15
C VAL B 328 -5.44 -18.47 -15.07
N ASP B 329 -6.33 -19.16 -15.79
CA ASP B 329 -5.90 -20.32 -16.57
C ASP B 329 -4.86 -19.94 -17.61
N GLN B 330 -5.02 -18.79 -18.25
CA GLN B 330 -4.13 -18.41 -19.35
C GLN B 330 -2.70 -18.15 -18.88
N THR B 331 -2.48 -17.85 -17.61
CA THR B 331 -1.16 -17.52 -17.11
C THR B 331 -0.69 -18.39 -15.95
N GLY B 332 -1.56 -19.24 -15.39
CA GLY B 332 -1.18 -20.03 -14.25
C GLY B 332 -0.96 -19.25 -12.97
N SER B 333 -1.38 -17.99 -12.92
CA SER B 333 -1.28 -17.20 -11.71
C SER B 333 -2.33 -17.67 -10.72
N LYS B 334 -1.89 -18.16 -9.56
CA LYS B 334 -2.77 -18.79 -8.58
C LYS B 334 -2.80 -17.99 -7.28
N SER B 335 -3.95 -18.06 -6.60
CA SER B 335 -4.12 -17.48 -5.27
C SER B 335 -4.79 -18.50 -4.38
N SER B 336 -4.27 -18.68 -3.17
CA SER B 336 -4.82 -19.58 -2.18
C SER B 336 -5.04 -18.82 -0.89
N ASN B 337 -6.22 -18.98 -0.29
CA ASN B 337 -6.59 -18.20 0.88
C ASN B 337 -7.46 -19.02 1.81
N LEU B 338 -7.32 -18.75 3.11
CA LEU B 338 -8.11 -19.38 4.15
C LEU B 338 -8.74 -18.29 5.01
N LEU B 339 -10.06 -18.33 5.16
CA LEU B 339 -10.79 -17.31 5.88
C LEU B 339 -11.68 -17.94 6.95
N ASP B 340 -11.87 -17.20 8.05
CA ASP B 340 -12.73 -17.63 9.14
C ASP B 340 -14.05 -16.87 9.02
N LEU B 341 -15.10 -17.58 8.62
CA LEU B 341 -16.40 -16.94 8.43
C LEU B 341 -16.98 -16.40 9.73
N LYS B 342 -16.52 -16.89 10.88
CA LYS B 342 -17.10 -16.46 12.15
C LYS B 342 -16.67 -15.05 12.52
N ASN B 343 -15.49 -14.62 12.11
CA ASN B 343 -14.90 -13.35 12.54
C ASN B 343 -14.69 -12.42 11.35
N PRO B 344 -15.78 -11.91 10.77
CA PRO B 344 -15.66 -10.97 9.65
C PRO B 344 -15.34 -9.57 10.12
N PHE B 345 -14.90 -8.74 9.16
CA PHE B 345 -14.69 -7.33 9.37
C PHE B 345 -15.91 -6.58 8.86
N PHE B 346 -16.62 -5.90 9.76
CA PHE B 346 -17.80 -5.13 9.40
C PHE B 346 -17.34 -3.74 8.97
N ARG B 347 -17.31 -3.52 7.66
CA ARG B 347 -16.74 -2.30 7.09
C ARG B 347 -17.77 -1.20 6.89
N TYR B 348 -19.05 -1.55 6.73
CA TYR B 348 -20.08 -0.55 6.48
C TYR B 348 -20.02 0.54 7.53
N THR B 349 -19.76 1.75 7.09
CA THR B 349 -19.52 2.88 7.99
C THR B 349 -20.83 3.55 8.41
N SER C 7 37.78 -12.38 -25.47
CA SER C 7 36.45 -12.94 -25.69
C SER C 7 35.73 -12.22 -26.83
N VAL C 8 34.83 -12.94 -27.51
CA VAL C 8 34.09 -12.36 -28.63
C VAL C 8 33.36 -11.10 -28.20
N PHE C 9 32.80 -11.10 -26.99
CA PHE C 9 32.03 -9.95 -26.53
C PHE C 9 32.93 -8.75 -26.29
N SER C 10 34.00 -8.93 -25.52
CA SER C 10 34.90 -7.81 -25.21
C SER C 10 35.47 -7.21 -26.48
N GLU C 11 35.74 -8.04 -27.50
CA GLU C 11 36.36 -7.54 -28.73
C GLU C 11 35.45 -6.56 -29.46
N ARG C 12 34.16 -6.87 -29.55
CA ARG C 12 33.20 -6.08 -30.30
C ARG C 12 32.52 -5.00 -29.46
N THR C 13 32.84 -4.90 -28.17
CA THR C 13 32.14 -4.00 -27.27
C THR C 13 33.14 -3.10 -26.55
N GLU C 14 32.83 -1.80 -26.50
CA GLU C 14 33.61 -0.87 -25.69
C GLU C 14 33.24 -1.03 -24.22
N GLU C 15 34.25 -0.93 -23.36
CA GLU C 15 34.03 -1.17 -21.94
C GLU C 15 33.06 -0.15 -21.34
N SER C 16 33.17 1.12 -21.77
CA SER C 16 32.26 2.14 -21.27
C SER C 16 30.80 1.77 -21.56
N SER C 17 30.53 1.28 -22.77
CA SER C 17 29.17 0.87 -23.12
C SER C 17 28.73 -0.33 -22.28
N ALA C 18 29.62 -1.30 -22.10
CA ALA C 18 29.25 -2.51 -21.37
C ALA C 18 28.92 -2.20 -19.92
N VAL C 19 29.65 -1.25 -19.31
CA VAL C 19 29.43 -0.93 -17.90
C VAL C 19 28.02 -0.37 -17.71
N GLN C 20 27.67 0.66 -18.48
CA GLN C 20 26.33 1.25 -18.36
C GLN C 20 25.25 0.27 -18.80
N TYR C 21 25.56 -0.59 -19.77
CA TYR C 21 24.56 -1.53 -20.27
C TYR C 21 24.13 -2.51 -19.18
N PHE C 22 25.10 -3.21 -18.61
CA PHE C 22 24.76 -4.24 -17.63
C PHE C 22 24.37 -3.67 -16.28
N GLN C 23 24.78 -2.44 -15.97
CA GLN C 23 24.27 -1.75 -14.79
C GLN C 23 22.77 -1.55 -14.91
N PHE C 24 22.31 -1.09 -16.08
CA PHE C 24 20.88 -0.87 -16.29
C PHE C 24 20.10 -2.14 -16.03
N TYR C 25 20.60 -3.27 -16.53
CA TYR C 25 19.86 -4.53 -16.38
C TYR C 25 20.00 -5.16 -15.01
N GLY C 26 20.86 -4.61 -14.15
CA GLY C 26 20.92 -5.07 -12.78
C GLY C 26 19.82 -4.53 -11.89
N TYR C 27 18.95 -3.68 -12.43
CA TYR C 27 17.88 -3.07 -11.68
C TYR C 27 16.62 -3.92 -11.77
N LEU C 28 16.06 -4.26 -10.61
CA LEU C 28 14.80 -4.99 -10.58
C LEU C 28 13.68 -4.19 -11.23
N SER C 29 13.72 -2.85 -11.11
CA SER C 29 12.68 -2.04 -11.72
C SER C 29 12.61 -2.24 -13.23
N GLN C 30 13.76 -2.48 -13.86
CA GLN C 30 13.77 -2.70 -15.30
C GLN C 30 13.25 -4.08 -15.65
N GLN C 31 13.57 -5.09 -14.82
CA GLN C 31 12.96 -6.40 -14.98
C GLN C 31 11.44 -6.30 -14.89
N GLN C 32 10.95 -5.54 -13.90
CA GLN C 32 9.50 -5.39 -13.74
C GLN C 32 8.87 -4.76 -14.97
N ASN C 33 9.49 -3.72 -15.52
CA ASN C 33 8.95 -3.08 -16.72
C ASN C 33 8.77 -4.09 -17.84
N MET C 34 9.78 -4.95 -18.06
CA MET C 34 9.68 -5.96 -19.10
C MET C 34 8.65 -7.03 -18.73
N MET C 35 8.69 -7.51 -17.49
CA MET C 35 7.77 -8.56 -17.08
C MET C 35 6.32 -8.11 -17.18
N GLN C 36 6.04 -6.86 -16.84
CA GLN C 36 4.68 -6.36 -16.86
C GLN C 36 4.18 -6.08 -18.27
N ASP C 37 5.04 -6.13 -19.28
CA ASP C 37 4.60 -6.07 -20.67
C ASP C 37 3.85 -7.37 -20.97
N TYR C 38 2.52 -7.32 -20.88
CA TYR C 38 1.73 -8.55 -20.95
C TYR C 38 1.94 -9.26 -22.27
N VAL C 39 1.86 -8.52 -23.38
CA VAL C 39 2.05 -9.15 -24.68
C VAL C 39 3.36 -9.92 -24.71
N ARG C 40 4.42 -9.32 -24.19
CA ARG C 40 5.75 -9.92 -24.31
C ARG C 40 5.90 -11.12 -23.40
N THR C 41 5.50 -10.99 -22.13
CA THR C 41 5.68 -12.08 -21.18
C THR C 41 4.64 -13.18 -21.40
N GLY C 42 3.39 -12.81 -21.66
CA GLY C 42 2.37 -13.82 -21.91
C GLY C 42 2.64 -14.61 -23.18
N THR C 43 3.06 -13.93 -24.24
CA THR C 43 3.36 -14.63 -25.50
C THR C 43 4.50 -15.63 -25.31
N TYR C 44 5.56 -15.22 -24.62
CA TYR C 44 6.65 -16.15 -24.35
C TYR C 44 6.16 -17.37 -23.56
N GLN C 45 5.30 -17.15 -22.56
CA GLN C 45 4.75 -18.26 -21.81
C GLN C 45 3.93 -19.18 -22.69
N ARG C 46 3.03 -18.60 -23.51
CA ARG C 46 2.19 -19.42 -24.37
C ARG C 46 3.04 -20.19 -25.38
N ALA C 47 4.07 -19.55 -25.94
CA ALA C 47 4.92 -20.24 -26.90
C ALA C 47 5.58 -21.46 -26.27
N ILE C 48 6.02 -21.34 -25.02
CA ILE C 48 6.75 -22.43 -24.37
C ILE C 48 5.79 -23.53 -23.91
N LEU C 49 4.72 -23.16 -23.19
CA LEU C 49 3.85 -24.18 -22.61
C LEU C 49 3.06 -24.92 -23.68
N GLN C 50 2.64 -24.23 -24.74
CA GLN C 50 1.88 -24.89 -25.79
C GLN C 50 2.75 -25.80 -26.66
N ASN C 51 4.06 -25.54 -26.72
CA ASN C 51 5.02 -26.45 -27.35
C ASN C 51 5.77 -27.27 -26.30
N HIS C 52 5.01 -27.95 -25.43
CA HIS C 52 5.63 -28.60 -24.28
C HIS C 52 6.57 -29.72 -24.69
N THR C 53 6.32 -30.38 -25.83
CA THR C 53 7.21 -31.46 -26.25
C THR C 53 8.61 -30.94 -26.53
N ASP C 54 8.74 -29.68 -26.94
CA ASP C 54 10.05 -29.09 -27.17
C ASP C 54 10.83 -28.88 -25.89
N PHE C 55 10.22 -29.08 -24.72
CA PHE C 55 10.88 -28.81 -23.45
C PHE C 55 10.84 -30.02 -22.52
N LYS C 56 9.82 -30.84 -22.62
CA LYS C 56 9.65 -31.97 -21.72
C LYS C 56 10.91 -32.84 -21.73
N ASP C 57 11.56 -32.92 -20.56
CA ASP C 57 12.75 -33.75 -20.36
C ASP C 57 13.90 -33.32 -21.26
N LYS C 58 13.93 -32.06 -21.67
CA LYS C 58 14.99 -31.54 -22.51
C LYS C 58 15.98 -30.73 -21.68
N ILE C 59 17.12 -30.42 -22.29
CA ILE C 59 18.12 -29.53 -21.72
C ILE C 59 17.99 -28.19 -22.41
N VAL C 60 17.96 -27.11 -21.62
CA VAL C 60 17.63 -25.79 -22.13
C VAL C 60 18.74 -24.81 -21.76
N LEU C 61 18.95 -23.83 -22.64
CA LEU C 61 19.81 -22.69 -22.37
C LEU C 61 18.99 -21.41 -22.46
N ASP C 62 19.07 -20.58 -21.43
CA ASP C 62 18.41 -19.28 -21.39
C ASP C 62 19.49 -18.22 -21.43
N VAL C 63 19.63 -17.56 -22.57
CA VAL C 63 20.67 -16.55 -22.78
C VAL C 63 20.14 -15.20 -22.33
N GLY C 64 20.81 -14.61 -21.33
CA GLY C 64 20.35 -13.35 -20.77
C GLY C 64 19.04 -13.53 -20.01
N CYS C 65 19.05 -14.44 -19.03
CA CYS C 65 17.83 -14.82 -18.35
C CYS C 65 17.26 -13.71 -17.48
N GLY C 66 18.06 -12.70 -17.15
CA GLY C 66 17.58 -11.65 -16.26
C GLY C 66 17.12 -12.25 -14.94
N SER C 67 15.87 -11.96 -14.56
CA SER C 67 15.30 -12.54 -13.36
C SER C 67 15.09 -14.05 -13.46
N GLY C 68 15.25 -14.63 -14.65
CA GLY C 68 15.04 -16.05 -14.84
C GLY C 68 13.64 -16.44 -15.24
N ILE C 69 12.78 -15.48 -15.58
CA ILE C 69 11.37 -15.77 -15.81
C ILE C 69 11.18 -16.77 -16.93
N LEU C 70 11.98 -16.65 -18.00
CA LEU C 70 11.83 -17.59 -19.11
C LEU C 70 12.23 -19.01 -18.72
N SER C 71 13.20 -19.14 -17.81
CA SER C 71 13.58 -20.47 -17.35
C SER C 71 12.48 -21.11 -16.51
N PHE C 72 11.75 -20.30 -15.73
CA PHE C 72 10.63 -20.85 -14.98
C PHE C 72 9.52 -21.35 -15.90
N PHE C 73 9.32 -20.67 -17.04
CA PHE C 73 8.36 -21.18 -18.01
C PHE C 73 8.83 -22.52 -18.59
N ALA C 74 10.10 -22.60 -18.96
CA ALA C 74 10.64 -23.87 -19.46
C ALA C 74 10.54 -24.96 -18.40
N ALA C 75 10.71 -24.59 -17.13
CA ALA C 75 10.54 -25.56 -16.04
C ALA C 75 9.08 -25.98 -15.93
N GLN C 76 8.15 -25.04 -16.10
CA GLN C 76 6.73 -25.37 -16.10
C GLN C 76 6.38 -26.32 -17.24
N ALA C 77 7.17 -26.32 -18.33
CA ALA C 77 6.91 -27.15 -19.49
C ALA C 77 7.51 -28.53 -19.39
N GLY C 78 8.34 -28.80 -18.38
CA GLY C 78 8.91 -30.11 -18.17
C GLY C 78 10.39 -30.26 -18.46
N ALA C 79 11.12 -29.16 -18.60
CA ALA C 79 12.55 -29.26 -18.87
C ALA C 79 13.27 -29.98 -17.74
N ARG C 80 14.20 -30.87 -18.11
CA ARG C 80 14.97 -31.60 -17.12
C ARG C 80 16.08 -30.74 -16.53
N LYS C 81 16.77 -29.98 -17.36
CA LYS C 81 17.85 -29.10 -16.92
C LYS C 81 17.82 -27.82 -17.72
N ILE C 82 17.99 -26.69 -17.04
CA ILE C 82 18.00 -25.37 -17.68
C ILE C 82 19.22 -24.61 -17.17
N TYR C 83 20.06 -24.17 -18.10
CA TYR C 83 21.19 -23.31 -17.77
C TYR C 83 20.81 -21.88 -18.09
N ALA C 84 20.74 -21.05 -17.06
CA ALA C 84 20.32 -19.65 -17.19
C ALA C 84 21.55 -18.77 -17.04
N VAL C 85 21.98 -18.16 -18.14
CA VAL C 85 23.16 -17.30 -18.16
C VAL C 85 22.72 -15.84 -18.12
N GLU C 86 23.32 -15.07 -17.22
CA GLU C 86 23.03 -13.65 -17.09
C GLU C 86 24.31 -12.93 -16.71
N ALA C 87 24.64 -11.87 -17.43
CA ALA C 87 25.89 -11.14 -17.19
C ALA C 87 25.73 -10.01 -16.20
N SER C 88 24.51 -9.46 -16.06
CA SER C 88 24.27 -8.40 -15.09
C SER C 88 24.27 -8.98 -13.67
N THR C 89 24.19 -8.08 -12.69
CA THR C 89 24.04 -8.50 -11.30
C THR C 89 22.69 -9.14 -11.04
N MET C 90 21.77 -9.13 -12.02
CA MET C 90 20.49 -9.80 -11.86
C MET C 90 20.66 -11.30 -11.68
N ALA C 91 21.81 -11.87 -12.05
CA ALA C 91 22.03 -13.30 -11.86
C ALA C 91 21.87 -13.70 -10.40
N GLN C 92 22.23 -12.80 -9.47
CA GLN C 92 22.07 -13.10 -8.06
C GLN C 92 20.60 -13.22 -7.69
N HIS C 93 19.78 -12.26 -8.13
CA HIS C 93 18.35 -12.32 -7.83
C HIS C 93 17.70 -13.53 -8.47
N ALA C 94 18.15 -13.91 -9.66
CA ALA C 94 17.62 -15.11 -10.30
C ALA C 94 17.93 -16.35 -9.48
N GLU C 95 19.12 -16.39 -8.88
CA GLU C 95 19.46 -17.51 -7.99
C GLU C 95 18.53 -17.55 -6.78
N VAL C 96 18.23 -16.40 -6.19
CA VAL C 96 17.31 -16.34 -5.07
C VAL C 96 15.95 -16.89 -5.46
N LEU C 97 15.49 -16.58 -6.68
CA LEU C 97 14.20 -17.07 -7.13
C LEU C 97 14.23 -18.56 -7.40
N VAL C 98 15.36 -19.07 -7.91
CA VAL C 98 15.47 -20.50 -8.19
C VAL C 98 15.34 -21.29 -6.89
N LYS C 99 15.98 -20.82 -5.82
CA LYS C 99 15.91 -21.52 -4.55
C LYS C 99 14.52 -21.40 -3.94
N SER C 100 13.95 -20.19 -3.95
CA SER C 100 12.65 -19.98 -3.33
C SER C 100 11.55 -20.76 -4.02
N ASN C 101 11.73 -21.08 -5.30
CA ASN C 101 10.76 -21.85 -6.06
C ASN C 101 11.10 -23.34 -6.08
N ASN C 102 12.06 -23.76 -5.27
CA ASN C 102 12.43 -25.17 -5.13
C ASN C 102 12.74 -25.80 -6.48
N LEU C 103 13.65 -25.16 -7.22
CA LEU C 103 14.05 -25.63 -8.54
C LEU C 103 15.57 -25.67 -8.68
N THR C 104 16.30 -25.74 -7.58
CA THR C 104 17.76 -25.78 -7.66
C THR C 104 18.26 -27.02 -8.39
N ASP C 105 17.47 -28.09 -8.43
CA ASP C 105 17.85 -29.30 -9.14
C ASP C 105 17.65 -29.21 -10.64
N ARG C 106 16.94 -28.18 -11.12
CA ARG C 106 16.54 -28.11 -12.51
C ARG C 106 16.92 -26.81 -13.21
N ILE C 107 17.26 -25.75 -12.47
CA ILE C 107 17.70 -24.49 -13.06
C ILE C 107 19.05 -24.14 -12.47
N VAL C 108 20.05 -24.00 -13.33
CA VAL C 108 21.41 -23.64 -12.93
C VAL C 108 21.68 -22.25 -13.45
N VAL C 109 21.83 -21.29 -12.54
CA VAL C 109 22.14 -19.91 -12.91
C VAL C 109 23.65 -19.78 -13.06
N ILE C 110 24.08 -19.35 -14.24
CA ILE C 110 25.50 -19.15 -14.52
C ILE C 110 25.75 -17.66 -14.71
N PRO C 111 26.33 -16.97 -13.73
CA PRO C 111 26.64 -15.54 -13.94
C PRO C 111 27.77 -15.37 -14.94
N GLY C 112 27.63 -14.37 -15.80
CA GLY C 112 28.63 -14.03 -16.79
C GLY C 112 28.05 -13.92 -18.17
N LYS C 113 28.91 -13.56 -19.11
CA LYS C 113 28.50 -13.40 -20.50
C LYS C 113 28.51 -14.74 -21.21
N VAL C 114 27.49 -14.96 -22.05
CA VAL C 114 27.37 -16.25 -22.73
C VAL C 114 28.57 -16.53 -23.61
N GLU C 115 29.33 -15.50 -23.97
CA GLU C 115 30.55 -15.68 -24.75
C GLU C 115 31.73 -16.15 -23.91
N GLU C 116 31.62 -16.11 -22.58
CA GLU C 116 32.73 -16.35 -21.68
C GLU C 116 32.51 -17.46 -20.66
N VAL C 117 31.26 -17.89 -20.45
CA VAL C 117 30.98 -18.96 -19.50
C VAL C 117 31.18 -20.30 -20.18
N SER C 118 31.15 -21.38 -19.40
CA SER C 118 31.28 -22.73 -19.90
C SER C 118 30.08 -23.54 -19.44
N LEU C 119 29.40 -24.19 -20.39
CA LEU C 119 28.33 -25.10 -20.02
C LEU C 119 28.86 -26.51 -19.86
N PRO C 120 28.38 -27.27 -18.87
CA PRO C 120 28.86 -28.66 -18.71
C PRO C 120 28.46 -29.57 -19.85
N GLU C 121 27.54 -29.17 -20.72
CA GLU C 121 27.01 -30.07 -21.73
C GLU C 121 26.24 -29.25 -22.76
N GLN C 122 25.92 -29.91 -23.88
CA GLN C 122 25.13 -29.29 -24.94
C GLN C 122 23.64 -29.35 -24.59
N VAL C 123 22.86 -28.54 -25.30
CA VAL C 123 21.44 -28.36 -24.99
C VAL C 123 20.60 -28.70 -26.21
N ASP C 124 19.33 -28.99 -25.95
CA ASP C 124 18.38 -29.31 -27.01
C ASP C 124 17.68 -28.09 -27.57
N ILE C 125 17.58 -27.01 -26.81
CA ILE C 125 16.84 -25.83 -27.23
C ILE C 125 17.38 -24.63 -26.47
N ILE C 126 17.52 -23.51 -27.17
CA ILE C 126 17.94 -22.24 -26.59
C ILE C 126 16.73 -21.31 -26.57
N ILE C 127 16.52 -20.65 -25.43
CA ILE C 127 15.49 -19.63 -25.30
C ILE C 127 16.18 -18.32 -24.95
N SER C 128 15.59 -17.22 -25.37
CA SER C 128 16.13 -15.91 -25.05
C SER C 128 15.12 -14.85 -25.47
N GLU C 129 15.32 -13.65 -24.93
CA GLU C 129 14.58 -12.45 -25.35
C GLU C 129 15.63 -11.41 -25.70
N PRO C 130 16.26 -11.55 -26.87
CA PRO C 130 17.37 -10.65 -27.21
C PRO C 130 17.01 -9.48 -28.11
N MET C 131 15.72 -9.16 -28.20
CA MET C 131 15.26 -8.11 -29.10
C MET C 131 15.34 -6.75 -28.42
N GLY C 132 16.10 -5.82 -29.02
CA GLY C 132 16.02 -4.43 -28.67
C GLY C 132 15.01 -3.71 -29.54
N TYR C 133 14.90 -2.39 -29.34
CA TYR C 133 14.02 -1.63 -30.21
C TYR C 133 14.63 -1.58 -31.61
N MET C 134 13.77 -1.59 -32.62
CA MET C 134 14.16 -1.86 -33.99
C MET C 134 14.83 -3.23 -34.11
N LEU C 135 14.53 -4.13 -33.16
CA LEU C 135 15.06 -5.49 -33.13
C LEU C 135 16.55 -5.52 -32.79
N PHE C 136 17.38 -4.84 -33.59
CA PHE C 136 18.82 -5.08 -33.55
C PHE C 136 19.55 -4.30 -32.48
N ASN C 137 18.96 -3.25 -31.90
CA ASN C 137 19.66 -2.50 -30.87
C ASN C 137 20.10 -3.40 -29.73
N GLU C 138 21.21 -3.02 -29.09
CA GLU C 138 21.85 -3.75 -27.99
C GLU C 138 22.81 -4.81 -28.51
N ARG C 139 22.60 -5.26 -29.76
CA ARG C 139 23.43 -6.29 -30.37
C ARG C 139 23.38 -7.58 -29.57
N MET C 140 22.26 -7.84 -28.90
CA MET C 140 22.08 -9.10 -28.19
C MET C 140 21.79 -10.26 -29.14
N LEU C 141 21.28 -9.99 -30.34
CA LEU C 141 21.05 -11.06 -31.29
C LEU C 141 22.34 -11.80 -31.62
N GLU C 142 23.48 -11.11 -31.55
CA GLU C 142 24.75 -11.78 -31.83
C GLU C 142 25.16 -12.70 -30.68
N SER C 143 24.88 -12.28 -29.44
CA SER C 143 25.07 -13.19 -28.31
C SER C 143 24.14 -14.40 -28.43
N TYR C 144 22.89 -14.16 -28.84
CA TYR C 144 21.93 -15.24 -29.03
C TYR C 144 22.42 -16.24 -30.07
N LEU C 145 22.98 -15.75 -31.18
CA LEU C 145 23.50 -16.66 -32.20
C LEU C 145 24.81 -17.29 -31.77
N HIS C 146 25.66 -16.55 -31.08
CA HIS C 146 26.90 -17.10 -30.55
C HIS C 146 26.63 -18.33 -29.68
N ALA C 147 25.50 -18.34 -28.98
CA ALA C 147 25.17 -19.44 -28.08
C ALA C 147 24.91 -20.75 -28.81
N LYS C 148 24.71 -20.71 -30.13
CA LYS C 148 24.48 -21.94 -30.88
C LYS C 148 25.67 -22.89 -30.84
N LYS C 149 26.82 -22.44 -30.36
CA LYS C 149 27.94 -23.34 -30.12
C LYS C 149 27.63 -24.37 -29.05
N TYR C 150 26.56 -24.17 -28.27
CA TYR C 150 26.12 -25.13 -27.27
C TYR C 150 24.91 -25.94 -27.75
N LEU C 151 24.44 -25.73 -28.96
CA LEU C 151 23.20 -26.32 -29.44
C LEU C 151 23.49 -27.65 -30.14
N LYS C 152 22.69 -28.66 -29.83
CA LYS C 152 22.83 -29.94 -30.50
C LYS C 152 22.45 -29.82 -31.98
N PRO C 153 23.05 -30.63 -32.85
CA PRO C 153 22.71 -30.57 -34.29
C PRO C 153 21.23 -30.37 -34.58
N SER C 154 20.35 -31.11 -33.91
CA SER C 154 18.93 -31.04 -34.17
C SER C 154 18.20 -30.04 -33.28
N GLY C 155 18.93 -29.16 -32.59
CA GLY C 155 18.31 -28.31 -31.61
C GLY C 155 17.50 -27.18 -32.21
N ASN C 156 16.66 -26.58 -31.38
CA ASN C 156 15.75 -25.51 -31.78
C ASN C 156 16.12 -24.21 -31.08
N MET C 157 15.45 -23.13 -31.51
CA MET C 157 15.69 -21.80 -30.97
C MET C 157 14.35 -21.10 -30.76
N PHE C 158 14.16 -20.56 -29.56
CA PHE C 158 12.93 -19.85 -29.20
C PHE C 158 13.29 -18.44 -28.76
N PRO C 159 13.08 -17.42 -29.61
CA PRO C 159 12.43 -17.46 -30.92
C PRO C 159 13.28 -18.07 -32.04
N THR C 160 12.62 -18.46 -33.13
CA THR C 160 13.27 -19.14 -34.24
C THR C 160 13.67 -18.18 -35.35
N ILE C 161 12.84 -17.19 -35.66
CA ILE C 161 13.12 -16.22 -36.71
C ILE C 161 12.63 -14.85 -36.26
N GLY C 162 13.20 -13.82 -36.87
CA GLY C 162 12.77 -12.46 -36.63
C GLY C 162 12.56 -11.73 -37.93
N ASP C 163 11.46 -10.97 -37.98
CA ASP C 163 11.11 -10.18 -39.16
C ASP C 163 11.14 -8.70 -38.79
N VAL C 164 11.95 -7.93 -39.50
CA VAL C 164 11.97 -6.47 -39.39
C VAL C 164 11.13 -5.90 -40.52
N HIS C 165 10.19 -5.04 -40.19
CA HIS C 165 9.29 -4.44 -41.17
C HIS C 165 9.64 -2.97 -41.35
N LEU C 166 9.72 -2.53 -42.60
CA LEU C 166 9.96 -1.14 -42.95
C LEU C 166 8.82 -0.64 -43.84
N ALA C 167 8.39 0.60 -43.62
CA ALA C 167 7.31 1.20 -44.39
C ALA C 167 7.47 2.70 -44.40
N PRO C 168 7.23 3.35 -45.54
CA PRO C 168 7.33 4.82 -45.57
C PRO C 168 6.09 5.45 -44.94
N PHE C 169 6.31 6.57 -44.23
CA PHE C 169 5.24 7.25 -43.54
C PHE C 169 5.26 8.74 -43.89
N THR C 170 4.10 9.37 -43.71
CA THR C 170 3.96 10.82 -43.81
C THR C 170 3.54 11.36 -42.45
N ASP C 171 4.27 12.37 -41.97
CA ASP C 171 3.97 12.97 -40.67
C ASP C 171 4.55 14.39 -40.70
N GLU C 172 3.77 15.33 -41.23
CA GLU C 172 4.25 16.70 -41.37
C GLU C 172 4.64 17.30 -40.04
N GLN C 173 3.90 16.99 -38.98
CA GLN C 173 4.18 17.59 -37.68
C GLN C 173 5.50 17.10 -37.11
N LEU C 174 5.79 15.80 -37.23
CA LEU C 174 7.06 15.27 -36.74
C LEU C 174 8.23 15.93 -37.46
N TYR C 175 8.14 16.06 -38.79
CA TYR C 175 9.21 16.68 -39.55
C TYR C 175 9.40 18.14 -39.14
N MET C 176 8.31 18.90 -39.13
CA MET C 176 8.42 20.33 -38.82
C MET C 176 8.91 20.55 -37.39
N GLU C 177 8.64 19.61 -36.50
CA GLU C 177 9.04 19.76 -35.10
C GLU C 177 10.55 19.84 -34.97
N GLN C 178 11.29 19.19 -35.87
CA GLN C 178 12.75 19.22 -35.78
C GLN C 178 13.28 20.65 -35.92
N PHE C 179 12.66 21.43 -36.81
CA PHE C 179 13.11 22.81 -37.01
C PHE C 179 12.54 23.76 -35.97
N THR C 180 11.35 23.46 -35.45
CA THR C 180 10.83 24.25 -34.33
C THR C 180 11.75 24.15 -33.12
N LYS C 181 12.26 22.96 -32.84
CA LYS C 181 13.19 22.81 -31.73
C LYS C 181 14.52 23.48 -32.02
N ALA C 182 15.05 23.29 -33.24
CA ALA C 182 16.33 23.89 -33.57
C ALA C 182 16.27 25.41 -33.59
N ASN C 183 15.11 25.97 -33.95
CA ASN C 183 14.99 27.42 -34.05
C ASN C 183 15.16 28.14 -32.72
N PHE C 184 15.30 27.41 -31.62
CA PHE C 184 15.74 28.05 -30.38
C PHE C 184 17.02 28.85 -30.62
N TRP C 185 17.93 28.29 -31.42
CA TRP C 185 19.22 28.93 -31.67
C TRP C 185 19.14 30.04 -32.70
N TYR C 186 18.05 30.12 -33.48
CA TYR C 186 17.91 31.18 -34.48
C TYR C 186 17.33 32.43 -33.80
N GLN C 187 18.18 33.02 -32.96
CA GLN C 187 17.83 34.15 -32.12
C GLN C 187 18.98 35.14 -32.09
N PRO C 188 18.77 36.42 -32.41
CA PRO C 188 19.90 37.35 -32.47
C PRO C 188 20.33 37.89 -31.12
N SER C 189 19.52 37.74 -30.07
CA SER C 189 19.89 38.28 -28.77
C SER C 189 19.23 37.43 -27.67
N PHE C 190 19.76 36.23 -27.48
CA PHE C 190 19.45 35.43 -26.30
C PHE C 190 20.24 36.03 -25.14
N HIS C 191 19.57 36.81 -24.29
CA HIS C 191 20.24 37.51 -23.20
C HIS C 191 21.43 38.31 -23.71
N GLY C 192 21.30 38.82 -24.95
CA GLY C 192 22.35 39.59 -25.58
C GLY C 192 23.29 38.81 -26.46
N VAL C 193 23.10 37.50 -26.61
CA VAL C 193 24.00 36.65 -27.38
C VAL C 193 23.29 36.18 -28.64
N ASP C 194 23.94 36.35 -29.78
CA ASP C 194 23.42 35.86 -31.06
C ASP C 194 23.76 34.37 -31.17
N LEU C 195 22.72 33.52 -31.16
CA LEU C 195 22.91 32.08 -31.17
C LEU C 195 22.81 31.47 -32.57
N SER C 196 22.51 32.29 -33.59
CA SER C 196 22.08 31.76 -34.87
C SER C 196 23.13 30.90 -35.56
N ALA C 197 24.41 31.07 -35.22
CA ALA C 197 25.45 30.30 -35.89
C ALA C 197 25.38 28.82 -35.56
N LEU C 198 24.66 28.44 -34.50
CA LEU C 198 24.56 27.04 -34.09
C LEU C 198 23.26 26.37 -34.52
N ARG C 199 22.36 27.10 -35.20
CA ARG C 199 21.07 26.52 -35.55
C ARG C 199 21.23 25.32 -36.47
N GLY C 200 22.19 25.38 -37.39
CA GLY C 200 22.39 24.27 -38.31
C GLY C 200 22.92 23.04 -37.59
N ALA C 201 23.76 23.24 -36.59
CA ALA C 201 24.26 22.11 -35.80
C ALA C 201 23.15 21.49 -34.98
N ALA C 202 22.24 22.31 -34.45
CA ALA C 202 21.09 21.78 -33.72
C ALA C 202 20.19 20.96 -34.63
N VAL C 203 19.99 21.43 -35.87
CA VAL C 203 19.19 20.67 -36.82
C VAL C 203 19.85 19.33 -37.12
N ASP C 204 21.17 19.34 -37.33
CA ASP C 204 21.88 18.09 -37.59
C ASP C 204 21.73 17.12 -36.43
N GLU C 205 21.79 17.63 -35.21
CA GLU C 205 21.73 16.78 -34.01
C GLU C 205 20.38 16.07 -33.91
N TYR C 206 19.29 16.80 -34.13
CA TYR C 206 17.97 16.17 -34.01
C TYR C 206 17.75 15.12 -35.09
N PHE C 207 18.23 15.38 -36.31
CA PHE C 207 17.99 14.45 -37.40
C PHE C 207 18.80 13.17 -37.28
N ARG C 208 19.84 13.16 -36.45
CA ARG C 208 20.58 11.93 -36.17
C ARG C 208 19.86 11.02 -35.17
N GLN C 209 18.75 11.49 -34.59
CA GLN C 209 18.02 10.72 -33.59
C GLN C 209 16.86 10.00 -34.24
N PRO C 210 16.78 8.67 -34.17
CA PRO C 210 15.51 8.01 -34.46
C PRO C 210 14.48 8.35 -33.39
N VAL C 211 13.21 8.22 -33.76
CA VAL C 211 12.10 8.55 -32.87
C VAL C 211 11.44 7.25 -32.41
N VAL C 212 11.48 7.00 -31.10
CA VAL C 212 10.78 5.86 -30.51
C VAL C 212 9.40 6.34 -30.06
N ASP C 213 8.37 5.82 -30.70
CA ASP C 213 7.03 6.38 -30.61
C ASP C 213 6.05 5.29 -31.07
N THR C 214 4.76 5.64 -31.04
CA THR C 214 3.73 4.90 -31.75
C THR C 214 2.96 5.88 -32.63
N PHE C 215 2.13 5.35 -33.51
CA PHE C 215 1.45 6.18 -34.50
C PHE C 215 0.24 5.42 -35.03
N ASP C 216 -0.62 6.17 -35.73
CA ASP C 216 -1.75 5.58 -36.43
C ASP C 216 -1.29 4.99 -37.76
N ILE C 217 -1.77 3.80 -38.08
CA ILE C 217 -1.29 3.10 -39.26
C ILE C 217 -1.63 3.84 -40.55
N ARG C 218 -2.59 4.76 -40.50
CA ARG C 218 -2.96 5.51 -41.69
C ARG C 218 -1.88 6.48 -42.13
N ILE C 219 -0.83 6.71 -41.33
CA ILE C 219 0.29 7.53 -41.79
C ILE C 219 1.24 6.74 -42.70
N LEU C 220 1.11 5.42 -42.73
CA LEU C 220 1.92 4.60 -43.62
C LEU C 220 1.39 4.71 -45.04
N MET C 221 2.29 4.82 -46.01
CA MET C 221 1.92 5.09 -47.39
C MET C 221 2.19 3.92 -48.32
N ALA C 222 2.55 2.76 -47.78
CA ALA C 222 2.80 1.57 -48.60
C ALA C 222 2.95 0.38 -47.69
N LYS C 223 2.68 -0.80 -48.24
CA LYS C 223 2.88 -2.03 -47.49
C LYS C 223 4.35 -2.15 -47.09
N SER C 224 4.58 -2.76 -45.93
CA SER C 224 5.94 -2.88 -45.42
C SER C 224 6.71 -3.92 -46.22
N VAL C 225 8.03 -3.76 -46.23
CA VAL C 225 8.95 -4.80 -46.68
C VAL C 225 9.53 -5.46 -45.44
N LYS C 226 9.78 -6.76 -45.52
CA LYS C 226 10.22 -7.53 -44.36
C LYS C 226 11.59 -8.11 -44.65
N TYR C 227 12.51 -7.93 -43.70
CA TYR C 227 13.84 -8.53 -43.73
C TYR C 227 13.90 -9.57 -42.62
N THR C 228 14.05 -10.84 -42.99
CA THR C 228 13.93 -11.95 -42.07
C THR C 228 15.30 -12.48 -41.66
N VAL C 229 15.46 -12.76 -40.38
CA VAL C 229 16.67 -13.39 -39.84
C VAL C 229 16.25 -14.74 -39.28
N ASN C 230 16.75 -15.81 -39.89
CA ASN C 230 16.50 -17.17 -39.40
C ASN C 230 17.59 -17.48 -38.38
N PHE C 231 17.24 -17.43 -37.09
CA PHE C 231 18.24 -17.63 -36.05
C PHE C 231 18.86 -19.03 -36.07
N LEU C 232 18.15 -20.01 -36.62
CA LEU C 232 18.71 -21.36 -36.71
C LEU C 232 19.84 -21.43 -37.72
N GLU C 233 19.80 -20.58 -38.75
CA GLU C 233 20.77 -20.62 -39.84
C GLU C 233 21.76 -19.47 -39.81
N ALA C 234 21.33 -18.27 -39.40
CA ALA C 234 22.21 -17.12 -39.42
C ALA C 234 23.37 -17.31 -38.45
N LYS C 235 24.48 -16.63 -38.74
CA LYS C 235 25.66 -16.64 -37.89
C LYS C 235 25.92 -15.23 -37.36
N GLU C 236 26.82 -15.15 -36.38
CA GLU C 236 27.12 -13.87 -35.73
C GLU C 236 27.44 -12.80 -36.77
N GLY C 237 28.33 -13.10 -37.71
CA GLY C 237 28.78 -12.11 -38.67
C GLY C 237 27.70 -11.55 -39.57
N ASP C 238 26.60 -12.29 -39.74
CA ASP C 238 25.52 -11.81 -40.60
C ASP C 238 24.91 -10.51 -40.09
N LEU C 239 25.10 -10.18 -38.81
CA LEU C 239 24.50 -9.00 -38.22
C LEU C 239 25.46 -7.81 -38.13
N HIS C 240 26.73 -8.01 -38.49
CA HIS C 240 27.68 -6.91 -38.44
C HIS C 240 27.33 -5.83 -39.46
N ARG C 241 26.79 -6.23 -40.60
CA ARG C 241 26.39 -5.30 -41.66
C ARG C 241 25.07 -5.80 -42.22
N ILE C 242 23.99 -5.07 -41.96
CA ILE C 242 22.64 -5.48 -42.33
C ILE C 242 22.16 -4.56 -43.45
N GLU C 243 22.09 -5.09 -44.66
CA GLU C 243 21.61 -4.35 -45.82
C GLU C 243 20.16 -4.74 -46.08
N ILE C 244 19.27 -3.75 -46.03
CA ILE C 244 17.85 -3.98 -46.25
C ILE C 244 17.42 -3.16 -47.46
N PRO C 245 17.44 -3.71 -48.67
CA PRO C 245 16.88 -3.00 -49.82
C PRO C 245 15.36 -2.99 -49.75
N PHE C 246 14.77 -1.96 -50.32
CA PHE C 246 13.31 -1.84 -50.37
C PHE C 246 12.88 -1.25 -51.69
N LYS C 247 11.67 -1.64 -52.11
CA LYS C 247 11.00 -1.10 -53.30
C LYS C 247 9.52 -0.98 -52.91
N PHE C 248 9.15 0.20 -52.43
CA PHE C 248 7.79 0.42 -51.91
C PHE C 248 6.87 0.85 -53.04
N HIS C 249 5.75 0.13 -53.20
CA HIS C 249 4.72 0.52 -54.15
C HIS C 249 3.75 1.45 -53.42
N MET C 250 3.84 2.74 -53.71
CA MET C 250 3.05 3.73 -52.99
C MET C 250 1.56 3.46 -53.15
N LEU C 251 0.88 3.25 -52.03
CA LEU C 251 -0.56 3.11 -52.01
C LEU C 251 -1.28 4.43 -51.82
N HIS C 252 -0.59 5.46 -51.33
CA HIS C 252 -1.15 6.79 -51.14
C HIS C 252 -0.20 7.82 -51.72
N SER C 253 -0.76 8.97 -52.10
CA SER C 253 0.02 10.08 -52.60
C SER C 253 0.24 11.12 -51.50
N GLY C 254 1.46 11.62 -51.40
CA GLY C 254 1.78 12.63 -50.41
C GLY C 254 3.28 12.74 -50.23
N LEU C 255 3.66 13.47 -49.18
CA LEU C 255 5.07 13.64 -48.84
C LEU C 255 5.52 12.51 -47.92
N VAL C 256 6.60 11.84 -48.31
CA VAL C 256 7.20 10.80 -47.50
C VAL C 256 8.28 11.45 -46.64
N HIS C 257 8.10 11.41 -45.33
CA HIS C 257 9.04 12.07 -44.41
C HIS C 257 10.06 11.11 -43.82
N GLY C 258 9.90 9.80 -44.01
CA GLY C 258 10.86 8.86 -43.45
C GLY C 258 10.33 7.43 -43.53
N LEU C 259 10.97 6.56 -42.77
CA LEU C 259 10.64 5.14 -42.71
C LEU C 259 10.28 4.76 -41.28
N ALA C 260 9.26 3.94 -41.14
CA ALA C 260 8.83 3.41 -39.86
C ALA C 260 9.28 1.96 -39.72
N PHE C 261 9.69 1.59 -38.52
CA PHE C 261 10.23 0.26 -38.24
C PHE C 261 9.43 -0.42 -37.14
N TRP C 262 9.19 -1.72 -37.31
CA TRP C 262 8.76 -2.59 -36.21
C TRP C 262 9.28 -3.99 -36.51
N PHE C 263 8.99 -4.93 -35.61
CA PHE C 263 9.51 -6.28 -35.79
C PHE C 263 8.58 -7.32 -35.16
N ASP C 264 8.60 -8.52 -35.74
CA ASP C 264 7.92 -9.68 -35.21
C ASP C 264 8.95 -10.79 -34.99
N VAL C 265 8.64 -11.70 -34.07
CA VAL C 265 9.43 -12.92 -33.89
C VAL C 265 8.47 -14.10 -33.83
N ALA C 266 8.94 -15.25 -34.28
CA ALA C 266 8.14 -16.47 -34.31
C ALA C 266 8.82 -17.56 -33.50
N PHE C 267 8.02 -18.27 -32.72
CA PHE C 267 8.47 -19.46 -31.99
C PHE C 267 7.92 -20.66 -32.74
N ILE C 268 8.78 -21.27 -33.57
CA ILE C 268 8.37 -22.38 -34.44
C ILE C 268 8.58 -23.65 -33.64
N GLY C 269 7.51 -24.13 -33.00
CA GLY C 269 7.56 -25.34 -32.20
C GLY C 269 7.02 -26.56 -32.93
N SER C 270 7.19 -27.72 -32.30
CA SER C 270 6.75 -28.96 -32.90
C SER C 270 5.22 -29.04 -32.96
N ILE C 271 4.54 -28.42 -32.00
CA ILE C 271 3.07 -28.43 -31.99
C ILE C 271 2.51 -27.29 -32.83
N MET C 272 3.00 -26.07 -32.61
CA MET C 272 2.47 -24.90 -33.32
C MET C 272 3.53 -23.82 -33.32
N THR C 273 3.26 -22.78 -34.12
CA THR C 273 4.10 -21.59 -34.19
C THR C 273 3.36 -20.43 -33.55
N VAL C 274 4.04 -19.70 -32.68
CA VAL C 274 3.46 -18.58 -31.94
C VAL C 274 4.24 -17.32 -32.29
N TRP C 275 3.51 -16.24 -32.55
CA TRP C 275 4.08 -14.99 -33.01
C TRP C 275 4.00 -13.93 -31.92
N LEU C 276 5.08 -13.16 -31.78
CA LEU C 276 5.11 -11.97 -30.93
C LEU C 276 5.37 -10.78 -31.85
N SER C 277 4.39 -9.89 -31.99
CA SER C 277 4.47 -8.79 -32.94
C SER C 277 4.45 -7.45 -32.20
N THR C 278 5.29 -6.53 -32.67
CA THR C 278 5.30 -5.15 -32.19
C THR C 278 4.76 -4.19 -33.23
N ALA C 279 3.94 -4.68 -34.17
CA ALA C 279 3.43 -3.85 -35.23
C ALA C 279 2.52 -2.76 -34.67
N PRO C 280 2.38 -1.64 -35.39
CA PRO C 280 1.47 -0.58 -34.94
C PRO C 280 0.01 -0.99 -34.97
N THR C 281 -0.34 -2.06 -35.69
CA THR C 281 -1.70 -2.58 -35.69
C THR C 281 -1.99 -3.48 -34.49
N GLU C 282 -0.97 -3.84 -33.72
CA GLU C 282 -1.12 -4.71 -32.56
C GLU C 282 -1.10 -3.89 -31.27
N PRO C 283 -1.52 -4.48 -30.16
CA PRO C 283 -1.44 -3.76 -28.89
C PRO C 283 0.00 -3.31 -28.59
N LEU C 284 0.12 -2.14 -27.97
CA LEU C 284 1.42 -1.54 -27.75
C LEU C 284 2.29 -2.43 -26.87
N THR C 285 3.58 -2.50 -27.19
CA THR C 285 4.57 -3.17 -26.37
C THR C 285 5.61 -2.17 -25.89
N HIS C 286 6.48 -2.60 -24.98
CA HIS C 286 7.50 -1.69 -24.48
C HIS C 286 8.57 -1.40 -25.54
N TRP C 287 8.54 -2.10 -26.67
CA TRP C 287 9.40 -1.76 -27.80
C TRP C 287 8.83 -0.63 -28.64
N TYR C 288 7.52 -0.37 -28.52
CA TYR C 288 6.87 0.65 -29.33
C TYR C 288 7.19 0.41 -30.80
N GLN C 289 7.43 1.48 -31.56
CA GLN C 289 7.92 1.41 -32.93
C GLN C 289 8.98 2.48 -33.09
N VAL C 290 9.74 2.41 -34.18
CA VAL C 290 10.82 3.34 -34.44
C VAL C 290 10.64 3.97 -35.81
N ARG C 291 10.90 5.27 -35.89
CA ARG C 291 10.80 6.01 -37.13
C ARG C 291 12.08 6.81 -37.36
N CYS C 292 12.58 6.77 -38.59
CA CYS C 292 13.76 7.53 -39.00
C CYS C 292 13.34 8.51 -40.09
N LEU C 293 13.56 9.80 -39.85
CA LEU C 293 13.19 10.82 -40.80
C LEU C 293 14.20 10.91 -41.94
N PHE C 294 13.72 11.31 -43.12
CA PHE C 294 14.58 11.81 -44.18
C PHE C 294 14.95 13.26 -43.88
N GLN C 295 16.13 13.67 -44.37
CA GLN C 295 16.53 15.06 -44.20
C GLN C 295 15.63 15.99 -45.02
N SER C 296 15.08 15.51 -46.13
CA SER C 296 14.13 16.26 -46.94
C SER C 296 13.01 15.31 -47.33
N PRO C 297 11.76 15.77 -47.28
CA PRO C 297 10.65 14.90 -47.70
C PRO C 297 10.68 14.64 -49.19
N LEU C 298 10.14 13.48 -49.57
CA LEU C 298 10.00 13.08 -50.96
C LEU C 298 8.53 13.08 -51.33
N PHE C 299 8.18 13.82 -52.39
CA PHE C 299 6.83 13.74 -52.93
C PHE C 299 6.69 12.44 -53.73
N ALA C 300 5.61 11.72 -53.49
CA ALA C 300 5.32 10.50 -54.23
C ALA C 300 3.84 10.44 -54.54
N LYS C 301 3.52 9.99 -55.75
CA LYS C 301 2.14 9.73 -56.14
C LYS C 301 1.81 8.27 -55.87
N ALA C 302 0.52 8.00 -55.66
CA ALA C 302 0.07 6.62 -55.58
C ALA C 302 0.41 5.90 -56.87
N GLY C 303 1.00 4.71 -56.76
CA GLY C 303 1.46 3.94 -57.89
C GLY C 303 2.95 4.05 -58.13
N ASP C 304 3.57 5.16 -57.73
CA ASP C 304 5.01 5.28 -57.83
C ASP C 304 5.71 4.18 -57.03
N THR C 305 7.02 4.07 -57.21
CA THR C 305 7.84 3.17 -56.43
C THR C 305 8.92 3.98 -55.72
N LEU C 306 9.00 3.81 -54.41
CA LEU C 306 10.02 4.44 -53.59
C LEU C 306 11.06 3.36 -53.25
N SER C 307 12.23 3.47 -53.86
CA SER C 307 13.27 2.46 -53.73
C SER C 307 14.49 3.05 -53.03
N GLY C 308 15.27 2.17 -52.43
CA GLY C 308 16.45 2.59 -51.70
C GLY C 308 16.94 1.47 -50.80
N THR C 309 17.78 1.86 -49.84
CA THR C 309 18.42 0.91 -48.94
C THR C 309 18.44 1.45 -47.53
N CYS C 310 18.18 0.58 -46.56
CA CYS C 310 18.47 0.84 -45.15
C CYS C 310 19.66 -0.03 -44.77
N LEU C 311 20.78 0.61 -44.44
CA LEU C 311 22.03 -0.09 -44.14
C LEU C 311 22.35 0.14 -42.67
N LEU C 312 22.46 -0.95 -41.92
CA LEU C 312 22.76 -0.91 -40.49
C LEU C 312 24.17 -1.43 -40.27
N ILE C 313 25.04 -0.60 -39.71
CA ILE C 313 26.44 -0.93 -39.50
C ILE C 313 26.67 -0.98 -37.99
N ALA C 314 27.02 -2.16 -37.49
CA ALA C 314 27.21 -2.33 -36.05
C ALA C 314 28.42 -1.55 -35.58
N ASN C 315 28.33 -1.01 -34.37
CA ASN C 315 29.42 -0.27 -33.75
C ASN C 315 29.71 -0.85 -32.37
N LYS C 316 30.80 -0.40 -31.77
CA LYS C 316 31.29 -0.96 -30.51
C LYS C 316 30.52 -0.46 -29.30
N ARG C 317 29.48 0.36 -29.47
CA ARG C 317 28.60 0.76 -28.38
C ARG C 317 27.32 -0.07 -28.36
N GLN C 318 27.39 -1.31 -28.84
CA GLN C 318 26.27 -2.24 -28.75
C GLN C 318 25.05 -1.71 -29.50
N SER C 319 25.29 -1.02 -30.60
CA SER C 319 24.18 -0.48 -31.39
C SER C 319 24.63 -0.42 -32.84
N TYR C 320 23.90 0.36 -33.64
CA TYR C 320 24.13 0.45 -35.08
C TYR C 320 24.11 1.90 -35.52
N ASP C 321 24.98 2.22 -36.46
CA ASP C 321 24.85 3.44 -37.25
C ASP C 321 23.91 3.14 -38.41
N ILE C 322 22.88 3.95 -38.58
CA ILE C 322 21.84 3.71 -39.57
C ILE C 322 22.06 4.66 -40.75
N SER C 323 22.05 4.10 -41.96
CA SER C 323 22.17 4.88 -43.19
C SER C 323 20.97 4.56 -44.08
N ILE C 324 20.14 5.57 -44.36
CA ILE C 324 18.97 5.41 -45.21
C ILE C 324 19.17 6.27 -46.45
N VAL C 325 18.90 5.68 -47.62
CA VAL C 325 18.87 6.40 -48.88
C VAL C 325 17.63 5.92 -49.62
N ALA C 326 16.84 6.85 -50.14
CA ALA C 326 15.61 6.52 -50.85
C ALA C 326 15.41 7.51 -51.98
N GLN C 327 14.71 7.04 -53.02
CA GLN C 327 14.38 7.89 -54.16
C GLN C 327 13.07 7.43 -54.75
N VAL C 328 12.32 8.39 -55.30
CA VAL C 328 11.12 8.07 -56.07
C VAL C 328 11.54 7.88 -57.51
N ASP C 329 11.36 6.66 -58.02
CA ASP C 329 11.93 6.32 -59.32
C ASP C 329 11.38 7.19 -60.43
N GLN C 330 10.08 7.50 -60.38
CA GLN C 330 9.44 8.18 -61.50
C GLN C 330 9.93 9.61 -61.69
N THR C 331 10.47 10.26 -60.65
CA THR C 331 10.93 11.64 -60.77
C THR C 331 12.39 11.82 -60.37
N GLY C 332 13.05 10.78 -59.88
CA GLY C 332 14.45 10.89 -59.49
C GLY C 332 14.70 11.62 -58.19
N SER C 333 13.66 12.11 -57.51
CA SER C 333 13.87 12.81 -56.25
C SER C 333 14.45 11.86 -55.22
N LYS C 334 15.52 12.29 -54.56
CA LYS C 334 16.29 11.46 -53.65
C LYS C 334 16.42 12.17 -52.30
N SER C 335 16.54 11.37 -51.24
CA SER C 335 16.88 11.89 -49.93
C SER C 335 17.65 10.83 -49.17
N SER C 336 18.23 11.23 -48.04
CA SER C 336 19.06 10.34 -47.24
C SER C 336 19.08 10.83 -45.80
N ASN C 337 19.67 10.01 -44.93
CA ASN C 337 19.91 10.41 -43.55
C ASN C 337 20.82 9.41 -42.87
N LEU C 338 21.55 9.90 -41.87
CA LEU C 338 22.42 9.08 -41.02
C LEU C 338 21.98 9.26 -39.57
N LEU C 339 21.67 8.16 -38.90
CA LEU C 339 21.12 8.19 -37.55
C LEU C 339 21.90 7.28 -36.62
N ASP C 340 21.91 7.62 -35.33
CA ASP C 340 22.51 6.80 -34.29
C ASP C 340 21.39 6.05 -33.57
N LEU C 341 21.32 4.74 -33.77
CA LEU C 341 20.27 3.94 -33.14
C LEU C 341 20.38 3.94 -31.63
N LYS C 342 21.56 4.23 -31.08
CA LYS C 342 21.75 4.22 -29.63
C LYS C 342 21.17 5.44 -28.93
N ASN C 343 20.89 6.51 -29.66
CA ASN C 343 20.45 7.78 -29.07
C ASN C 343 19.12 8.23 -29.67
N PRO C 344 18.07 7.43 -29.52
CA PRO C 344 16.76 7.84 -30.04
C PRO C 344 16.09 8.84 -29.12
N PHE C 345 15.13 9.56 -29.68
CA PHE C 345 14.30 10.48 -28.92
C PHE C 345 13.00 9.76 -28.54
N PHE C 346 12.77 9.59 -27.24
CA PHE C 346 11.56 8.94 -26.75
C PHE C 346 10.44 9.98 -26.75
N ARG C 347 9.59 9.91 -27.78
CA ARG C 347 8.56 10.91 -28.01
C ARG C 347 7.19 10.48 -27.51
N TYR C 348 7.04 9.23 -27.07
CA TYR C 348 5.74 8.75 -26.63
C TYR C 348 5.21 9.60 -25.50
N THR C 349 3.94 9.97 -25.60
CA THR C 349 3.30 10.87 -24.65
C THR C 349 2.19 10.20 -23.84
N GLY C 350 1.53 9.17 -24.38
CA GLY C 350 0.44 8.50 -23.71
C GLY C 350 -0.92 8.73 -24.33
N THR C 351 -1.03 9.60 -25.33
CA THR C 351 -2.29 9.83 -26.00
C THR C 351 -2.50 8.81 -27.13
N THR C 352 -3.75 8.72 -27.57
CA THR C 352 -4.06 7.94 -28.75
C THR C 352 -3.48 8.64 -29.97
N PRO C 353 -2.75 7.94 -30.84
CA PRO C 353 -2.19 8.60 -32.02
C PRO C 353 -3.30 9.06 -32.96
N SER C 354 -3.20 10.32 -33.39
CA SER C 354 -4.23 10.88 -34.26
C SER C 354 -4.00 10.44 -35.71
N PRO C 355 -5.08 10.25 -36.48
CA PRO C 355 -4.91 9.89 -37.89
C PRO C 355 -4.53 11.11 -38.72
N PRO C 356 -3.87 10.90 -39.86
CA PRO C 356 -3.49 12.04 -40.69
C PRO C 356 -4.71 12.80 -41.15
N PRO C 357 -4.62 14.11 -41.29
CA PRO C 357 -5.74 14.87 -41.86
C PRO C 357 -6.11 14.36 -43.24
N GLY C 358 -7.37 14.60 -43.62
CA GLY C 358 -7.82 14.20 -44.93
C GLY C 358 -8.03 12.72 -45.09
N SER C 359 -8.35 12.01 -44.01
CA SER C 359 -8.65 10.60 -44.05
C SER C 359 -10.14 10.30 -44.11
N HIS C 360 -10.99 11.30 -43.94
CA HIS C 360 -12.43 11.11 -44.00
C HIS C 360 -12.88 11.08 -45.46
N TYR C 361 -13.43 9.94 -45.88
CA TYR C 361 -14.01 9.81 -47.21
C TYR C 361 -15.53 9.96 -47.22
N THR C 362 -16.15 9.95 -46.04
CA THR C 362 -17.55 10.32 -45.88
C THR C 362 -17.63 11.48 -44.90
N SER C 363 -18.75 12.19 -44.96
CA SER C 363 -18.91 13.38 -44.14
C SER C 363 -18.92 13.03 -42.65
N PRO C 364 -17.96 13.53 -41.85
CA PRO C 364 -18.05 13.29 -40.41
C PRO C 364 -19.33 13.81 -39.80
N SER C 365 -19.89 14.91 -40.32
CA SER C 365 -21.13 15.44 -39.76
C SER C 365 -22.29 14.48 -40.00
N GLU C 366 -22.30 13.77 -41.12
CA GLU C 366 -23.35 12.79 -41.38
C GLU C 366 -23.22 11.57 -40.48
N ASN C 367 -22.06 11.35 -39.86
CA ASN C 367 -21.81 10.18 -39.05
C ASN C 367 -21.76 10.48 -37.56
N MET C 368 -22.10 11.70 -37.14
CA MET C 368 -22.16 12.00 -35.72
C MET C 368 -23.20 11.13 -35.03
N TRP C 369 -24.32 10.88 -35.71
CA TRP C 369 -25.38 10.03 -35.16
C TRP C 369 -25.53 8.78 -36.03
N ASN C 370 -24.43 8.05 -36.22
CA ASN C 370 -24.41 6.87 -37.07
C ASN C 370 -25.58 5.94 -36.81
N SER D 7 45.93 13.06 -13.04
CA SER D 7 45.21 14.31 -12.77
C SER D 7 44.19 14.10 -11.67
N VAL D 8 43.87 15.19 -10.96
CA VAL D 8 42.93 15.11 -9.85
C VAL D 8 41.59 14.54 -10.32
N PHE D 9 41.14 14.93 -11.52
CA PHE D 9 39.86 14.47 -12.01
C PHE D 9 39.87 12.97 -12.30
N SER D 10 40.84 12.52 -13.10
CA SER D 10 40.89 11.11 -13.47
C SER D 10 41.04 10.21 -12.25
N GLU D 11 41.68 10.72 -11.19
CA GLU D 11 41.88 9.92 -9.99
C GLU D 11 40.56 9.65 -9.28
N ARG D 12 39.70 10.66 -9.18
CA ARG D 12 38.45 10.56 -8.45
C ARG D 12 37.26 10.13 -9.30
N THR D 13 37.46 9.94 -10.60
CA THR D 13 36.36 9.66 -11.52
C THR D 13 36.64 8.37 -12.29
N GLU D 14 35.67 7.47 -12.29
CA GLU D 14 35.76 6.29 -13.14
C GLU D 14 35.66 6.70 -14.61
N GLU D 15 36.36 5.96 -15.46
CA GLU D 15 36.47 6.36 -16.86
C GLU D 15 35.14 6.24 -17.58
N SER D 16 34.42 5.15 -17.36
CA SER D 16 33.12 4.98 -17.99
C SER D 16 32.15 6.08 -17.59
N SER D 17 32.23 6.57 -16.34
CA SER D 17 31.36 7.65 -15.91
C SER D 17 31.70 8.95 -16.61
N ALA D 18 32.99 9.23 -16.81
CA ALA D 18 33.41 10.47 -17.43
C ALA D 18 33.01 10.52 -18.90
N VAL D 19 33.11 9.40 -19.60
CA VAL D 19 32.72 9.37 -21.02
C VAL D 19 31.26 9.74 -21.16
N GLN D 20 30.38 9.02 -20.45
CA GLN D 20 28.95 9.32 -20.51
C GLN D 20 28.67 10.74 -20.05
N TYR D 21 29.34 11.19 -18.98
CA TYR D 21 29.09 12.52 -18.45
C TYR D 21 29.33 13.59 -19.51
N PHE D 22 30.52 13.60 -20.11
CA PHE D 22 30.85 14.66 -21.07
C PHE D 22 30.17 14.45 -22.42
N GLN D 23 29.84 13.20 -22.78
CA GLN D 23 28.99 12.98 -23.93
C GLN D 23 27.64 13.66 -23.76
N PHE D 24 27.04 13.52 -22.57
CA PHE D 24 25.77 14.16 -22.28
C PHE D 24 25.83 15.66 -22.54
N TYR D 25 26.88 16.32 -22.05
CA TYR D 25 26.98 17.77 -22.18
C TYR D 25 27.47 18.22 -23.55
N GLY D 26 27.82 17.28 -24.44
CA GLY D 26 28.14 17.64 -25.81
C GLY D 26 26.93 17.90 -26.67
N TYR D 27 25.75 17.46 -26.23
CA TYR D 27 24.53 17.64 -27.02
C TYR D 27 24.02 19.07 -26.86
N LEU D 28 23.73 19.72 -27.98
CA LEU D 28 23.17 21.06 -27.92
C LEU D 28 21.81 21.07 -27.22
N SER D 29 21.04 19.99 -27.34
CA SER D 29 19.73 19.94 -26.71
C SER D 29 19.84 20.08 -25.20
N GLN D 30 20.91 19.52 -24.62
CA GLN D 30 21.11 19.62 -23.17
C GLN D 30 21.58 21.01 -22.76
N GLN D 31 22.29 21.71 -23.64
CA GLN D 31 22.61 23.10 -23.38
C GLN D 31 21.35 23.96 -23.47
N GLN D 32 20.50 23.69 -24.45
CA GLN D 32 19.25 24.41 -24.57
C GLN D 32 18.42 24.27 -23.31
N ASN D 33 18.34 23.06 -22.75
CA ASN D 33 17.54 22.83 -21.56
C ASN D 33 17.97 23.73 -20.42
N MET D 34 19.28 23.80 -20.15
CA MET D 34 19.78 24.67 -19.10
C MET D 34 19.60 26.14 -19.47
N MET D 35 19.97 26.52 -20.69
CA MET D 35 19.84 27.92 -21.09
C MET D 35 18.41 28.42 -20.94
N GLN D 36 17.43 27.60 -21.36
CA GLN D 36 16.04 28.04 -21.33
C GLN D 36 15.45 28.11 -19.92
N ASP D 37 16.17 27.62 -18.91
CA ASP D 37 15.74 27.82 -17.52
C ASP D 37 15.91 29.31 -17.22
N TYR D 38 14.82 30.07 -17.36
CA TYR D 38 14.94 31.53 -17.31
C TYR D 38 15.35 32.01 -15.93
N VAL D 39 14.87 31.35 -14.87
CA VAL D 39 15.29 31.72 -13.52
C VAL D 39 16.80 31.59 -13.38
N ARG D 40 17.34 30.45 -13.83
CA ARG D 40 18.78 30.22 -13.72
C ARG D 40 19.55 31.23 -14.56
N THR D 41 19.27 31.27 -15.86
CA THR D 41 20.07 32.09 -16.77
C THR D 41 19.90 33.58 -16.47
N GLY D 42 18.66 34.01 -16.25
CA GLY D 42 18.43 35.41 -15.95
C GLY D 42 19.01 35.84 -14.61
N THR D 43 19.00 34.94 -13.62
CA THR D 43 19.59 35.29 -12.34
C THR D 43 21.10 35.43 -12.46
N TYR D 44 21.74 34.53 -13.21
CA TYR D 44 23.18 34.66 -13.42
C TYR D 44 23.52 35.97 -14.11
N GLN D 45 22.80 36.29 -15.19
CA GLN D 45 23.09 37.54 -15.91
C GLN D 45 22.92 38.74 -15.00
N ARG D 46 21.82 38.77 -14.23
CA ARG D 46 21.55 39.92 -13.36
C ARG D 46 22.61 40.05 -12.29
N ALA D 47 23.08 38.93 -11.76
CA ALA D 47 24.11 38.99 -10.72
C ALA D 47 25.42 39.52 -11.27
N ILE D 48 25.73 39.19 -12.53
CA ILE D 48 26.99 39.62 -13.12
C ILE D 48 26.92 41.08 -13.54
N LEU D 49 25.86 41.45 -14.27
CA LEU D 49 25.76 42.82 -14.78
C LEU D 49 25.57 43.83 -13.66
N GLN D 50 24.78 43.48 -12.62
CA GLN D 50 24.60 44.41 -11.51
C GLN D 50 25.91 44.65 -10.78
N ASN D 51 26.76 43.64 -10.70
CA ASN D 51 28.08 43.77 -10.09
C ASN D 51 29.16 43.95 -11.15
N HIS D 52 28.95 44.91 -12.05
CA HIS D 52 29.88 45.10 -13.16
C HIS D 52 31.26 45.50 -12.69
N THR D 53 31.36 46.12 -11.51
CA THR D 53 32.66 46.51 -10.99
C THR D 53 33.54 45.29 -10.70
N ASP D 54 32.92 44.15 -10.38
CA ASP D 54 33.69 42.94 -10.14
C ASP D 54 34.21 42.31 -11.42
N PHE D 55 33.81 42.84 -12.59
CA PHE D 55 34.23 42.31 -13.88
C PHE D 55 34.92 43.34 -14.76
N LYS D 56 34.67 44.63 -14.57
CA LYS D 56 35.23 45.67 -15.42
C LYS D 56 36.76 45.57 -15.47
N ASP D 57 37.30 45.26 -16.64
CA ASP D 57 38.74 45.18 -16.88
C ASP D 57 39.40 44.07 -16.05
N LYS D 58 38.65 43.05 -15.68
CA LYS D 58 39.15 41.94 -14.89
C LYS D 58 39.47 40.76 -15.79
N ILE D 59 40.25 39.82 -15.25
CA ILE D 59 40.52 38.54 -15.91
C ILE D 59 39.63 37.50 -15.26
N VAL D 60 38.91 36.74 -16.08
CA VAL D 60 37.86 35.85 -15.62
C VAL D 60 38.17 34.42 -16.04
N LEU D 61 37.75 33.48 -15.22
CA LEU D 61 37.75 32.06 -15.55
C LEU D 61 36.33 31.53 -15.44
N ASP D 62 35.84 30.90 -16.51
CA ASP D 62 34.53 30.30 -16.56
C ASP D 62 34.73 28.79 -16.59
N VAL D 63 34.44 28.13 -15.47
CA VAL D 63 34.67 26.69 -15.32
C VAL D 63 33.45 25.94 -15.85
N GLY D 64 33.65 25.14 -16.89
CA GLY D 64 32.55 24.43 -17.52
C GLY D 64 31.62 25.40 -18.22
N CYS D 65 32.15 26.10 -19.23
CA CYS D 65 31.39 27.16 -19.88
C CYS D 65 30.27 26.64 -20.78
N GLY D 66 30.31 25.37 -21.16
CA GLY D 66 29.29 24.87 -22.06
C GLY D 66 29.24 25.70 -23.33
N SER D 67 28.05 26.23 -23.64
CA SER D 67 27.89 27.09 -24.81
C SER D 67 28.63 28.42 -24.68
N GLY D 68 29.10 28.77 -23.49
CA GLY D 68 29.77 30.03 -23.26
C GLY D 68 28.92 31.13 -22.70
N ILE D 69 27.65 30.83 -22.36
CA ILE D 69 26.68 31.87 -22.03
C ILE D 69 27.19 32.76 -20.90
N LEU D 70 27.81 32.17 -19.87
CA LEU D 70 28.27 32.97 -18.74
C LEU D 70 29.46 33.85 -19.11
N SER D 71 30.33 33.38 -20.01
CA SER D 71 31.44 34.21 -20.46
C SER D 71 30.93 35.44 -21.21
N PHE D 72 29.86 35.28 -21.99
CA PHE D 72 29.27 36.44 -22.66
C PHE D 72 28.72 37.44 -21.65
N PHE D 73 28.21 36.96 -20.52
CA PHE D 73 27.74 37.88 -19.48
C PHE D 73 28.89 38.64 -18.86
N ALA D 74 29.99 37.95 -18.57
CA ALA D 74 31.17 38.64 -18.04
C ALA D 74 31.69 39.65 -19.05
N ALA D 75 31.68 39.30 -20.34
CA ALA D 75 32.09 40.25 -21.37
C ALA D 75 31.17 41.47 -21.38
N GLN D 76 29.85 41.23 -21.35
CA GLN D 76 28.91 42.34 -21.25
C GLN D 76 29.22 43.23 -20.04
N ALA D 77 29.76 42.65 -18.97
CA ALA D 77 30.05 43.41 -17.76
C ALA D 77 31.37 44.15 -17.80
N GLY D 78 32.17 43.98 -18.85
CA GLY D 78 33.38 44.75 -19.03
C GLY D 78 34.68 43.98 -18.84
N ALA D 79 34.65 42.66 -18.75
CA ALA D 79 35.86 41.89 -18.53
C ALA D 79 36.86 42.14 -19.65
N ARG D 80 38.15 42.14 -19.30
CA ARG D 80 39.21 42.31 -20.29
C ARG D 80 39.49 40.99 -21.01
N LYS D 81 39.58 39.89 -20.26
CA LYS D 81 39.86 38.59 -20.83
C LYS D 81 39.12 37.54 -20.01
N ILE D 82 38.52 36.57 -20.70
CA ILE D 82 37.76 35.51 -20.07
C ILE D 82 38.26 34.18 -20.63
N TYR D 83 38.77 33.32 -19.76
CA TYR D 83 39.15 31.96 -20.14
C TYR D 83 37.98 31.04 -19.86
N ALA D 84 37.39 30.51 -20.91
CA ALA D 84 36.21 29.66 -20.82
C ALA D 84 36.65 28.21 -21.03
N VAL D 85 36.78 27.48 -19.94
CA VAL D 85 37.21 26.09 -19.96
C VAL D 85 36.00 25.18 -20.07
N GLU D 86 36.05 24.22 -21.01
CA GLU D 86 34.97 23.28 -21.24
C GLU D 86 35.56 21.96 -21.69
N ALA D 87 35.17 20.87 -21.03
CA ALA D 87 35.75 19.56 -21.30
C ALA D 87 34.98 18.76 -22.35
N SER D 88 33.71 19.07 -22.58
CA SER D 88 32.95 18.37 -23.60
C SER D 88 33.22 18.95 -24.98
N THR D 89 32.71 18.27 -26.01
CA THR D 89 32.81 18.78 -27.37
C THR D 89 32.02 20.07 -27.56
N MET D 90 31.28 20.52 -26.56
CA MET D 90 30.59 21.81 -26.66
C MET D 90 31.58 22.97 -26.79
N ALA D 91 32.84 22.76 -26.42
CA ALA D 91 33.85 23.79 -26.59
C ALA D 91 33.93 24.25 -28.04
N GLN D 92 33.75 23.32 -28.98
CA GLN D 92 33.73 23.69 -30.40
C GLN D 92 32.62 24.69 -30.69
N HIS D 93 31.40 24.38 -30.26
CA HIS D 93 30.27 25.25 -30.52
C HIS D 93 30.42 26.58 -29.81
N ALA D 94 30.97 26.57 -28.60
CA ALA D 94 31.22 27.84 -27.91
C ALA D 94 32.16 28.71 -28.72
N GLU D 95 33.21 28.10 -29.29
CA GLU D 95 34.14 28.85 -30.12
C GLU D 95 33.41 29.51 -31.29
N VAL D 96 32.52 28.75 -31.96
CA VAL D 96 31.73 29.31 -33.04
C VAL D 96 30.96 30.55 -32.58
N LEU D 97 30.41 30.50 -31.36
CA LEU D 97 29.62 31.63 -30.87
C LEU D 97 30.51 32.81 -30.55
N VAL D 98 31.71 32.56 -30.00
CA VAL D 98 32.64 33.64 -29.72
C VAL D 98 32.98 34.39 -31.01
N LYS D 99 33.25 33.65 -32.09
CA LYS D 99 33.59 34.29 -33.35
C LYS D 99 32.39 35.02 -33.94
N SER D 100 31.23 34.35 -33.99
CA SER D 100 30.06 34.95 -34.62
C SER D 100 29.60 36.19 -33.88
N ASN D 101 29.89 36.28 -32.58
CA ASN D 101 29.56 37.46 -31.80
C ASN D 101 30.71 38.47 -31.73
N ASN D 102 31.79 38.24 -32.47
CA ASN D 102 32.91 39.19 -32.55
C ASN D 102 33.48 39.49 -31.17
N LEU D 103 33.77 38.43 -30.42
CA LEU D 103 34.36 38.56 -29.09
C LEU D 103 35.67 37.76 -28.98
N THR D 104 36.34 37.55 -30.11
CA THR D 104 37.60 36.81 -30.09
C THR D 104 38.67 37.53 -29.28
N ASP D 105 38.56 38.84 -29.10
CA ASP D 105 39.54 39.59 -28.33
C ASP D 105 39.33 39.50 -26.83
N ARG D 106 38.24 38.88 -26.37
CA ARG D 106 37.90 38.95 -24.96
C ARG D 106 37.58 37.58 -24.35
N ILE D 107 37.13 36.63 -25.16
CA ILE D 107 36.76 35.30 -24.67
C ILE D 107 37.65 34.27 -25.35
N VAL D 108 38.41 33.54 -24.56
CA VAL D 108 39.32 32.51 -25.04
C VAL D 108 38.79 31.16 -24.56
N VAL D 109 38.31 30.35 -25.49
CA VAL D 109 37.86 29.00 -25.18
C VAL D 109 39.10 28.11 -25.02
N ILE D 110 39.13 27.35 -23.94
CA ILE D 110 40.21 26.41 -23.66
C ILE D 110 39.60 25.02 -23.48
N PRO D 111 39.70 24.15 -24.48
CA PRO D 111 39.14 22.81 -24.34
C PRO D 111 39.92 21.98 -23.32
N GLY D 112 39.19 21.18 -22.57
CA GLY D 112 39.78 20.28 -21.59
C GLY D 112 39.16 20.44 -20.22
N LYS D 113 39.64 19.62 -19.29
CA LYS D 113 39.17 19.66 -17.91
C LYS D 113 39.95 20.72 -17.13
N VAL D 114 39.23 21.46 -16.29
CA VAL D 114 39.87 22.54 -15.54
C VAL D 114 41.00 22.00 -14.67
N GLU D 115 41.00 20.70 -14.37
CA GLU D 115 42.05 20.08 -13.59
C GLU D 115 43.30 19.80 -14.41
N GLU D 116 43.23 19.90 -15.74
CA GLU D 116 44.31 19.43 -16.62
C GLU D 116 44.83 20.49 -17.59
N VAL D 117 44.11 21.58 -17.82
CA VAL D 117 44.56 22.61 -18.75
C VAL D 117 45.58 23.51 -18.06
N SER D 118 46.17 24.43 -18.83
CA SER D 118 47.11 25.41 -18.32
C SER D 118 46.62 26.80 -18.70
N LEU D 119 46.53 27.68 -17.70
CA LEU D 119 46.12 29.05 -18.00
C LEU D 119 47.34 29.96 -18.08
N PRO D 120 47.35 30.90 -19.02
CA PRO D 120 48.53 31.78 -19.14
C PRO D 120 48.74 32.69 -17.95
N GLU D 121 47.73 32.86 -17.10
CA GLU D 121 47.81 33.83 -16.01
C GLU D 121 46.76 33.51 -14.97
N GLN D 122 46.90 34.15 -13.81
CA GLN D 122 45.90 34.07 -12.76
C GLN D 122 44.75 35.02 -13.06
N VAL D 123 43.61 34.78 -12.42
CA VAL D 123 42.38 35.51 -12.72
C VAL D 123 41.88 36.21 -11.46
N ASP D 124 41.04 37.22 -11.68
CA ASP D 124 40.48 38.01 -10.59
C ASP D 124 39.19 37.45 -10.04
N ILE D 125 38.48 36.63 -10.82
CA ILE D 125 37.17 36.13 -10.43
C ILE D 125 36.90 34.86 -11.24
N ILE D 126 36.29 33.88 -10.57
CA ILE D 126 35.87 32.63 -11.21
C ILE D 126 34.36 32.60 -11.25
N ILE D 127 33.80 32.22 -12.39
CA ILE D 127 32.37 32.03 -12.54
C ILE D 127 32.11 30.61 -12.99
N SER D 128 30.95 30.08 -12.62
CA SER D 128 30.59 28.72 -12.98
C SER D 128 29.15 28.46 -12.56
N GLU D 129 28.54 27.47 -13.21
CA GLU D 129 27.27 26.90 -12.78
C GLU D 129 27.53 25.40 -12.57
N PRO D 130 28.13 25.04 -11.44
CA PRO D 130 28.44 23.63 -11.16
C PRO D 130 27.40 22.88 -10.33
N MET D 131 26.21 23.45 -10.12
CA MET D 131 25.24 22.85 -9.22
C MET D 131 24.51 21.70 -9.91
N GLY D 132 24.55 20.53 -9.29
CA GLY D 132 23.66 19.44 -9.66
C GLY D 132 22.40 19.47 -8.84
N TYR D 133 21.51 18.50 -9.09
CA TYR D 133 20.33 18.39 -8.27
C TYR D 133 20.74 17.92 -6.88
N MET D 134 20.07 18.46 -5.86
CA MET D 134 20.51 18.34 -4.47
C MET D 134 21.88 18.99 -4.27
N LEU D 135 22.25 19.87 -5.21
CA LEU D 135 23.48 20.67 -5.19
C LEU D 135 24.71 19.85 -5.56
N PHE D 136 24.93 18.70 -4.93
CA PHE D 136 26.22 18.05 -4.99
C PHE D 136 26.35 17.02 -6.11
N ASN D 137 25.27 16.60 -6.75
CA ASN D 137 25.38 15.62 -7.81
C ASN D 137 26.29 16.14 -8.92
N GLU D 138 26.99 15.20 -9.57
CA GLU D 138 27.94 15.46 -10.65
C GLU D 138 29.33 15.78 -10.10
N ARG D 139 29.42 16.20 -8.84
CA ARG D 139 30.68 16.51 -8.17
C ARG D 139 31.44 17.63 -8.88
N MET D 140 30.75 18.48 -9.64
CA MET D 140 31.44 19.57 -10.31
C MET D 140 31.83 20.67 -9.35
N LEU D 141 31.24 20.71 -8.15
CA LEU D 141 31.65 21.68 -7.14
C LEU D 141 33.12 21.53 -6.80
N GLU D 142 33.65 20.31 -6.90
CA GLU D 142 35.08 20.10 -6.62
C GLU D 142 35.95 20.65 -7.74
N SER D 143 35.48 20.52 -9.00
CA SER D 143 36.17 21.17 -10.10
C SER D 143 36.14 22.68 -9.94
N TYR D 144 35.00 23.22 -9.52
CA TYR D 144 34.87 24.65 -9.27
C TYR D 144 35.86 25.11 -8.20
N LEU D 145 35.99 24.34 -7.12
CA LEU D 145 36.92 24.71 -6.05
C LEU D 145 38.37 24.45 -6.48
N HIS D 146 38.61 23.37 -7.21
CA HIS D 146 39.95 23.10 -7.73
C HIS D 146 40.46 24.26 -8.57
N ALA D 147 39.57 24.97 -9.26
CA ALA D 147 39.98 26.09 -10.10
C ALA D 147 40.56 27.25 -9.30
N LYS D 148 40.35 27.29 -7.98
CA LYS D 148 40.88 28.38 -7.18
C LYS D 148 42.40 28.44 -7.24
N LYS D 149 43.05 27.37 -7.68
CA LYS D 149 44.50 27.42 -7.90
C LYS D 149 44.89 28.50 -8.89
N TYR D 150 43.94 28.99 -9.70
CA TYR D 150 44.17 30.09 -10.62
C TYR D 150 43.68 31.43 -10.09
N LEU D 151 43.14 31.47 -8.88
CA LEU D 151 42.53 32.68 -8.35
C LEU D 151 43.56 33.50 -7.59
N LYS D 152 43.58 34.82 -7.86
CA LYS D 152 44.44 35.72 -7.11
C LYS D 152 44.04 35.72 -5.65
N PRO D 153 44.95 36.14 -4.76
CA PRO D 153 44.68 35.99 -3.31
C PRO D 153 43.30 36.45 -2.88
N SER D 154 42.92 37.70 -3.18
CA SER D 154 41.62 38.23 -2.80
C SER D 154 40.59 38.13 -3.92
N GLY D 155 40.75 37.17 -4.82
CA GLY D 155 39.79 36.99 -5.88
C GLY D 155 38.42 36.59 -5.37
N ASN D 156 37.41 36.80 -6.20
CA ASN D 156 36.04 36.48 -5.88
C ASN D 156 35.58 35.27 -6.68
N MET D 157 34.41 34.74 -6.29
CA MET D 157 33.83 33.58 -6.93
C MET D 157 32.33 33.76 -7.07
N PHE D 158 31.82 33.45 -8.25
CA PHE D 158 30.40 33.62 -8.57
C PHE D 158 29.86 32.28 -9.04
N PRO D 159 29.05 31.57 -8.24
CA PRO D 159 28.50 31.95 -6.93
C PRO D 159 29.52 31.88 -5.79
N THR D 160 29.23 32.61 -4.72
CA THR D 160 30.15 32.74 -3.60
C THR D 160 29.91 31.70 -2.52
N ILE D 161 28.65 31.40 -2.22
CA ILE D 161 28.31 30.40 -1.21
C ILE D 161 27.12 29.58 -1.71
N GLY D 162 26.96 28.41 -1.12
CA GLY D 162 25.84 27.54 -1.41
C GLY D 162 25.22 26.99 -0.15
N ASP D 163 23.89 27.07 -0.03
CA ASP D 163 23.16 26.61 1.15
C ASP D 163 22.26 25.45 0.75
N VAL D 164 22.50 24.29 1.34
CA VAL D 164 21.61 23.15 1.18
C VAL D 164 20.62 23.13 2.34
N HIS D 165 19.34 23.05 2.02
CA HIS D 165 18.29 22.98 3.02
C HIS D 165 17.65 21.59 3.01
N LEU D 166 17.38 21.07 4.19
CA LEU D 166 16.66 19.82 4.34
C LEU D 166 15.57 19.98 5.38
N ALA D 167 14.44 19.32 5.16
CA ALA D 167 13.29 19.40 6.07
C ALA D 167 12.47 18.13 5.92
N PRO D 168 11.93 17.59 7.02
CA PRO D 168 11.09 16.41 6.91
C PRO D 168 9.77 16.75 6.23
N PHE D 169 9.22 15.76 5.53
CA PHE D 169 7.98 15.93 4.81
C PHE D 169 7.06 14.74 5.06
N THR D 170 5.77 14.97 4.83
CA THR D 170 4.76 13.92 4.82
C THR D 170 4.12 13.92 3.43
N ASP D 171 4.08 12.74 2.80
CA ASP D 171 3.49 12.62 1.47
C ASP D 171 3.09 11.14 1.33
N GLU D 172 1.89 10.82 1.82
CA GLU D 172 1.42 9.44 1.78
C GLU D 172 1.31 8.95 0.34
N GLN D 173 0.89 9.83 -0.58
CA GLN D 173 0.72 9.42 -1.96
C GLN D 173 2.05 9.02 -2.59
N LEU D 174 3.09 9.83 -2.41
CA LEU D 174 4.40 9.48 -2.93
C LEU D 174 4.88 8.15 -2.35
N TYR D 175 4.78 8.00 -1.03
CA TYR D 175 5.24 6.77 -0.39
C TYR D 175 4.52 5.55 -0.96
N MET D 176 3.19 5.62 -1.08
CA MET D 176 2.44 4.47 -1.57
C MET D 176 2.75 4.16 -3.02
N GLU D 177 3.04 5.18 -3.83
CA GLU D 177 3.45 4.92 -5.21
C GLU D 177 4.71 4.06 -5.25
N GLN D 178 5.74 4.47 -4.53
CA GLN D 178 7.00 3.72 -4.54
C GLN D 178 6.84 2.38 -3.84
N PHE D 179 6.06 2.35 -2.75
CA PHE D 179 5.81 1.09 -2.06
C PHE D 179 5.05 0.12 -2.95
N THR D 180 4.03 0.61 -3.66
CA THR D 180 3.24 -0.26 -4.54
C THR D 180 4.10 -0.82 -5.67
N LYS D 181 4.94 0.02 -6.27
CA LYS D 181 5.83 -0.49 -7.31
C LYS D 181 6.70 -1.62 -6.79
N ALA D 182 7.35 -1.40 -5.64
CA ALA D 182 8.22 -2.43 -5.08
C ALA D 182 7.44 -3.69 -4.73
N ASN D 183 6.19 -3.55 -4.31
CA ASN D 183 5.38 -4.70 -3.92
C ASN D 183 4.97 -5.57 -5.10
N PHE D 184 5.29 -5.16 -6.32
CA PHE D 184 5.21 -6.08 -7.45
C PHE D 184 5.98 -7.36 -7.14
N TRP D 185 7.07 -7.25 -6.40
CA TRP D 185 7.92 -8.40 -6.07
C TRP D 185 7.46 -9.12 -4.82
N TYR D 186 6.25 -8.83 -4.32
CA TYR D 186 5.62 -9.60 -3.27
C TYR D 186 4.72 -10.71 -3.82
N GLN D 187 4.33 -10.63 -5.09
CA GLN D 187 3.43 -11.61 -5.66
C GLN D 187 3.95 -13.03 -5.43
N PRO D 188 3.10 -13.96 -5.00
CA PRO D 188 3.54 -15.36 -4.92
C PRO D 188 3.33 -16.16 -6.20
N SER D 189 2.68 -15.60 -7.21
CA SER D 189 2.36 -16.37 -8.41
C SER D 189 2.27 -15.46 -9.65
N PHE D 190 3.37 -14.80 -9.98
CA PHE D 190 3.46 -14.03 -11.22
C PHE D 190 3.62 -15.01 -12.38
N HIS D 191 2.57 -15.19 -13.18
CA HIS D 191 2.55 -16.22 -14.21
C HIS D 191 2.97 -17.57 -13.65
N GLY D 192 2.65 -17.81 -12.38
CA GLY D 192 3.01 -19.06 -11.72
C GLY D 192 4.33 -19.05 -11.00
N VAL D 193 5.01 -17.91 -10.91
CA VAL D 193 6.34 -17.81 -10.31
C VAL D 193 6.24 -17.00 -9.03
N ASP D 194 6.74 -17.57 -7.92
CA ASP D 194 6.75 -16.88 -6.63
C ASP D 194 7.93 -15.91 -6.63
N LEU D 195 7.64 -14.62 -6.62
CA LEU D 195 8.66 -13.58 -6.60
C LEU D 195 8.96 -13.07 -5.19
N SER D 196 8.21 -13.52 -4.19
CA SER D 196 8.16 -12.83 -2.90
C SER D 196 9.51 -12.78 -2.19
N ALA D 197 10.42 -13.71 -2.50
CA ALA D 197 11.72 -13.71 -1.84
C ALA D 197 12.58 -12.52 -2.23
N LEU D 198 12.18 -11.75 -3.25
CA LEU D 198 12.93 -10.59 -3.69
C LEU D 198 12.30 -9.27 -3.24
N ARG D 199 11.17 -9.32 -2.51
CA ARG D 199 10.49 -8.08 -2.16
C ARG D 199 11.38 -7.16 -1.33
N GLY D 200 12.12 -7.73 -0.39
CA GLY D 200 13.06 -6.91 0.38
C GLY D 200 14.09 -6.24 -0.50
N ALA D 201 14.68 -6.98 -1.43
CA ALA D 201 15.63 -6.37 -2.36
C ALA D 201 14.94 -5.30 -3.20
N ALA D 202 13.71 -5.57 -3.65
CA ALA D 202 12.96 -4.57 -4.39
C ALA D 202 12.80 -3.29 -3.59
N VAL D 203 12.30 -3.40 -2.36
CA VAL D 203 12.12 -2.22 -1.52
C VAL D 203 13.44 -1.47 -1.36
N ASP D 204 14.53 -2.20 -1.11
CA ASP D 204 15.83 -1.54 -0.98
C ASP D 204 16.20 -0.79 -2.25
N GLU D 205 15.93 -1.39 -3.41
CA GLU D 205 16.30 -0.75 -4.67
C GLU D 205 15.47 0.50 -4.93
N TYR D 206 14.14 0.37 -4.89
CA TYR D 206 13.27 1.49 -5.25
C TYR D 206 13.50 2.68 -4.33
N PHE D 207 13.59 2.44 -3.02
CA PHE D 207 13.77 3.53 -2.08
C PHE D 207 15.21 4.04 -2.04
N ARG D 208 16.14 3.35 -2.70
CA ARG D 208 17.47 3.89 -2.93
C ARG D 208 17.45 5.04 -3.95
N GLN D 209 16.35 5.23 -4.67
CA GLN D 209 16.25 6.27 -5.66
C GLN D 209 15.69 7.55 -5.03
N PRO D 210 16.42 8.66 -5.03
CA PRO D 210 15.80 9.93 -4.65
C PRO D 210 14.76 10.34 -5.69
N VAL D 211 13.75 11.07 -5.24
CA VAL D 211 12.64 11.46 -6.08
C VAL D 211 12.81 12.92 -6.45
N VAL D 212 12.91 13.20 -7.75
CA VAL D 212 13.09 14.55 -8.27
C VAL D 212 11.75 15.02 -8.83
N ASP D 213 11.18 16.02 -8.19
CA ASP D 213 9.96 16.68 -8.66
C ASP D 213 9.75 17.88 -7.74
N THR D 214 8.60 18.53 -7.86
CA THR D 214 8.27 19.65 -6.99
C THR D 214 7.11 19.29 -6.09
N PHE D 215 6.95 20.08 -5.03
CA PHE D 215 5.92 19.85 -4.03
C PHE D 215 5.59 21.19 -3.38
N ASP D 216 4.51 21.19 -2.60
CA ASP D 216 4.09 22.39 -1.89
C ASP D 216 4.70 22.41 -0.49
N ILE D 217 5.05 23.62 -0.02
CA ILE D 217 5.65 23.79 1.30
C ILE D 217 4.78 23.21 2.42
N ARG D 218 3.48 23.04 2.18
CA ARG D 218 2.59 22.55 3.22
C ARG D 218 2.92 21.13 3.66
N ILE D 219 3.60 20.35 2.82
CA ILE D 219 3.96 18.99 3.20
C ILE D 219 5.17 18.93 4.13
N LEU D 220 5.83 20.06 4.36
CA LEU D 220 6.97 20.10 5.26
C LEU D 220 6.47 20.18 6.70
N MET D 221 7.07 19.38 7.58
CA MET D 221 6.62 19.24 8.95
C MET D 221 7.52 19.97 9.95
N ALA D 222 8.59 20.61 9.49
CA ALA D 222 9.44 21.38 10.39
C ALA D 222 10.25 22.37 9.57
N LYS D 223 10.70 23.42 10.23
CA LYS D 223 11.60 24.37 9.59
C LYS D 223 12.89 23.67 9.20
N SER D 224 13.43 24.05 8.05
CA SER D 224 14.58 23.36 7.48
C SER D 224 15.85 23.70 8.25
N VAL D 225 16.82 22.81 8.16
CA VAL D 225 18.17 23.09 8.61
C VAL D 225 19.02 23.33 7.36
N LYS D 226 20.13 24.04 7.55
CA LYS D 226 20.92 24.57 6.44
C LYS D 226 22.37 24.14 6.59
N TYR D 227 22.93 23.60 5.51
CA TYR D 227 24.36 23.29 5.44
C TYR D 227 24.99 24.19 4.40
N THR D 228 26.01 24.94 4.78
CA THR D 228 26.60 25.97 3.94
C THR D 228 27.97 25.55 3.46
N VAL D 229 28.21 25.68 2.16
CA VAL D 229 29.53 25.56 1.57
C VAL D 229 29.95 26.97 1.15
N ASN D 230 31.00 27.48 1.77
CA ASN D 230 31.57 28.77 1.39
C ASN D 230 32.65 28.52 0.34
N PHE D 231 32.34 28.84 -0.92
CA PHE D 231 33.26 28.51 -2.00
C PHE D 231 34.57 29.29 -1.88
N LEU D 232 34.54 30.47 -1.26
CA LEU D 232 35.77 31.24 -1.10
C LEU D 232 36.75 30.54 -0.16
N GLU D 233 36.26 29.81 0.84
CA GLU D 233 37.10 29.18 1.84
C GLU D 233 37.28 27.68 1.65
N ALA D 234 36.29 27.01 1.06
CA ALA D 234 36.29 25.55 1.05
C ALA D 234 37.41 25.01 0.17
N LYS D 235 37.90 23.83 0.55
CA LYS D 235 38.86 23.07 -0.23
C LYS D 235 38.13 21.87 -0.83
N GLU D 236 38.55 21.45 -2.03
CA GLU D 236 37.79 20.42 -2.74
C GLU D 236 37.73 19.13 -1.95
N GLY D 237 38.72 18.87 -1.10
CA GLY D 237 38.67 17.71 -0.24
C GLY D 237 37.53 17.75 0.77
N ASP D 238 37.08 18.95 1.13
CA ASP D 238 35.97 19.09 2.08
C ASP D 238 34.70 18.41 1.58
N LEU D 239 34.56 18.21 0.28
CA LEU D 239 33.34 17.68 -0.31
C LEU D 239 33.38 16.17 -0.50
N HIS D 240 34.48 15.51 -0.14
CA HIS D 240 34.54 14.06 -0.26
C HIS D 240 33.63 13.38 0.74
N ARG D 241 33.47 13.95 1.93
CA ARG D 241 32.61 13.41 2.97
C ARG D 241 31.90 14.60 3.62
N ILE D 242 30.59 14.68 3.44
CA ILE D 242 29.78 15.79 3.94
C ILE D 242 28.84 15.25 5.02
N GLU D 243 29.02 15.73 6.24
CA GLU D 243 28.20 15.33 7.38
C GLU D 243 27.24 16.46 7.72
N ILE D 244 25.95 16.18 7.68
CA ILE D 244 24.93 17.18 7.99
C ILE D 244 24.07 16.70 9.14
N PRO D 245 24.40 17.02 10.38
CA PRO D 245 23.51 16.71 11.50
C PRO D 245 22.28 17.60 11.47
N PHE D 246 21.16 17.07 11.96
CA PHE D 246 19.92 17.82 11.98
C PHE D 246 19.15 17.52 13.26
N LYS D 247 18.47 18.56 13.75
CA LYS D 247 17.60 18.47 14.93
C LYS D 247 16.33 19.22 14.56
N PHE D 248 15.33 18.50 14.08
CA PHE D 248 14.09 19.10 13.61
C PHE D 248 13.07 19.18 14.75
N HIS D 249 12.52 20.37 14.96
CA HIS D 249 11.42 20.55 15.91
C HIS D 249 10.11 20.42 15.14
N MET D 250 9.43 19.29 15.33
CA MET D 250 8.23 19.00 14.56
C MET D 250 7.16 20.07 14.82
N LEU D 251 6.65 20.66 13.74
CA LEU D 251 5.56 21.63 13.83
C LEU D 251 4.20 20.99 13.63
N HIS D 252 4.14 19.77 13.13
CA HIS D 252 2.88 19.08 12.88
C HIS D 252 3.03 17.62 13.30
N SER D 253 1.91 17.02 13.69
CA SER D 253 1.86 15.59 13.96
C SER D 253 1.56 14.84 12.67
N GLY D 254 2.07 13.63 12.57
CA GLY D 254 1.80 12.77 11.43
C GLY D 254 3.01 11.91 11.11
N LEU D 255 2.94 11.29 9.93
CA LEU D 255 3.99 10.40 9.47
C LEU D 255 5.03 11.17 8.69
N VAL D 256 6.29 11.04 9.10
CA VAL D 256 7.42 11.59 8.34
C VAL D 256 7.85 10.53 7.35
N HIS D 257 7.64 10.80 6.06
CA HIS D 257 7.96 9.84 5.00
C HIS D 257 9.36 10.03 4.44
N GLY D 258 10.09 11.05 4.87
CA GLY D 258 11.44 11.25 4.39
C GLY D 258 11.89 12.68 4.60
N LEU D 259 12.99 13.03 3.92
CA LEU D 259 13.55 14.38 3.98
C LEU D 259 13.56 14.99 2.58
N ALA D 260 13.13 16.24 2.49
CA ALA D 260 13.17 17.00 1.26
C ALA D 260 14.42 17.87 1.23
N PHE D 261 14.98 18.06 0.03
CA PHE D 261 16.22 18.79 -0.17
C PHE D 261 16.05 19.85 -1.25
N TRP D 262 16.71 20.99 -1.05
CA TRP D 262 16.84 22.02 -2.07
C TRP D 262 18.03 22.89 -1.69
N PHE D 263 18.32 23.89 -2.52
CA PHE D 263 19.51 24.70 -2.28
C PHE D 263 19.34 26.10 -2.83
N ASP D 264 20.05 27.04 -2.21
CA ASP D 264 20.21 28.39 -2.70
C ASP D 264 21.70 28.67 -2.87
N VAL D 265 22.04 29.55 -3.81
CA VAL D 265 23.39 30.05 -3.96
C VAL D 265 23.33 31.57 -3.96
N ALA D 266 24.38 32.19 -3.43
CA ALA D 266 24.48 33.64 -3.35
C ALA D 266 25.67 34.13 -4.17
N PHE D 267 25.46 35.22 -4.91
CA PHE D 267 26.52 35.92 -5.63
C PHE D 267 26.84 37.18 -4.84
N ILE D 268 27.92 37.14 -4.06
CA ILE D 268 28.25 38.23 -3.13
C ILE D 268 29.18 39.18 -3.88
N GLY D 269 28.59 40.19 -4.53
CA GLY D 269 29.34 41.14 -5.32
C GLY D 269 29.62 42.43 -4.55
N SER D 270 30.44 43.27 -5.18
CA SER D 270 30.82 44.53 -4.55
C SER D 270 29.67 45.53 -4.52
N ILE D 271 28.75 45.43 -5.48
CA ILE D 271 27.59 46.33 -5.51
C ILE D 271 26.42 45.74 -4.73
N MET D 272 26.19 44.43 -4.86
CA MET D 272 25.02 43.81 -4.25
C MET D 272 25.20 42.31 -4.25
N THR D 273 24.41 41.66 -3.39
CA THR D 273 24.35 40.20 -3.31
C THR D 273 23.05 39.73 -3.94
N VAL D 274 23.16 38.76 -4.86
CA VAL D 274 22.03 38.23 -5.59
C VAL D 274 21.91 36.75 -5.27
N TRP D 275 20.69 36.29 -5.05
CA TRP D 275 20.43 34.91 -4.67
C TRP D 275 19.72 34.18 -5.80
N LEU D 276 20.12 32.94 -6.03
CA LEU D 276 19.42 32.01 -6.90
C LEU D 276 18.90 30.88 -6.03
N SER D 277 17.58 30.67 -6.04
CA SER D 277 16.92 29.74 -5.14
C SER D 277 16.16 28.68 -5.92
N THR D 278 16.28 27.42 -5.48
CA THR D 278 15.48 26.32 -5.98
C THR D 278 14.46 25.85 -4.93
N ALA D 279 14.01 26.76 -4.06
CA ALA D 279 13.13 26.38 -2.98
C ALA D 279 11.74 26.03 -3.50
N PRO D 280 11.02 25.16 -2.80
CA PRO D 280 9.66 24.81 -3.25
C PRO D 280 8.68 25.97 -3.22
N THR D 281 9.06 27.08 -2.58
CA THR D 281 8.24 28.29 -2.60
C THR D 281 8.60 29.24 -3.74
N GLU D 282 9.64 28.93 -4.49
CA GLU D 282 10.12 29.79 -5.56
C GLU D 282 9.75 29.22 -6.92
N PRO D 283 9.80 30.03 -7.97
CA PRO D 283 9.49 29.52 -9.31
C PRO D 283 10.35 28.29 -9.64
N LEU D 284 9.76 27.38 -10.40
CA LEU D 284 10.42 26.11 -10.70
C LEU D 284 11.67 26.35 -11.55
N THR D 285 12.72 25.61 -11.24
CA THR D 285 13.92 25.54 -12.04
C THR D 285 14.09 24.11 -12.54
N HIS D 286 15.05 23.90 -13.44
CA HIS D 286 15.31 22.56 -13.94
C HIS D 286 15.91 21.65 -12.88
N TRP D 287 16.25 22.19 -11.71
CA TRP D 287 16.71 21.37 -10.60
C TRP D 287 15.56 20.80 -9.77
N TYR D 288 14.37 21.39 -9.86
CA TYR D 288 13.22 20.95 -9.08
C TYR D 288 13.59 20.91 -7.59
N GLN D 289 13.11 19.90 -6.88
CA GLN D 289 13.56 19.59 -5.53
C GLN D 289 13.78 18.09 -5.44
N VAL D 290 14.40 17.65 -4.34
CA VAL D 290 14.81 16.27 -4.17
C VAL D 290 14.31 15.76 -2.82
N ARG D 291 13.71 14.58 -2.83
CA ARG D 291 13.15 13.98 -1.63
C ARG D 291 13.67 12.57 -1.48
N CYS D 292 14.23 12.26 -0.32
CA CYS D 292 14.68 10.91 0.02
C CYS D 292 13.66 10.28 0.94
N LEU D 293 13.08 9.16 0.51
CA LEU D 293 12.04 8.48 1.25
C LEU D 293 12.64 7.51 2.27
N PHE D 294 11.96 7.39 3.41
CA PHE D 294 12.22 6.30 4.33
C PHE D 294 11.47 5.06 3.85
N GLN D 295 12.10 3.89 4.00
CA GLN D 295 11.41 2.65 3.66
C GLN D 295 10.17 2.46 4.51
N SER D 296 10.20 2.93 5.76
CA SER D 296 9.04 2.93 6.66
C SER D 296 8.97 4.29 7.32
N PRO D 297 7.84 5.00 7.21
CA PRO D 297 7.77 6.34 7.80
C PRO D 297 7.79 6.32 9.32
N LEU D 298 8.27 7.43 9.88
CA LEU D 298 8.33 7.61 11.33
C LEU D 298 7.12 8.43 11.77
N PHE D 299 6.44 7.97 12.82
CA PHE D 299 5.35 8.73 13.40
C PHE D 299 5.93 9.75 14.38
N ALA D 300 5.45 10.99 14.29
CA ALA D 300 5.91 12.05 15.17
C ALA D 300 4.72 12.91 15.61
N LYS D 301 4.81 13.42 16.83
CA LYS D 301 3.85 14.38 17.36
C LYS D 301 4.41 15.78 17.27
N ALA D 302 3.52 16.76 17.11
CA ALA D 302 3.94 18.15 17.15
C ALA D 302 4.67 18.43 18.44
N GLY D 303 5.82 19.10 18.34
CA GLY D 303 6.66 19.36 19.48
C GLY D 303 7.77 18.35 19.69
N ASP D 304 7.67 17.18 19.07
CA ASP D 304 8.75 16.21 19.11
C ASP D 304 9.97 16.76 18.37
N THR D 305 11.12 16.11 18.58
CA THR D 305 12.33 16.43 17.85
C THR D 305 12.74 15.22 17.03
N LEU D 306 12.88 15.42 15.73
CA LEU D 306 13.42 14.42 14.82
C LEU D 306 14.90 14.76 14.63
N SER D 307 15.77 13.87 15.08
CA SER D 307 17.21 14.10 15.04
C SER D 307 17.91 12.97 14.30
N GLY D 308 19.06 13.29 13.72
CA GLY D 308 19.82 12.29 13.00
C GLY D 308 20.96 12.94 12.24
N THR D 309 21.49 12.19 11.26
CA THR D 309 22.60 12.67 10.44
C THR D 309 22.37 12.27 9.00
N CYS D 310 22.57 13.23 8.10
CA CYS D 310 22.60 12.97 6.67
C CYS D 310 24.05 13.02 6.22
N LEU D 311 24.57 11.88 5.77
CA LEU D 311 25.99 11.73 5.44
C LEU D 311 26.14 11.45 3.96
N LEU D 312 26.87 12.33 3.26
CA LEU D 312 27.12 12.21 1.84
C LEU D 312 28.57 11.78 1.63
N ILE D 313 28.76 10.62 1.02
CA ILE D 313 30.08 10.07 0.73
C ILE D 313 30.25 10.04 -0.79
N ALA D 314 31.22 10.82 -1.29
CA ALA D 314 31.43 10.90 -2.73
C ALA D 314 31.92 9.57 -3.26
N ASN D 315 31.52 9.25 -4.50
CA ASN D 315 31.91 8.01 -5.16
C ASN D 315 32.54 8.35 -6.50
N LYS D 316 33.07 7.30 -7.16
CA LYS D 316 33.81 7.48 -8.40
C LYS D 316 32.91 7.63 -9.62
N ARG D 317 31.60 7.64 -9.44
CA ARG D 317 30.67 7.91 -10.54
C ARG D 317 30.14 9.35 -10.49
N GLN D 318 30.94 10.27 -9.96
CA GLN D 318 30.62 11.70 -9.96
C GLN D 318 29.31 11.98 -9.23
N SER D 319 29.09 11.26 -8.13
CA SER D 319 27.89 11.47 -7.32
C SER D 319 28.22 11.08 -5.89
N TYR D 320 27.17 10.85 -5.09
CA TYR D 320 27.32 10.53 -3.68
C TYR D 320 26.43 9.36 -3.29
N ASP D 321 26.93 8.54 -2.38
CA ASP D 321 26.11 7.58 -1.66
C ASP D 321 25.57 8.29 -0.42
N ILE D 322 24.24 8.36 -0.31
CA ILE D 322 23.59 9.14 0.73
C ILE D 322 23.15 8.21 1.86
N SER D 323 23.56 8.53 3.08
CA SER D 323 23.14 7.81 4.27
C SER D 323 22.32 8.77 5.14
N ILE D 324 21.07 8.42 5.39
CA ILE D 324 20.20 9.19 6.25
C ILE D 324 19.77 8.30 7.40
N VAL D 325 20.12 8.69 8.62
CA VAL D 325 19.66 8.04 9.84
C VAL D 325 18.89 9.08 10.65
N ALA D 326 17.65 8.75 11.00
CA ALA D 326 16.79 9.67 11.73
C ALA D 326 16.02 8.91 12.79
N GLN D 327 15.67 9.62 13.86
CA GLN D 327 14.92 9.01 14.96
C GLN D 327 14.00 10.06 15.58
N VAL D 328 12.87 9.59 16.09
CA VAL D 328 12.00 10.40 16.94
C VAL D 328 12.51 10.24 18.36
N ASP D 329 13.04 11.31 18.93
CA ASP D 329 13.72 11.21 20.22
C ASP D 329 12.77 10.74 21.32
N GLN D 330 11.52 11.20 21.30
CA GLN D 330 10.58 10.89 22.37
C GLN D 330 10.21 9.41 22.40
N THR D 331 10.30 8.71 21.27
CA THR D 331 9.88 7.32 21.19
C THR D 331 11.01 6.35 20.84
N GLY D 332 12.14 6.84 20.34
CA GLY D 332 13.20 5.96 19.90
C GLY D 332 12.94 5.25 18.59
N SER D 333 11.93 5.68 17.83
CA SER D 333 11.68 5.11 16.52
C SER D 333 12.73 5.61 15.54
N LYS D 334 13.44 4.69 14.90
CA LYS D 334 14.59 5.00 14.06
C LYS D 334 14.31 4.54 12.63
N SER D 335 14.88 5.28 11.67
CA SER D 335 14.81 4.90 10.26
C SER D 335 16.18 5.12 9.64
N SER D 336 16.70 4.09 8.97
CA SER D 336 18.00 4.13 8.31
C SER D 336 17.82 3.84 6.83
N ASN D 337 18.48 4.63 5.99
CA ASN D 337 18.30 4.51 4.55
C ASN D 337 19.59 4.87 3.82
N LEU D 338 19.80 4.21 2.69
CA LEU D 338 20.94 4.45 1.81
C LEU D 338 20.42 4.72 0.41
N LEU D 339 20.85 5.83 -0.19
CA LEU D 339 20.35 6.25 -1.49
C LEU D 339 21.50 6.54 -2.46
N ASP D 340 21.22 6.30 -3.75
CA ASP D 340 22.17 6.55 -4.82
C ASP D 340 21.77 7.84 -5.53
N LEU D 341 22.49 8.92 -5.24
CA LEU D 341 22.14 10.21 -5.82
C LEU D 341 22.27 10.23 -7.34
N LYS D 342 23.03 9.30 -7.91
CA LYS D 342 23.26 9.33 -9.35
C LYS D 342 22.03 8.89 -10.14
N ASN D 343 21.19 8.02 -9.56
CA ASN D 343 20.07 7.41 -10.27
C ASN D 343 18.74 7.77 -9.59
N PRO D 344 18.30 9.02 -9.72
CA PRO D 344 17.02 9.42 -9.13
C PRO D 344 15.85 8.99 -10.00
N PHE D 345 14.67 9.04 -9.38
CA PHE D 345 13.41 8.79 -10.08
C PHE D 345 12.77 10.14 -10.40
N PHE D 346 12.61 10.43 -11.69
CA PHE D 346 12.03 11.68 -12.16
C PHE D 346 10.53 11.50 -12.23
N ARG D 347 9.82 12.00 -11.22
CA ARG D 347 8.37 11.79 -11.17
C ARG D 347 7.59 12.86 -11.93
N TYR D 348 8.11 14.08 -12.01
CA TYR D 348 7.46 15.14 -12.77
C TYR D 348 7.13 14.68 -14.20
N SER E 1 23.71 9.95 -23.72
CA SER E 1 22.89 9.19 -24.65
C SER E 1 21.65 8.62 -23.97
N THR E 2 20.59 8.44 -24.74
CA THR E 2 19.35 7.91 -24.20
C THR E 2 19.35 6.39 -24.16
N GLY E 3 19.97 5.75 -25.16
CA GLY E 3 20.06 4.30 -25.17
C GLY E 3 21.10 3.75 -24.21
N GLY E 4 22.11 4.55 -23.86
CA GLY E 4 23.02 4.14 -22.81
C GLY E 4 22.40 4.23 -21.43
N LYS E 5 21.47 5.16 -21.23
CA LYS E 5 20.77 5.27 -19.97
C LYS E 5 19.57 4.33 -19.91
N ALA E 6 18.93 4.05 -21.04
CA ALA E 6 17.71 3.24 -21.02
C ALA E 6 17.61 2.44 -22.32
N PRO E 7 18.25 1.25 -22.37
CA PRO E 7 18.18 0.36 -23.52
C PRO E 7 16.74 -0.06 -23.87
N ARG E 8 15.99 -0.41 -22.82
CA ARG E 8 14.56 -0.73 -22.98
C ARG E 8 13.67 0.44 -22.47
N LYS E 9 12.67 0.81 -23.28
CA LYS E 9 11.82 1.95 -22.96
C LYS E 9 10.71 1.53 -21.99
N GLN E 10 10.19 2.50 -21.25
CA GLN E 10 9.20 2.22 -20.22
C GLN E 10 7.80 2.08 -20.82
N LEU E 11 7.05 1.10 -20.32
CA LEU E 11 5.68 0.87 -20.74
C LEU E 11 4.76 0.94 -19.53
N ALA E 12 3.72 1.74 -19.63
CA ALA E 12 2.78 1.94 -18.53
C ALA E 12 1.86 0.74 -18.36
N SER F 1 -22.92 -10.55 23.65
CA SER F 1 -22.39 -9.62 24.64
C SER F 1 -21.18 -8.85 24.10
N THR F 2 -21.24 -7.52 24.19
CA THR F 2 -20.20 -6.69 23.59
C THR F 2 -18.84 -6.89 24.27
N GLY F 3 -18.82 -7.22 25.56
CA GLY F 3 -17.58 -7.41 26.28
C GLY F 3 -16.91 -8.73 25.96
N GLY F 4 -17.70 -9.78 25.77
CA GLY F 4 -17.13 -11.04 25.32
C GLY F 4 -16.55 -10.95 23.93
N LYS F 5 -17.17 -10.14 23.06
CA LYS F 5 -16.66 -9.95 21.71
C LYS F 5 -15.45 -9.02 21.68
N ALA F 6 -15.42 -8.01 22.55
CA ALA F 6 -14.35 -7.01 22.53
C ALA F 6 -14.16 -6.43 23.92
N PRO F 7 -13.29 -7.04 24.74
CA PRO F 7 -12.87 -6.48 26.03
C PRO F 7 -12.33 -5.05 25.89
N ARG F 8 -11.50 -4.84 24.88
CA ARG F 8 -10.89 -3.53 24.63
C ARG F 8 -11.50 -2.81 23.39
N LYS F 9 -11.84 -1.55 23.56
CA LYS F 9 -12.55 -0.79 22.52
C LYS F 9 -11.57 -0.28 21.46
N GLN F 10 -12.08 0.04 20.28
CA GLN F 10 -11.25 0.44 19.16
C GLN F 10 -11.03 1.95 19.18
N LEU F 11 -9.76 2.35 19.04
CA LEU F 11 -9.39 3.76 18.93
C LEU F 11 -8.93 4.04 17.51
N ALA F 12 -9.65 4.90 16.80
CA ALA F 12 -9.34 5.23 15.43
C ALA F 12 -7.91 5.75 15.30
C1 EDO G . -30.34 -13.91 11.12
O1 EDO G . -30.65 -15.25 11.53
C2 EDO G . -28.90 -13.56 11.49
O2 EDO G . -28.87 -12.36 12.29
H11 EDO G . -31.02 -13.22 11.62
H12 EDO G . -30.48 -13.80 10.05
HO1 EDO G . -31.58 -15.45 11.31
H21 EDO G . -28.45 -14.38 12.04
H22 EDO G . -28.31 -13.41 10.58
HO2 EDO G . -27.96 -12.17 12.54
C1 EDO H . -21.06 -11.72 13.47
O1 EDO H . -22.36 -11.51 14.03
C2 EDO H . -20.34 -12.84 14.21
O2 EDO H . -20.74 -14.11 13.67
H11 EDO H . -20.48 -10.79 13.53
H12 EDO H . -21.15 -11.97 12.40
HO1 EDO H . -22.81 -10.80 13.56
H21 EDO H . -19.26 -12.71 14.12
H22 EDO H . -20.60 -12.79 15.27
HO2 EDO H . -20.32 -14.81 14.18
C1 MLI I . -20.56 -13.24 18.43
C2 MLI I . -20.51 -12.03 19.35
C3 MLI I . -19.22 -13.40 17.71
O6 MLI I . -20.18 -12.17 20.57
O7 MLI I . -20.80 -10.88 18.92
O8 MLI I . -18.43 -14.33 18.02
O9 MLI I . -18.91 -12.61 16.77
H11 MLI I . -21.34 -13.10 17.69
H12 MLI I . -20.77 -14.14 19.01
N SAH J . -37.47 -16.36 13.44
CA SAH J . -37.16 -15.07 14.06
CB SAH J . -35.73 -15.05 14.58
CG SAH J . -34.68 -15.62 13.63
SD SAH J . -32.98 -15.35 14.19
C SAH J . -37.38 -13.94 13.06
O SAH J . -37.43 -14.15 11.85
OXT SAH J . -37.51 -12.77 13.44
C5' SAH J . -32.67 -17.11 14.54
C4' SAH J . -33.19 -17.56 15.90
O4' SAH J . -33.13 -18.97 15.99
C3' SAH J . -32.37 -17.01 17.07
O3' SAH J . -33.18 -16.26 17.94
C2' SAH J . -31.81 -18.23 17.79
O2' SAH J . -31.91 -18.10 19.18
C1' SAH J . -32.64 -19.38 17.26
N9 SAH J . -31.91 -20.65 17.13
C8 SAH J . -30.65 -20.85 16.64
N7 SAH J . -30.36 -22.16 16.72
C5 SAH J . -31.42 -22.81 17.26
C6 SAH J . -31.66 -24.15 17.56
N6 SAH J . -30.74 -25.08 17.32
N1 SAH J . -32.87 -24.50 18.12
C2 SAH J . -33.84 -23.55 18.37
N3 SAH J . -33.58 -22.23 18.07
C4 SAH J . -32.40 -21.86 17.52
HN1 SAH J . -37.06 -17.02 13.80
HN2 SAH J . -38.26 -16.40 13.10
HA SAH J . -37.76 -14.93 14.81
HB1 SAH J . -35.70 -15.62 15.51
HB2 SAH J . -35.46 -14.03 14.80
HG1 SAH J . -34.81 -15.17 12.65
HG2 SAH J . -34.85 -16.70 13.52
H5'1 SAH J . -31.60 -17.29 14.50
H5'2 SAH J . -33.16 -17.71 13.76
H4' SAH J . -34.21 -17.17 15.98
H3' SAH J . -31.58 -16.34 16.72
HO3' SAH J . -33.22 -16.72 18.81
H2' SAH J . -30.74 -18.37 17.62
HO2' SAH J . -32.44 -18.85 19.54
H1' SAH J . -33.45 -19.59 17.96
H8 SAH J . -29.99 -20.07 16.24
HN61 SAH J . -29.85 -24.81 16.91
HN62 SAH J . -30.93 -26.05 17.55
H2 SAH J . -34.79 -23.84 18.81
C1 EDO K . 21.23 12.02 -13.79
O1 EDO K . 22.38 11.89 -12.94
C2 EDO K . 21.30 13.34 -14.55
O2 EDO K . 20.25 13.38 -15.53
H11 EDO K . 20.32 11.99 -13.18
H12 EDO K . 21.20 11.18 -14.49
HO1 EDO K . 22.34 11.06 -12.46
H21 EDO K . 22.28 13.43 -15.05
H22 EDO K . 21.20 14.18 -13.86
HO2 EDO K . 20.31 14.20 -16.04
C1 EDO L . 22.92 21.65 -14.16
O1 EDO L . 22.78 22.90 -14.86
C2 EDO L . 24.40 21.30 -14.09
O2 EDO L . 25.15 22.52 -14.02
H11 EDO L . 22.37 20.86 -14.68
H12 EDO L . 22.50 21.74 -13.16
HO1 EDO L . 22.01 23.38 -14.53
H21 EDO L . 24.69 20.74 -14.97
H22 EDO L . 24.60 20.69 -13.21
HO2 EDO L . 26.09 22.32 -14.01
N SAH M . 27.98 27.69 -18.03
CA SAH M . 27.20 26.64 -18.66
CB SAH M . 27.03 25.47 -17.71
CG SAH M . 26.92 24.14 -18.44
SD SAH M . 26.60 22.75 -17.31
C SAH M . 25.84 27.14 -19.11
O SAH M . 25.34 26.81 -20.18
OXT SAH M . 25.20 27.92 -18.39
C5' SAH M . 28.30 22.54 -16.67
C4' SAH M . 29.39 22.39 -17.72
O4' SAH M . 30.63 22.11 -17.08
C3' SAH M . 29.13 21.24 -18.70
O3' SAH M . 29.17 21.75 -20.01
C2' SAH M . 30.27 20.25 -18.50
O2' SAH M . 30.71 19.71 -19.70
C1' SAH M . 31.33 21.11 -17.81
N9 SAH M . 32.24 20.40 -16.91
C8 SAH M . 31.93 19.48 -15.95
N7 SAH M . 33.08 19.10 -15.36
C5 SAH M . 34.11 19.76 -15.93
C6 SAH M . 35.49 19.74 -15.70
N6 SAH M . 36.02 18.96 -14.78
N1 SAH M . 36.29 20.56 -16.45
C2 SAH M . 35.75 21.38 -17.43
N3 SAH M . 34.39 21.39 -17.64
C4 SAH M . 33.59 20.59 -16.89
HN1 SAH M . 27.86 27.75 -17.17
HN2 SAH M . 28.13 28.37 -18.54
HA SAH M . 27.68 26.32 -19.45
HB1 SAH M . 26.14 25.62 -17.11
HB2 SAH M . 27.89 25.43 -17.03
HG1 SAH M . 27.84 23.94 -18.98
HG2 SAH M . 26.11 24.19 -19.16
H5'1 SAH M . 28.31 21.66 -16.02
H5'2 SAH M . 28.53 23.42 -16.06
H4' SAH M . 29.41 23.33 -18.27
H3' SAH M . 28.17 20.77 -18.54
HO3' SAH M . 29.92 21.35 -20.49
H2' SAH M . 30.01 19.36 -17.92
HO2' SAH M . 31.64 19.97 -19.87
H1' SAH M . 31.97 21.51 -18.60
H8 SAH M . 30.93 19.11 -15.71
HN61 SAH M . 35.42 18.36 -14.22
HN62 SAH M . 37.02 18.96 -14.62
H2 SAH M . 36.40 22.02 -18.02
C1 MLI N . 23.23 9.40 -17.88
C2 MLI N . 23.30 9.55 -16.36
C3 MLI N . 22.02 10.15 -18.44
O6 MLI N . 22.66 8.75 -15.61
O7 MLI N . 23.97 10.49 -15.86
O8 MLI N . 21.40 10.99 -17.73
O9 MLI N . 21.63 9.91 -19.61
H11 MLI N . 24.13 9.80 -18.32
H12 MLI N . 23.14 8.34 -18.13
C24 QVR O . 17.15 -7.42 -23.93
C28 QVR O . 17.58 -8.24 -22.76
C31 QVR O . 18.82 -8.57 -22.47
C36 QVR O . 19.12 -9.38 -21.26
C38 QVR O . 21.35 -9.83 -20.71
C39 QVR O . 21.02 -8.43 -20.22
C40 QVR O . 19.50 -8.55 -20.03
C49 QVR O . 23.01 -9.08 -22.49
C50 QVR O . 24.45 -10.64 -22.41
C51 QVR O . 23.51 -10.94 -21.44
C53 QVR O . 24.59 -12.74 -20.81
C55 QVR O . 25.54 -11.53 -22.54
N47 QVR O . 22.57 -9.94 -21.50
N48 QVR O . 24.12 -9.46 -23.06
N52 QVR O . 23.52 -11.99 -20.61
N54 QVR O . 25.58 -12.59 -21.71
N57 QVR O . 26.51 -11.39 -23.44
O37 QVR O . 20.25 -10.24 -21.51
O41 QVR O . 21.71 -8.15 -19.01
O42 QVR O . 19.19 -9.23 -18.82
H1 QVR O . 17.60 -7.89 -24.81
H29 QVR O . 17.63 -6.45 -23.82
H28 QVR O . 16.78 -8.56 -22.10
H31 QVR O . 19.67 -8.28 -23.10
H61 QVR O . 18.28 -10.05 -21.05
H62 QVR O . 21.44 -10.56 -19.90
H44 QVR O . 21.23 -7.65 -20.95
H43 QVR O . 18.98 -7.61 -19.95
H58 QVR O . 22.45 -8.18 -22.75
H56 QVR O . 24.70 -13.62 -20.17
H59 QVR O . 27.29 -12.04 -23.52
H60 QVR O . 26.54 -10.61 -24.10
H46 QVR O . 21.18 -8.60 -18.29
H45 QVR O . 19.28 -10.21 -18.96
C24 QVR P . -5.72 -5.89 29.07
C28 QVR P . -5.03 -7.16 28.68
C31 QVR P . -3.75 -7.43 28.88
C36 QVR P . -3.10 -8.71 28.47
C38 QVR P . -3.33 -10.91 29.15
C39 QVR P . -4.37 -10.72 28.06
C40 QVR P . -3.78 -9.49 27.34
C49 QVR P . -4.98 -11.56 30.98
C50 QVR P . -3.91 -13.11 31.99
C51 QVR P . -3.11 -12.70 30.93
C53 QVR P . -1.53 -14.14 31.49
C55 QVR P . -3.42 -14.12 32.81
N47 QVR P . -3.79 -11.69 30.30
N48 QVR P . -5.09 -12.38 31.98
N52 QVR P . -1.89 -13.17 30.63
N54 QVR P . -2.20 -14.62 32.53
N57 QVR P . -4.08 -14.61 33.86
O37 QVR P . -3.02 -9.60 29.59
O41 QVR P . -4.42 -11.86 27.22
O42 QVR P . -2.85 -9.91 26.35
H1 QVR P . -5.38 -5.65 30.08
H29 QVR P . -6.78 -6.13 29.16
H28 QVR P . -5.66 -7.90 28.20
H31 QVR P . -3.09 -6.70 29.35
H61 QVR P . -2.07 -8.48 28.21
H62 QVR P . -2.41 -11.38 28.80
H44 QVR P . -5.36 -10.47 28.44
H43 QVR P . -4.53 -8.90 26.80
H58 QVR P . -5.73 -10.83 30.67
H56 QVR P . -0.55 -14.58 31.31
H59 QVR P . -3.70 -15.35 34.46
H60 QVR P . -5.00 -14.28 34.14
H46 QVR P . -3.54 -11.91 26.76
H45 QVR P . -2.05 -10.29 26.80
#